data_8FOE
#
_entry.id   8FOE
#
loop_
_entity.id
_entity.type
_entity.pdbx_description
1 polymer 'DNA polymerase'
2 polymer 'DNA primase'
3 polymer 'DNA primase large subunit'
4 polymer 'DNA polymerase alpha subunit B'
5 non-polymer 'IRON/SULFUR CLUSTER'
#
loop_
_entity_poly.entity_id
_entity_poly.type
_entity_poly.pdbx_seq_one_letter_code
_entity_poly.pdbx_strand_id
1 'polypeptide(L)'
;MSSKSEKLEKLRKLQAARNGTSIDDYEGDESDGDRIYDEIDEKEYRARKRQELLHDDFVVDDDGVGYVDRGVEEDWREVD
NSSSDEDTGNLASKDSKRKKNIKREKDHQITDMLRTQHSKSTLLAHAKKSQKKSIPIDNFDDILGEFESGEVEKPNILLP
SKLRENLNSSPTSEFKSSIKRVNGNDESSHDAGISKKVKIDPDSSTDKYLEIESSPLKLQSRKLRYANDVQDLLDDVENS
PVVATKRQNVLQDTLLANPPSAQSLADEEDDEDSDEDIILKRRTMRSVTTTRRVNIDSRSNPSTSPFVTAPGTPIGIKGL
TPSKSLQSNTDVATLAVNVKKEDVVDPETDTFQMFWLDYCEVNNTLILFGKVKLKDDNCVSAMVQINGLCRELFFLPREG
KTPTDIHEEIIPLLMDKYGLDNIRAKPQKMKYSFELPDIPSESDYLKVLLPYQTPKSSRDTIPSDLSSDTFYHVFGGNSN
IFESFVIQNRIMGPCWLDIKGADFNSIRNASHCAVEVSVDKPQNITPTTTKTMPNLRCLSLSIQTLMNPKENKQEIVSIT
LSAYRNISLDSPIPENIKPDDLCTLVRPPQSTSFPLGLAALAKQKLPGRVRLFNNEKAMLSCFCAMLKVEDPDVIIGHRL
QNVYLDVLAHRMHDLNIPTFSSIGRRLRRTWPEKFGRGNSNMNHFFISDICSGRLICDIANEMGQSLTPKCQSWDLSEMY
QVTCEKEHKPLDIDYQNPQYQNDVNSMTMALQENITNCMISAEVSYRIQLLTLTKQLTNLAGNAWAQTLGGTRAGRNEYI
LLHEFSRNGFIVPDKEGNRSRAQKQRQNEENADAPVNSKKAKYQGGLVFEPEKGLHKNYVLVMDFNSLYPSIIQEFNICF
TTVDRNKEDIDELPSVPPSEVDQGVLPRLLANLVDRRREVKKVMKTETDPHKRVQCDIRQQALKLTANSMYGCLGYVNSR
FYAKPLAMLVTNKGREILMNTRQLAESMNLLVVYGDTDSVMIDTGCDNYADAIKIGLGFKRLVNERYRLLEIDIDNVFKK
LLLHAKKKYAALTVNLDKNGNGTTVLEVKGLDMKRREFCPLSRDVSIHVLNTILSDKDPEEALQEVYDYLEDIRIKVETN
NIRIDKYKINMKLSKDPKAYPGGKNMPAVQVALRMRKAGRVVKAGSVITFVITKQDEIDNAADTPALSVAERAHALNEVM
IKSNNLIPDPQYYLEKQIFAPVERLLERIDSFNVVRLSEALGLDSKKYFRREGGNNNGEDINNLQPLETTITDVERFKDT
VTLELSCPSCDKRFPFGGIVSSNYYRVSYNGLQCKHCEQLFTPLQLTSQIEHSIRAHISLYYAGWLQCDDSTCGIVTRQV
SVFGKRCLNDGCTGVMRYKYSDKQLYNQLLYFDSLFDCEKNKKQELKPIYLPDDLDYPKEQLTESSIKALTEQNRELMET
GRSVVQKYLNDCGRRYVDMTSIFDFMLN
;
1
2 'polypeptide(L)'
;MTNSVKTNGPSSSDMEYYYKSLYPFKHIFNWLNHSPKPSRDMINREFAMAFRSGAYKRYNSFNSVQDFKAQIEKANPDRF
EIGAIYNKPPRERDTLLKSELKALEKELVFDIDMDDYDAFRTCCSGAQVCSKCWKFISLAMKITNTALREDFGYKDFIWV
FSGRRGAHCWVSDKRARALTDVQRRNVLDYVNVIRDRNTDKRLALKRPYHPHLARSLEQLKPFFVSIMLEEQNPWEDDQH
AIQTLLPALYDKQLIDSLKKYWLDNPRRSSKEKWNDIDQIATSLFKGPKQDSHIIKLRECKEDLVLMTLYPKLDVEVTKQ
TIHLLKAPFCIHPATGNVCVPIDESFAPEKAPKLIDLQTEMEKNNDVSLTALQPFINQFQAYVSSLLKNELGSVKRERED
DDEPASLDF
;
A
3 'polypeptide(L)'
;MFRQSKRRIASRKNFSSYDDIVKSELDVGNTNAANQIILSSSSSEEEKKLYARLYESKLSFYDLPPQGEITLEQFEIWAI
DRLKILLEIESCLSRNKSIKEIETIIKPQFQKLLPFNTESLEDRKKDYYSHFILRLCFCRSKELREKFVRAETFLFKIRF
NMLTSTDQTKFVQSLDLPLLQFISNEEKAELSHQLYQTVSASLQFQLNLNEEHQRKQYFQQEKFIKLPFENVIELVGNRL
VFLKDGYAYLPQFQQLNLLSNEFASKLNQELIKTYQYLPRLNEDDRLLPILNHLSSGYTIADFNQQKANQFSENVDDEIN
AQSVWSEEISSNYPLCIKNLMEGLKKNHHLRYYGRQQLSLFLKGIGLSADEALKFWSEAFTNNGNMTMEKFNKEYRYSFR
HNYGLEGNRINYKPWDCHTILSKPRPGRGDYHGCPFRDWSHERLSAELRSMKLTQAQIISVLDSCQKGEYTIACTKVFEM
THNSASADLEIGEQTHIAHPNLYFERSRQLQKKQQKLEKEKLFNNGNH
;
B
4 'polypeptide(L)'
;MSGSIDVITHFGPDADKPEIITALENLTKLHALSVEDLYIKWEQFSNQRRQTHTDLTSKNIDEFKQFLQLQMEKRANQIS
SSSKVNTSTKKPVIKKSLNSSPLFGLSIPKTPTLKKRKLHGPFSLSDSKQTYNVGSEAETNEKGNSSLKLEFTPGMAEDA
VGDSAPLSHAKSSDAKTPGSSTFQTPTTNTPTTSRQNVPAGEILDSLNPENIEISSGNPNVGLLSTEEPSYNQVKVEPFY
DAKKYKFRTMRQNLQEASDVLDDQIESFTKIIQNHYKLSPNDFADPTIQSQSEIYAVGRIVPDSPTYDKFLNPESLSLET
SRMGGVGRRVRLDLSQVNELSFFLGQIVAFKGKNANGDYFTVNSILPLPYPNSPVSTSQELQEFQANLEGSSLKVIVTCG
PYFANDNFSLELLQEFIDSINNEVKPHVLIMFGPFIDITHPLIASGKLPNFPQFKTQPKTLDELFLKLFTPILKTISPHI
QTVLIPSTKDAISNHAAYPQASLIRKALQLPKRNFKCMANPSSFQINEIYFGCSNVDTFKDLKEVIKGGTTSSRYRLDRV
SEHILQQRRYYPIFPGSIRTRIKPKDVSTKKETNDMESKEEKVYEHISGADLDVSYLGLTEFVGGFSPDIMIIPSELQHF
ARVVQNVVVINPGRFIRATGNRGSYAQITVQCPDLEDGKLTLVEGEEPVYLHNVWKRARVDLIAS
;
C
#
loop_
_chem_comp.id
_chem_comp.type
_chem_comp.name
_chem_comp.formula
SF4 non-polymer 'IRON/SULFUR CLUSTER' 'Fe4 S4'
#
# COMPACT_ATOMS: atom_id res chain seq x y z
N THR A 349 50.69 -26.58 -34.62
CA THR A 349 51.90 -26.57 -35.44
C THR A 349 52.14 -25.19 -36.06
N ASP A 350 51.17 -24.30 -35.92
CA ASP A 350 51.29 -22.94 -36.42
C ASP A 350 50.98 -21.92 -35.34
N THR A 351 50.96 -22.37 -34.09
CA THR A 351 50.65 -21.50 -32.97
C THR A 351 51.74 -21.53 -31.90
N PHE A 352 51.94 -20.39 -31.26
CA PHE A 352 52.89 -20.27 -30.17
C PHE A 352 52.29 -20.88 -28.91
N GLN A 353 52.96 -21.87 -28.35
CA GLN A 353 52.45 -22.59 -27.18
C GLN A 353 53.30 -22.33 -25.94
N MET A 354 52.65 -21.84 -24.88
CA MET A 354 53.36 -21.50 -23.65
C MET A 354 52.62 -22.03 -22.42
N PHE A 355 53.39 -22.54 -21.46
CA PHE A 355 52.83 -22.92 -20.17
C PHE A 355 52.98 -21.75 -19.22
N TRP A 356 51.87 -21.12 -18.84
CA TRP A 356 51.93 -19.90 -18.04
C TRP A 356 51.98 -20.20 -16.54
N LEU A 357 52.77 -19.38 -15.82
CA LEU A 357 53.02 -19.59 -14.39
C LEU A 357 52.63 -18.38 -13.55
N ASP A 358 52.94 -17.19 -14.03
CA ASP A 358 52.70 -15.96 -13.26
C ASP A 358 52.39 -14.81 -14.19
N TYR A 359 52.10 -13.64 -13.62
CA TYR A 359 51.74 -12.47 -14.42
C TYR A 359 52.09 -11.16 -13.73
N CYS A 360 51.93 -10.06 -14.47
CA CYS A 360 52.06 -8.74 -13.90
CA CYS A 360 52.13 -8.72 -13.95
C CYS A 360 51.32 -7.71 -14.76
N GLU A 361 50.90 -6.62 -14.12
CA GLU A 361 50.15 -5.58 -14.80
C GLU A 361 51.04 -4.36 -15.03
N VAL A 362 50.95 -3.76 -16.21
CA VAL A 362 51.75 -2.58 -16.51
C VAL A 362 51.23 -1.84 -17.74
N ASN A 363 51.08 -0.53 -17.62
CA ASN A 363 50.59 0.30 -18.71
C ASN A 363 49.32 -0.26 -19.34
N ASN A 364 48.38 -0.68 -18.50
CA ASN A 364 47.10 -1.20 -18.95
C ASN A 364 47.22 -2.39 -19.91
N THR A 365 48.32 -3.13 -19.77
CA THR A 365 48.46 -4.40 -20.47
C THR A 365 48.63 -5.51 -19.44
N LEU A 366 48.58 -6.75 -19.91
CA LEU A 366 48.77 -7.90 -19.05
C LEU A 366 49.90 -8.76 -19.59
N ILE A 367 50.89 -9.01 -18.75
CA ILE A 367 52.03 -9.82 -19.16
C ILE A 367 51.96 -11.17 -18.46
N LEU A 368 52.08 -12.24 -19.24
CA LEU A 368 52.12 -13.59 -18.71
C LEU A 368 53.53 -14.13 -18.82
N PHE A 369 54.03 -14.69 -17.72
CA PHE A 369 55.34 -15.33 -17.71
C PHE A 369 55.15 -16.85 -17.68
N GLY A 370 55.96 -17.57 -18.43
CA GLY A 370 55.83 -19.00 -18.53
C GLY A 370 57.01 -19.65 -19.21
N LYS A 371 56.79 -20.85 -19.76
CA LYS A 371 57.86 -21.61 -20.38
C LYS A 371 57.50 -22.04 -21.79
N VAL A 372 58.49 -22.06 -22.66
CA VAL A 372 58.32 -22.52 -24.04
C VAL A 372 59.31 -23.64 -24.34
N LYS A 373 58.87 -24.60 -25.15
CA LYS A 373 59.72 -25.72 -25.53
C LYS A 373 60.50 -25.39 -26.80
N LEU A 374 61.77 -25.77 -26.84
CA LEU A 374 62.61 -25.51 -28.00
C LEU A 374 62.80 -26.78 -28.82
N LYS A 375 63.47 -26.66 -29.96
CA LYS A 375 63.64 -27.78 -30.87
C LYS A 375 64.41 -28.93 -30.23
N ASP A 376 65.22 -28.63 -29.23
CA ASP A 376 65.98 -29.67 -28.54
C ASP A 376 65.24 -30.20 -27.30
N ASP A 377 63.92 -30.01 -27.30
CA ASP A 377 63.05 -30.51 -26.23
C ASP A 377 63.30 -29.85 -24.87
N ASN A 378 64.22 -28.89 -24.83
CA ASN A 378 64.46 -28.13 -23.60
C ASN A 378 63.52 -26.94 -23.52
N CYS A 379 63.15 -26.56 -22.30
CA CYS A 379 62.23 -25.45 -22.10
C CYS A 379 62.93 -24.24 -21.51
N VAL A 380 62.64 -23.07 -22.06
CA VAL A 380 63.20 -21.82 -21.57
C VAL A 380 62.07 -20.89 -21.16
N SER A 381 62.40 -19.76 -20.55
CA SER A 381 61.39 -18.82 -20.08
C SER A 381 60.86 -17.97 -21.23
N ALA A 382 59.64 -17.48 -21.06
CA ALA A 382 59.01 -16.64 -22.08
C ALA A 382 58.01 -15.69 -21.45
N MET A 383 57.76 -14.57 -22.11
CA MET A 383 56.72 -13.65 -21.68
C MET A 383 55.81 -13.30 -22.85
N VAL A 384 54.53 -13.08 -22.54
CA VAL A 384 53.56 -12.66 -23.54
C VAL A 384 52.88 -11.38 -23.07
N GLN A 385 52.99 -10.33 -23.88
CA GLN A 385 52.28 -9.09 -23.59
C GLN A 385 50.92 -9.12 -24.27
N ILE A 386 49.86 -8.92 -23.49
CA ILE A 386 48.51 -9.00 -23.99
C ILE A 386 47.85 -7.63 -24.08
N ASN A 387 47.60 -7.18 -25.30
CA ASN A 387 46.86 -5.95 -25.53
C ASN A 387 45.41 -6.25 -25.90
N GLY A 388 44.58 -5.22 -25.91
CA GLY A 388 43.21 -5.35 -26.39
C GLY A 388 42.20 -5.82 -25.36
N LEU A 389 42.63 -5.98 -24.11
CA LEU A 389 41.73 -6.40 -23.04
C LEU A 389 40.74 -5.28 -22.71
N CYS A 390 39.51 -5.66 -22.37
CA CYS A 390 38.47 -4.70 -22.02
C CYS A 390 37.81 -5.06 -20.69
N ARG A 391 37.29 -4.05 -20.01
CA ARG A 391 36.43 -4.26 -18.86
C ARG A 391 35.02 -4.55 -19.35
N GLU A 392 34.37 -5.54 -18.74
CA GLU A 392 32.98 -5.83 -19.04
C GLU A 392 32.08 -5.07 -18.08
N LEU A 393 31.39 -4.06 -18.59
CA LEU A 393 30.46 -3.28 -17.79
C LEU A 393 29.01 -3.66 -18.12
N PHE A 394 28.17 -3.68 -17.09
CA PHE A 394 26.75 -3.97 -17.27
C PHE A 394 25.92 -2.83 -16.68
N PHE A 395 25.21 -2.11 -17.54
CA PHE A 395 24.36 -1.01 -17.10
C PHE A 395 22.93 -1.48 -16.88
N LEU A 396 22.38 -1.17 -15.70
CA LEU A 396 21.06 -1.65 -15.31
C LEU A 396 19.97 -0.63 -15.63
N PRO A 397 19.10 -0.95 -16.58
CA PRO A 397 18.06 -0.01 -17.01
C PRO A 397 17.12 0.43 -15.87
N ARG A 398 16.56 1.62 -16.02
CA ARG A 398 15.59 2.16 -15.06
C ARG A 398 14.22 1.58 -15.35
N GLU A 399 13.33 1.63 -14.35
CA GLU A 399 11.95 1.20 -14.54
C GLU A 399 11.34 1.86 -15.77
N GLY A 400 11.07 1.06 -16.80
CA GLY A 400 10.45 1.55 -18.02
C GLY A 400 11.43 1.73 -19.16
N LYS A 401 12.71 1.92 -18.83
CA LYS A 401 13.74 2.13 -19.84
C LYS A 401 14.29 0.80 -20.35
N THR A 402 15.03 0.87 -21.46
CA THR A 402 15.61 -0.32 -22.07
C THR A 402 17.11 -0.14 -22.26
N PRO A 403 17.83 -1.22 -22.62
CA PRO A 403 19.27 -1.11 -22.88
C PRO A 403 19.57 -0.17 -24.03
N THR A 404 18.70 -0.14 -25.04
CA THR A 404 18.89 0.73 -26.19
C THR A 404 18.84 2.19 -25.77
N ASP A 405 18.01 2.50 -24.77
CA ASP A 405 17.96 3.85 -24.22
C ASP A 405 19.29 4.21 -23.58
N ILE A 406 19.89 3.24 -22.87
CA ILE A 406 21.18 3.44 -22.25
C ILE A 406 22.25 3.67 -23.31
N HIS A 407 22.23 2.82 -24.34
CA HIS A 407 23.20 2.89 -25.42
C HIS A 407 23.24 4.30 -26.00
N GLU A 408 22.07 4.92 -26.12
CA GLU A 408 21.95 6.25 -26.71
C GLU A 408 22.60 7.32 -25.83
N GLU A 409 22.53 7.14 -24.52
CA GLU A 409 23.03 8.15 -23.59
C GLU A 409 24.54 8.08 -23.37
N ILE A 410 25.01 6.99 -22.77
CA ILE A 410 26.39 6.93 -22.28
C ILE A 410 27.44 6.59 -23.34
N ILE A 411 27.07 5.84 -24.37
CA ILE A 411 28.06 5.43 -25.36
C ILE A 411 28.73 6.66 -26.00
N PRO A 412 27.92 7.62 -26.47
CA PRO A 412 28.51 8.85 -27.02
C PRO A 412 29.33 9.59 -25.96
N LEU A 413 28.85 9.58 -24.71
CA LEU A 413 29.55 10.26 -23.62
C LEU A 413 30.84 9.56 -23.25
N LEU A 414 30.87 8.24 -23.46
CA LEU A 414 32.06 7.45 -23.16
C LEU A 414 33.11 7.62 -24.25
N MET A 415 32.65 7.72 -25.50
CA MET A 415 33.55 7.98 -26.61
C MET A 415 34.33 9.26 -26.38
N ASP A 416 33.69 10.23 -25.72
CA ASP A 416 34.30 11.53 -25.47
C ASP A 416 35.35 11.45 -24.36
N LYS A 417 34.95 10.95 -23.20
CA LYS A 417 35.83 10.92 -22.04
C LYS A 417 37.11 10.16 -22.33
N TYR A 418 36.97 8.98 -22.95
CA TYR A 418 38.12 8.13 -23.21
C TYR A 418 38.73 8.38 -24.59
N GLY A 419 37.99 9.09 -25.45
CA GLY A 419 38.48 9.43 -26.77
C GLY A 419 38.54 8.22 -27.69
N LEU A 420 37.47 7.45 -27.72
CA LEU A 420 37.40 6.25 -28.56
C LEU A 420 36.52 6.50 -29.77
N ASP A 421 36.91 5.92 -30.91
CA ASP A 421 36.11 6.04 -32.12
C ASP A 421 34.82 5.24 -32.02
N ASN A 422 34.94 3.97 -31.63
CA ASN A 422 33.77 3.13 -31.42
C ASN A 422 33.90 2.26 -30.18
N ILE A 423 32.78 1.97 -29.55
CA ILE A 423 32.74 1.14 -28.35
C ILE A 423 31.76 0.00 -28.52
N ARG A 424 32.25 -1.23 -28.49
CA ARG A 424 31.39 -2.40 -28.60
C ARG A 424 30.41 -2.46 -27.44
N ALA A 425 29.12 -2.53 -27.77
CA ALA A 425 28.08 -2.62 -26.75
C ALA A 425 26.88 -3.36 -27.32
N LYS A 426 26.14 -4.03 -26.45
CA LYS A 426 24.95 -4.76 -26.88
C LYS A 426 24.11 -5.17 -25.67
N PRO A 427 22.79 -5.34 -25.89
CA PRO A 427 21.92 -5.82 -24.82
C PRO A 427 22.28 -7.24 -24.41
N GLN A 428 22.06 -7.58 -23.15
CA GLN A 428 22.34 -8.94 -22.68
C GLN A 428 21.60 -9.20 -21.38
N LYS A 429 20.82 -10.28 -21.36
CA LYS A 429 20.10 -10.68 -20.16
C LYS A 429 21.07 -11.32 -19.17
N MET A 430 21.07 -10.81 -17.93
CA MET A 430 21.97 -11.32 -16.89
C MET A 430 21.21 -11.54 -15.59
N LYS A 431 21.67 -12.51 -14.81
CA LYS A 431 21.06 -12.80 -13.52
C LYS A 431 21.86 -12.18 -12.40
N TYR A 432 21.17 -11.74 -11.35
CA TYR A 432 21.82 -11.19 -10.17
C TYR A 432 21.23 -11.83 -8.92
N SER A 433 22.09 -12.16 -7.97
CA SER A 433 21.66 -12.93 -6.80
C SER A 433 22.49 -12.62 -5.56
N PHE A 434 23.02 -11.41 -5.48
CA PHE A 434 23.88 -11.05 -4.37
C PHE A 434 23.28 -9.94 -3.49
N GLU A 435 24.13 -9.23 -2.74
CA GLU A 435 23.65 -8.49 -1.58
C GLU A 435 23.11 -7.08 -1.83
N LEU A 436 23.23 -6.57 -3.06
CA LEU A 436 22.64 -5.27 -3.38
C LEU A 436 21.13 -5.40 -3.46
N PRO A 437 20.40 -4.67 -2.59
CA PRO A 437 18.96 -4.86 -2.40
C PRO A 437 18.08 -4.44 -3.58
N ASP A 438 18.45 -3.37 -4.28
CA ASP A 438 17.57 -2.79 -5.29
C ASP A 438 17.70 -3.41 -6.68
N ILE A 439 18.57 -4.39 -6.85
CA ILE A 439 18.75 -5.03 -8.15
C ILE A 439 17.90 -6.31 -8.25
N PRO A 440 17.20 -6.48 -9.39
CA PRO A 440 16.30 -7.63 -9.56
C PRO A 440 17.02 -8.95 -9.82
N SER A 441 16.27 -10.05 -9.76
CA SER A 441 16.82 -11.38 -9.98
C SER A 441 17.36 -11.53 -11.40
N GLU A 442 16.66 -10.95 -12.37
CA GLU A 442 17.08 -11.02 -13.76
C GLU A 442 16.64 -9.78 -14.52
N SER A 443 17.47 -9.31 -15.43
CA SER A 443 17.19 -8.09 -16.17
C SER A 443 17.96 -8.05 -17.48
N ASP A 444 17.50 -7.20 -18.39
CA ASP A 444 18.25 -6.93 -19.61
C ASP A 444 19.23 -5.81 -19.33
N TYR A 445 20.51 -6.10 -19.52
CA TYR A 445 21.56 -5.09 -19.31
C TYR A 445 22.12 -4.62 -20.63
N LEU A 446 22.82 -3.50 -20.60
CA LEU A 446 23.66 -3.10 -21.71
C LEU A 446 25.10 -3.47 -21.36
N LYS A 447 25.64 -4.46 -22.07
CA LYS A 447 27.01 -4.87 -21.84
C LYS A 447 27.94 -4.02 -22.69
N VAL A 448 28.80 -3.24 -22.03
CA VAL A 448 29.72 -2.34 -22.71
C VAL A 448 31.16 -2.79 -22.51
N LEU A 449 31.89 -2.98 -23.62
CA LEU A 449 33.29 -3.37 -23.55
C LEU A 449 34.21 -2.14 -23.61
N LEU A 450 34.73 -1.75 -22.45
CA LEU A 450 35.59 -0.59 -22.33
C LEU A 450 37.05 -1.02 -22.22
N PRO A 451 37.86 -0.74 -23.25
CA PRO A 451 39.27 -1.16 -23.23
C PRO A 451 40.03 -0.62 -22.01
N TYR A 452 41.00 -1.38 -21.52
CA TYR A 452 41.87 -0.91 -20.46
C TYR A 452 42.81 0.15 -21.00
N GLN A 453 43.29 -0.05 -22.22
CA GLN A 453 44.13 0.92 -22.90
C GLN A 453 43.25 1.89 -23.70
N THR A 454 43.20 3.14 -23.24
CA THR A 454 42.43 4.17 -23.94
C THR A 454 43.27 5.42 -24.16
N PRO A 455 43.04 6.12 -25.27
CA PRO A 455 43.80 7.33 -25.60
C PRO A 455 43.76 8.38 -24.49
N LYS A 456 42.62 8.48 -23.80
CA LYS A 456 42.44 9.50 -22.76
C LYS A 456 41.94 8.89 -21.45
N SER A 457 42.34 9.50 -20.34
CA SER A 457 41.84 9.13 -19.02
C SER A 457 41.68 7.63 -18.84
N SER A 458 42.75 6.88 -19.10
CA SER A 458 42.70 5.43 -19.00
C SER A 458 42.70 4.95 -17.55
N ARG A 459 43.10 5.83 -16.63
CA ARG A 459 43.19 5.48 -15.22
C ARG A 459 41.93 5.87 -14.45
N ASP A 460 40.93 6.38 -15.15
CA ASP A 460 39.69 6.78 -14.51
C ASP A 460 38.60 5.75 -14.74
N THR A 461 38.06 5.21 -13.64
CA THR A 461 37.05 4.15 -13.72
C THR A 461 35.65 4.70 -13.51
N ILE A 462 34.67 4.03 -14.13
CA ILE A 462 33.27 4.41 -13.99
C ILE A 462 32.72 3.89 -12.67
N PRO A 463 32.21 4.80 -11.81
CA PRO A 463 31.67 4.39 -10.52
C PRO A 463 30.35 3.65 -10.63
N SER A 464 30.07 2.78 -9.66
CA SER A 464 28.84 1.99 -9.65
C SER A 464 27.61 2.87 -9.46
N ASP A 465 27.80 4.00 -8.77
CA ASP A 465 26.70 4.92 -8.48
C ASP A 465 26.73 6.12 -9.41
N LEU A 466 26.87 5.87 -10.71
CA LEU A 466 26.93 6.94 -11.70
C LEU A 466 25.54 7.52 -11.94
N SER A 467 25.43 8.85 -11.87
CA SER A 467 24.15 9.52 -12.05
C SER A 467 23.67 9.44 -13.50
N SER A 468 22.41 9.07 -13.68
CA SER A 468 21.84 8.90 -15.02
C SER A 468 20.32 8.70 -14.92
N ASP A 469 19.60 9.14 -15.95
CA ASP A 469 18.15 8.98 -16.01
C ASP A 469 17.70 7.75 -16.81
N THR A 470 18.64 6.93 -17.23
CA THR A 470 18.34 5.72 -18.00
C THR A 470 18.73 4.44 -17.26
N PHE A 471 19.72 4.55 -16.38
CA PHE A 471 20.15 3.42 -15.57
C PHE A 471 20.46 3.88 -14.15
N TYR A 472 20.41 2.94 -13.19
CA TYR A 472 20.64 3.29 -11.79
C TYR A 472 21.68 2.40 -11.13
N HIS A 473 22.50 1.72 -11.93
CA HIS A 473 23.63 0.97 -11.41
C HIS A 473 24.54 0.49 -12.54
N VAL A 474 25.82 0.33 -12.22
CA VAL A 474 26.81 -0.12 -13.21
C VAL A 474 27.77 -1.12 -12.60
N PHE A 475 27.76 -2.34 -13.12
CA PHE A 475 28.66 -3.40 -12.64
C PHE A 475 29.93 -3.47 -13.49
N GLY A 476 31.04 -3.83 -12.86
CA GLY A 476 32.27 -4.12 -13.59
C GLY A 476 33.18 -2.92 -13.83
N GLY A 477 32.85 -1.78 -13.22
CA GLY A 477 33.62 -0.57 -13.42
C GLY A 477 35.07 -0.68 -13.00
N ASN A 478 35.30 -1.28 -11.84
CA ASN A 478 36.64 -1.36 -11.26
C ASN A 478 37.34 -2.69 -11.54
N SER A 479 36.93 -3.37 -12.60
CA SER A 479 37.49 -4.67 -12.94
C SER A 479 39.02 -4.65 -12.97
N ASN A 480 39.62 -5.69 -12.39
CA ASN A 480 41.06 -5.90 -12.48
C ASN A 480 41.39 -6.61 -13.79
N ILE A 481 42.51 -6.25 -14.40
CA ILE A 481 42.83 -6.75 -15.74
C ILE A 481 43.16 -8.25 -15.77
N PHE A 482 43.85 -8.75 -14.75
CA PHE A 482 44.14 -10.19 -14.70
C PHE A 482 42.83 -10.94 -14.56
N GLU A 483 41.95 -10.41 -13.73
CA GLU A 483 40.66 -11.04 -13.47
C GLU A 483 39.84 -11.11 -14.76
N SER A 484 39.83 -10.01 -15.51
CA SER A 484 39.07 -9.93 -16.75
C SER A 484 39.57 -10.99 -17.74
N PHE A 485 40.88 -11.09 -17.88
CA PHE A 485 41.47 -12.04 -18.82
C PHE A 485 41.11 -13.47 -18.45
N VAL A 486 41.27 -13.81 -17.18
CA VAL A 486 41.09 -15.17 -16.70
C VAL A 486 39.63 -15.60 -16.79
N ILE A 487 38.73 -14.70 -16.44
CA ILE A 487 37.30 -15.00 -16.45
C ILE A 487 36.73 -15.03 -17.86
N GLN A 488 37.18 -14.12 -18.71
CA GLN A 488 36.67 -14.05 -20.08
C GLN A 488 37.18 -15.21 -20.94
N ASN A 489 38.42 -15.63 -20.68
CA ASN A 489 39.04 -16.68 -21.47
C ASN A 489 39.03 -18.03 -20.76
N ARG A 490 38.31 -18.10 -19.63
CA ARG A 490 38.12 -19.36 -18.91
C ARG A 490 39.44 -20.04 -18.58
N ILE A 491 40.40 -19.24 -18.11
CA ILE A 491 41.71 -19.77 -17.72
C ILE A 491 41.65 -20.27 -16.29
N MET A 492 42.01 -21.53 -16.08
CA MET A 492 41.94 -22.11 -14.75
C MET A 492 43.33 -22.49 -14.25
N GLY A 493 44.06 -21.51 -13.73
CA GLY A 493 45.37 -21.74 -13.15
C GLY A 493 46.42 -22.06 -14.19
N PRO A 494 47.63 -22.43 -13.74
CA PRO A 494 48.76 -22.72 -14.63
C PRO A 494 48.43 -23.85 -15.60
N CYS A 495 48.62 -23.59 -16.90
CA CYS A 495 48.29 -24.56 -17.93
C CYS A 495 48.96 -24.16 -19.24
N TRP A 496 48.85 -25.03 -20.24
CA TRP A 496 49.33 -24.72 -21.58
C TRP A 496 48.37 -23.79 -22.29
N LEU A 497 48.92 -22.85 -23.07
CA LEU A 497 48.13 -21.87 -23.79
C LEU A 497 48.49 -21.86 -25.27
N ASP A 498 47.49 -22.09 -26.13
CA ASP A 498 47.66 -21.88 -27.55
C ASP A 498 47.51 -20.40 -27.85
N ILE A 499 48.55 -19.81 -28.43
CA ILE A 499 48.56 -18.39 -28.73
C ILE A 499 48.76 -18.16 -30.23
N LYS A 500 47.72 -17.68 -30.90
CA LYS A 500 47.81 -17.41 -32.34
C LYS A 500 48.05 -15.92 -32.59
N GLY A 501 48.66 -15.61 -33.72
CA GLY A 501 48.95 -14.23 -34.08
C GLY A 501 49.97 -13.59 -33.16
N ALA A 502 50.91 -14.40 -32.68
CA ALA A 502 51.97 -13.90 -31.80
C ALA A 502 52.98 -13.07 -32.57
N ASP A 503 53.20 -11.84 -32.12
CA ASP A 503 54.15 -10.93 -32.74
C ASP A 503 55.53 -11.09 -32.11
N PHE A 504 56.49 -11.58 -32.88
CA PHE A 504 57.82 -11.88 -32.36
C PHE A 504 58.81 -10.73 -32.50
N ASN A 505 58.38 -9.60 -33.06
CA ASN A 505 59.28 -8.48 -33.30
C ASN A 505 58.85 -7.19 -32.60
N SER A 506 57.74 -7.24 -31.88
CA SER A 506 57.20 -6.05 -31.22
C SER A 506 57.96 -5.68 -29.94
N ILE A 507 58.30 -6.69 -29.14
CA ILE A 507 58.86 -6.46 -27.81
C ILE A 507 60.39 -6.43 -27.85
N ARG A 508 60.96 -5.38 -27.27
CA ARG A 508 62.41 -5.22 -27.24
C ARG A 508 62.93 -4.96 -25.83
N ASN A 509 63.81 -5.84 -25.36
CA ASN A 509 64.50 -5.64 -24.09
C ASN A 509 63.55 -5.30 -22.95
N ALA A 510 62.48 -6.09 -22.80
CA ALA A 510 61.46 -5.82 -21.79
C ALA A 510 61.57 -6.74 -20.58
N SER A 511 62.24 -7.88 -20.74
CA SER A 511 62.22 -8.92 -19.70
C SER A 511 63.55 -9.61 -19.52
N HIS A 512 63.61 -10.49 -18.52
CA HIS A 512 64.76 -11.36 -18.32
C HIS A 512 64.46 -12.73 -18.89
N CYS A 513 63.50 -12.80 -19.80
CA CYS A 513 63.08 -14.07 -20.41
C CYS A 513 63.81 -14.33 -21.72
N ALA A 514 63.83 -15.59 -22.14
CA ALA A 514 64.51 -15.98 -23.36
C ALA A 514 63.67 -15.67 -24.60
N VAL A 515 62.36 -15.64 -24.43
CA VAL A 515 61.45 -15.42 -25.55
C VAL A 515 60.38 -14.39 -25.22
N GLU A 516 60.28 -13.37 -26.05
CA GLU A 516 59.34 -12.28 -25.83
C GLU A 516 58.40 -12.11 -27.02
N VAL A 517 57.11 -12.25 -26.79
CA VAL A 517 56.11 -12.03 -27.84
C VAL A 517 54.94 -11.20 -27.32
N SER A 518 54.09 -10.76 -28.24
CA SER A 518 52.90 -10.00 -27.87
C SER A 518 51.70 -10.42 -28.71
N VAL A 519 50.51 -10.00 -28.28
CA VAL A 519 49.29 -10.25 -29.04
C VAL A 519 48.38 -9.03 -28.95
N ASP A 520 47.63 -8.79 -30.01
CA ASP A 520 46.79 -7.59 -30.10
C ASP A 520 45.44 -7.77 -29.41
N LYS A 521 45.00 -9.02 -29.26
CA LYS A 521 43.73 -9.30 -28.61
C LYS A 521 43.78 -10.60 -27.81
N PRO A 522 43.13 -10.61 -26.63
CA PRO A 522 43.17 -11.75 -25.71
C PRO A 522 42.48 -13.00 -26.27
N GLN A 523 41.58 -12.81 -27.22
CA GLN A 523 40.84 -13.93 -27.80
C GLN A 523 41.78 -14.84 -28.59
N ASN A 524 42.97 -14.34 -28.90
CA ASN A 524 43.98 -15.14 -29.56
C ASN A 524 44.58 -16.20 -28.64
N ILE A 525 44.25 -16.13 -27.36
CA ILE A 525 44.80 -17.05 -26.36
C ILE A 525 43.73 -17.99 -25.82
N THR A 526 43.93 -19.29 -26.03
CA THR A 526 43.03 -20.31 -25.49
C THR A 526 43.80 -21.37 -24.73
N PRO A 527 43.20 -21.91 -23.66
CA PRO A 527 43.84 -22.99 -22.89
C PRO A 527 43.69 -24.35 -23.57
N THR A 528 44.70 -25.19 -23.44
CA THR A 528 44.64 -26.54 -24.00
C THR A 528 44.33 -27.55 -22.90
N THR A 529 44.16 -28.81 -23.28
CA THR A 529 43.76 -29.84 -22.31
C THR A 529 44.97 -30.63 -21.78
N THR A 530 46.13 -30.40 -22.38
CA THR A 530 47.34 -31.13 -21.98
C THR A 530 47.52 -31.10 -20.46
N LYS A 531 47.70 -32.27 -19.87
CA LYS A 531 47.73 -32.41 -18.42
C LYS A 531 49.15 -32.35 -17.86
N THR A 532 50.14 -32.69 -18.67
CA THR A 532 51.53 -32.65 -18.23
C THR A 532 52.05 -31.22 -18.26
N MET A 533 53.19 -30.99 -17.60
CA MET A 533 53.80 -29.66 -17.58
C MET A 533 55.31 -29.81 -17.70
N PRO A 534 55.99 -28.72 -18.05
CA PRO A 534 57.45 -28.79 -18.16
C PRO A 534 58.11 -28.83 -16.78
N ASN A 535 59.35 -29.32 -16.73
CA ASN A 535 60.11 -29.29 -15.50
C ASN A 535 60.28 -27.84 -15.05
N LEU A 536 60.39 -27.64 -13.74
CA LEU A 536 60.56 -26.30 -13.19
C LEU A 536 61.98 -26.10 -12.68
N ARG A 537 62.51 -24.90 -12.90
CA ARG A 537 63.81 -24.53 -12.34
C ARG A 537 63.59 -23.91 -10.98
N CYS A 538 64.02 -24.62 -9.94
CA CYS A 538 63.86 -24.14 -8.57
C CYS A 538 65.19 -23.67 -8.01
N LEU A 539 65.13 -22.59 -7.23
CA LEU A 539 66.32 -22.05 -6.59
C LEU A 539 66.02 -21.77 -5.12
N SER A 540 66.66 -22.53 -4.24
CA SER A 540 66.48 -22.32 -2.80
C SER A 540 67.40 -21.21 -2.32
N LEU A 541 66.83 -20.24 -1.60
CA LEU A 541 67.57 -19.10 -1.08
C LEU A 541 67.62 -19.13 0.44
N SER A 542 68.82 -18.92 0.98
CA SER A 542 68.99 -18.77 2.42
C SER A 542 69.87 -17.55 2.68
N ILE A 543 69.39 -16.64 3.52
CA ILE A 543 70.04 -15.36 3.74
C ILE A 543 70.40 -15.17 5.21
N GLN A 544 71.63 -14.74 5.46
CA GLN A 544 72.06 -14.38 6.81
C GLN A 544 72.22 -12.87 6.90
N THR A 545 71.59 -12.27 7.91
CA THR A 545 71.56 -10.83 8.05
C THR A 545 72.35 -10.35 9.25
N LEU A 546 72.38 -9.03 9.41
CA LEU A 546 73.10 -8.39 10.50
C LEU A 546 72.35 -7.13 10.89
N MET A 547 72.11 -6.95 12.19
CA MET A 547 71.40 -5.77 12.66
C MET A 547 72.36 -4.63 12.95
N ASN A 548 72.28 -3.58 12.15
CA ASN A 548 73.07 -2.38 12.37
C ASN A 548 72.37 -1.48 13.37
N LYS A 553 68.90 -0.93 10.99
CA LYS A 553 68.77 -1.47 9.65
C LYS A 553 69.21 -2.93 9.58
N GLN A 554 68.42 -3.76 8.91
CA GLN A 554 68.81 -5.13 8.65
C GLN A 554 69.67 -5.20 7.38
N GLU A 555 70.90 -5.67 7.54
CA GLU A 555 71.83 -5.76 6.42
C GLU A 555 72.18 -7.21 6.12
N ILE A 556 72.54 -7.48 4.87
CA ILE A 556 72.80 -8.84 4.42
C ILE A 556 74.29 -9.17 4.43
N VAL A 557 74.63 -10.28 5.06
CA VAL A 557 76.02 -10.71 5.19
C VAL A 557 76.36 -11.79 4.16
N SER A 558 75.47 -12.76 3.97
CA SER A 558 75.72 -13.85 3.05
C SER A 558 74.45 -14.39 2.40
N ILE A 559 74.61 -15.06 1.27
CA ILE A 559 73.50 -15.66 0.55
C ILE A 559 73.94 -17.01 -0.01
N THR A 560 73.13 -18.04 0.23
CA THR A 560 73.38 -19.34 -0.37
C THR A 560 72.32 -19.65 -1.42
N LEU A 561 72.77 -20.14 -2.57
CA LEU A 561 71.89 -20.46 -3.68
C LEU A 561 72.06 -21.93 -4.06
N SER A 562 70.98 -22.69 -3.94
CA SER A 562 71.00 -24.10 -4.32
C SER A 562 70.00 -24.32 -5.45
N ALA A 563 70.50 -24.78 -6.60
CA ALA A 563 69.69 -24.86 -7.79
C ALA A 563 69.27 -26.29 -8.12
N TYR A 564 67.97 -26.47 -8.34
CA TYR A 564 67.42 -27.74 -8.80
C TYR A 564 66.70 -27.48 -10.12
N ARG A 565 67.32 -27.90 -11.22
CA ARG A 565 66.92 -27.43 -12.55
C ARG A 565 65.95 -28.33 -13.29
N ASN A 566 65.53 -29.42 -12.65
CA ASN A 566 64.58 -30.34 -13.29
C ASN A 566 63.61 -30.97 -12.31
N ILE A 567 62.86 -30.12 -11.61
CA ILE A 567 61.82 -30.59 -10.71
C ILE A 567 60.56 -30.88 -11.52
N SER A 568 60.19 -32.16 -11.60
CA SER A 568 59.00 -32.57 -12.33
C SER A 568 57.85 -32.85 -11.37
N LEU A 569 56.79 -32.07 -11.48
CA LEU A 569 55.62 -32.25 -10.63
C LEU A 569 54.72 -33.36 -11.16
N ASP A 570 55.04 -33.87 -12.36
CA ASP A 570 54.27 -34.94 -12.97
C ASP A 570 54.60 -36.29 -12.33
N SER A 571 55.73 -36.36 -11.66
CA SER A 571 56.12 -37.56 -10.93
C SER A 571 56.63 -37.16 -9.55
N PRO A 572 56.56 -38.07 -8.57
CA PRO A 572 57.01 -37.71 -7.23
C PRO A 572 58.48 -37.29 -7.22
N ILE A 573 58.79 -36.26 -6.44
CA ILE A 573 60.16 -35.78 -6.33
C ILE A 573 60.95 -36.70 -5.39
N PRO A 574 62.07 -37.25 -5.88
CA PRO A 574 62.86 -38.19 -5.07
C PRO A 574 63.39 -37.54 -3.79
N GLU A 575 63.31 -38.27 -2.68
CA GLU A 575 63.76 -37.76 -1.40
C GLU A 575 65.26 -37.45 -1.42
N ASN A 576 65.64 -36.41 -0.69
CA ASN A 576 67.04 -35.98 -0.62
C ASN A 576 67.64 -35.72 -2.00
N ILE A 577 66.84 -35.18 -2.90
CA ILE A 577 67.32 -34.83 -4.23
C ILE A 577 68.47 -33.84 -4.09
N LYS A 578 69.54 -34.07 -4.86
CA LYS A 578 70.73 -33.23 -4.78
C LYS A 578 70.67 -32.11 -5.82
N PRO A 579 71.14 -30.92 -5.43
CA PRO A 579 71.13 -29.76 -6.32
C PRO A 579 72.15 -29.88 -7.45
N ASP A 580 71.84 -29.31 -8.60
CA ASP A 580 72.74 -29.33 -9.73
C ASP A 580 73.87 -28.32 -9.52
N ASP A 581 73.61 -27.33 -8.68
CA ASP A 581 74.61 -26.33 -8.34
C ASP A 581 74.37 -25.77 -6.95
N LEU A 582 75.46 -25.51 -6.24
CA LEU A 582 75.39 -24.92 -4.90
C LEU A 582 76.48 -23.87 -4.76
N CYS A 583 76.07 -22.65 -4.40
CA CYS A 583 76.98 -21.52 -4.33
C CYS A 583 76.65 -20.63 -3.15
N THR A 584 77.67 -20.07 -2.52
CA THR A 584 77.48 -19.19 -1.37
C THR A 584 78.25 -17.88 -1.56
N LEU A 585 77.56 -16.76 -1.36
CA LEU A 585 78.17 -15.45 -1.47
C LEU A 585 78.28 -14.86 -0.07
N VAL A 586 79.36 -14.13 0.19
CA VAL A 586 79.55 -13.55 1.52
C VAL A 586 80.39 -12.28 1.48
N ARG A 587 80.01 -11.31 2.32
CA ARG A 587 80.79 -10.10 2.52
C ARG A 587 81.21 -10.02 3.98
N PRO A 588 82.26 -9.25 4.27
CA PRO A 588 82.75 -9.17 5.66
C PRO A 588 81.75 -8.43 6.55
N PRO A 589 81.39 -9.02 7.69
CA PRO A 589 80.38 -8.41 8.57
C PRO A 589 80.86 -7.15 9.28
N GLN A 590 82.17 -7.03 9.50
CA GLN A 590 82.71 -5.90 10.27
C GLN A 590 83.55 -4.94 9.41
N SER A 591 84.61 -5.45 8.80
CA SER A 591 85.55 -4.61 8.06
C SER A 591 85.37 -4.77 6.55
N THR A 592 86.42 -4.43 5.80
CA THR A 592 86.42 -4.61 4.35
C THR A 592 87.17 -5.88 3.95
N SER A 593 87.67 -6.61 4.95
CA SER A 593 88.49 -7.79 4.69
C SER A 593 88.10 -8.95 5.59
N PRO A 607 80.80 -27.49 1.19
CA PRO A 607 80.35 -28.01 -0.11
C PRO A 607 79.93 -26.88 -1.05
N GLY A 608 80.03 -27.12 -2.35
CA GLY A 608 79.68 -26.10 -3.34
C GLY A 608 80.69 -24.98 -3.38
N ARG A 609 80.44 -24.00 -4.24
CA ARG A 609 81.33 -22.85 -4.38
C ARG A 609 81.11 -21.85 -3.26
N VAL A 610 82.18 -21.14 -2.91
CA VAL A 610 82.08 -20.00 -2.01
C VAL A 610 82.72 -18.81 -2.69
N ARG A 611 82.03 -17.68 -2.69
CA ARG A 611 82.54 -16.48 -3.33
C ARG A 611 82.62 -15.35 -2.32
N LEU A 612 83.79 -14.73 -2.24
CA LEU A 612 84.04 -13.67 -1.30
C LEU A 612 83.97 -12.32 -1.99
N PHE A 613 83.38 -11.35 -1.32
CA PHE A 613 83.28 -10.00 -1.84
C PHE A 613 83.73 -9.02 -0.77
N ASN A 614 84.19 -7.85 -1.20
CA ASN A 614 84.75 -6.88 -0.27
C ASN A 614 83.66 -6.07 0.43
N ASN A 615 82.47 -6.04 -0.15
CA ASN A 615 81.35 -5.34 0.46
C ASN A 615 80.02 -5.92 0.03
N GLU A 616 78.93 -5.40 0.59
CA GLU A 616 77.59 -5.93 0.36
C GLU A 616 77.06 -5.57 -1.01
N LYS A 617 77.39 -4.37 -1.49
CA LYS A 617 76.94 -3.90 -2.80
C LYS A 617 77.45 -4.82 -3.90
N ALA A 618 78.74 -5.16 -3.83
CA ALA A 618 79.33 -6.07 -4.80
C ALA A 618 78.66 -7.42 -4.74
N MET A 619 78.39 -7.90 -3.52
CA MET A 619 77.77 -9.20 -3.33
C MET A 619 76.39 -9.26 -3.98
N LEU A 620 75.55 -8.28 -3.68
CA LEU A 620 74.19 -8.24 -4.18
C LEU A 620 74.16 -8.06 -5.70
N SER A 621 75.16 -7.38 -6.24
CA SER A 621 75.26 -7.22 -7.69
C SER A 621 75.51 -8.56 -8.35
N CYS A 622 76.38 -9.37 -7.75
CA CYS A 622 76.67 -10.70 -8.27
C CYS A 622 75.45 -11.60 -8.12
N PHE A 623 74.74 -11.45 -7.00
CA PHE A 623 73.53 -12.22 -6.75
C PHE A 623 72.53 -12.02 -7.89
N CYS A 624 72.19 -10.77 -8.16
CA CYS A 624 71.26 -10.44 -9.24
C CYS A 624 71.71 -11.04 -10.57
N ALA A 625 73.01 -10.98 -10.85
CA ALA A 625 73.54 -11.52 -12.10
C ALA A 625 73.35 -13.03 -12.16
N MET A 626 73.57 -13.69 -11.03
CA MET A 626 73.40 -15.14 -10.95
C MET A 626 71.94 -15.53 -11.15
N LEU A 627 71.03 -14.73 -10.60
CA LEU A 627 69.60 -14.97 -10.72
C LEU A 627 69.16 -14.91 -12.17
N LYS A 628 69.68 -13.92 -12.89
CA LYS A 628 69.34 -13.72 -14.28
C LYS A 628 69.76 -14.92 -15.12
N VAL A 629 70.99 -15.37 -14.91
CA VAL A 629 71.55 -16.47 -15.69
C VAL A 629 70.88 -17.79 -15.33
N GLU A 630 70.63 -17.99 -14.04
CA GLU A 630 69.95 -19.19 -13.59
C GLU A 630 68.53 -19.22 -14.14
N ASP A 631 67.87 -18.06 -14.08
CA ASP A 631 66.51 -17.91 -14.58
C ASP A 631 65.58 -18.97 -13.99
N PRO A 632 65.46 -18.99 -12.65
CA PRO A 632 64.60 -19.99 -12.00
C PRO A 632 63.11 -19.64 -12.12
N ASP A 633 62.28 -20.67 -12.14
CA ASP A 633 60.84 -20.49 -12.15
C ASP A 633 60.32 -20.32 -10.74
N VAL A 634 61.00 -20.95 -9.79
CA VAL A 634 60.55 -20.94 -8.40
C VAL A 634 61.70 -20.62 -7.45
N ILE A 635 61.45 -19.70 -6.53
CA ILE A 635 62.41 -19.39 -5.48
C ILE A 635 61.92 -19.97 -4.16
N ILE A 636 62.65 -20.94 -3.64
CA ILE A 636 62.27 -21.62 -2.40
C ILE A 636 63.00 -21.02 -1.20
N GLY A 637 62.29 -20.91 -0.08
CA GLY A 637 62.90 -20.40 1.14
C GLY A 637 62.05 -20.58 2.38
N HIS A 638 62.53 -20.04 3.49
CA HIS A 638 61.84 -20.10 4.76
C HIS A 638 61.65 -18.69 5.30
N ARG A 639 60.39 -18.27 5.38
CA ARG A 639 60.04 -16.92 5.81
C ARG A 639 60.59 -15.85 4.85
N LEU A 640 60.55 -16.14 3.56
CA LEU A 640 60.95 -15.17 2.55
C LEU A 640 59.92 -14.05 2.44
N GLN A 641 58.65 -14.44 2.34
CA GLN A 641 57.58 -13.54 1.97
C GLN A 641 57.52 -12.25 2.78
N ASN A 642 57.57 -12.36 4.11
CA ASN A 642 57.41 -11.18 4.96
C ASN A 642 58.57 -10.92 5.91
N VAL A 643 59.73 -11.49 5.60
CA VAL A 643 60.95 -11.18 6.37
C VAL A 643 62.12 -10.88 5.46
N TYR A 644 62.62 -11.90 4.76
CA TYR A 644 63.89 -11.80 4.06
C TYR A 644 63.80 -11.17 2.66
N LEU A 645 62.68 -11.36 1.96
CA LEU A 645 62.51 -10.69 0.69
C LEU A 645 62.43 -9.19 0.88
N ASP A 646 61.83 -8.76 2.00
CA ASP A 646 61.77 -7.34 2.33
C ASP A 646 63.18 -6.80 2.56
N VAL A 647 63.96 -7.51 3.36
CA VAL A 647 65.33 -7.09 3.65
C VAL A 647 66.15 -7.04 2.35
N LEU A 648 66.01 -8.08 1.54
CA LEU A 648 66.73 -8.17 0.27
C LEU A 648 66.38 -7.00 -0.65
N ALA A 649 65.08 -6.69 -0.74
CA ALA A 649 64.61 -5.63 -1.61
C ALA A 649 65.14 -4.27 -1.17
N HIS A 650 65.00 -3.97 0.11
CA HIS A 650 65.40 -2.67 0.64
C HIS A 650 66.92 -2.44 0.56
N ARG A 651 67.69 -3.52 0.70
CA ARG A 651 69.14 -3.40 0.61
C ARG A 651 69.59 -3.13 -0.83
N MET A 652 68.97 -3.80 -1.78
CA MET A 652 69.25 -3.53 -3.18
C MET A 652 68.88 -2.09 -3.50
N HIS A 653 67.83 -1.60 -2.84
CA HIS A 653 67.40 -0.21 -3.00
C HIS A 653 68.41 0.73 -2.34
N ASP A 654 68.74 0.45 -1.08
CA ASP A 654 69.68 1.26 -0.33
C ASP A 654 71.01 1.40 -1.05
N LEU A 655 71.50 0.30 -1.59
CA LEU A 655 72.81 0.26 -2.23
C LEU A 655 72.70 0.53 -3.74
N ASN A 656 71.51 0.92 -4.19
CA ASN A 656 71.31 1.28 -5.59
C ASN A 656 71.83 0.23 -6.57
N ILE A 657 71.47 -1.02 -6.34
CA ILE A 657 71.82 -2.10 -7.25
C ILE A 657 71.01 -1.95 -8.53
N PRO A 658 71.70 -1.75 -9.67
CA PRO A 658 71.00 -1.47 -10.94
C PRO A 658 70.25 -2.67 -11.51
N THR A 659 70.71 -3.88 -11.22
CA THR A 659 70.10 -5.09 -11.78
C THR A 659 69.14 -5.77 -10.81
N PHE A 660 68.46 -4.98 -9.99
CA PHE A 660 67.62 -5.50 -8.93
C PHE A 660 66.40 -6.27 -9.45
N SER A 661 65.99 -5.95 -10.68
CA SER A 661 64.75 -6.49 -11.23
C SER A 661 64.84 -7.98 -11.58
N SER A 662 66.06 -8.53 -11.58
CA SER A 662 66.25 -9.93 -11.92
C SER A 662 65.72 -10.88 -10.85
N ILE A 663 65.23 -10.33 -9.75
CA ILE A 663 64.54 -11.15 -8.76
C ILE A 663 63.18 -11.54 -9.33
N GLY A 664 62.73 -10.76 -10.30
CA GLY A 664 61.55 -11.10 -11.09
C GLY A 664 61.95 -11.34 -12.54
N ARG A 665 60.98 -11.24 -13.46
CA ARG A 665 61.27 -11.51 -14.86
C ARG A 665 60.96 -10.33 -15.79
N ARG A 666 60.45 -9.24 -15.24
CA ARG A 666 60.33 -8.01 -16.02
C ARG A 666 61.52 -7.09 -15.73
N LEU A 667 62.01 -6.43 -16.77
CA LEU A 667 63.18 -5.55 -16.63
C LEU A 667 62.77 -4.12 -16.32
N ARG A 668 63.27 -3.60 -15.20
CA ARG A 668 63.11 -2.19 -14.86
C ARG A 668 64.47 -1.59 -14.56
N ARG A 669 64.67 -0.34 -14.97
CA ARG A 669 65.91 0.37 -14.68
C ARG A 669 65.77 1.16 -13.38
N THR A 670 64.53 1.50 -13.03
CA THR A 670 64.27 2.30 -11.84
C THR A 670 63.19 1.67 -10.96
N TRP A 671 63.27 1.92 -9.66
CA TRP A 671 62.29 1.43 -8.71
C TRP A 671 61.01 2.28 -8.80
N PRO A 672 59.92 1.78 -8.21
CA PRO A 672 58.70 2.59 -8.11
C PRO A 672 58.94 3.85 -7.29
N GLU A 673 58.26 4.94 -7.62
CA GLU A 673 58.49 6.21 -6.96
C GLU A 673 58.20 6.14 -5.46
N LYS A 674 57.14 5.44 -5.08
CA LYS A 674 56.68 5.42 -3.70
C LYS A 674 57.36 4.34 -2.85
N PHE A 675 58.33 3.64 -3.42
CA PHE A 675 59.01 2.58 -2.67
C PHE A 675 59.94 3.15 -1.62
N GLY A 676 59.85 2.63 -0.40
CA GLY A 676 60.68 3.07 0.70
C GLY A 676 59.97 2.93 2.03
N ASN A 681 52.56 -0.64 4.16
CA ASN A 681 51.74 -1.66 3.51
C ASN A 681 52.04 -1.78 2.02
N MET A 682 52.28 -0.66 1.36
CA MET A 682 52.54 -0.64 -0.07
C MET A 682 53.82 -1.38 -0.42
N ASN A 683 54.72 -1.51 0.56
CA ASN A 683 55.98 -2.22 0.33
C ASN A 683 55.77 -3.67 -0.07
N HIS A 684 54.69 -4.27 0.44
CA HIS A 684 54.39 -5.66 0.12
C HIS A 684 54.04 -5.80 -1.36
N PHE A 685 53.21 -4.89 -1.86
CA PHE A 685 52.79 -4.94 -3.26
C PHE A 685 53.97 -4.73 -4.20
N PHE A 686 54.79 -3.70 -3.91
CA PHE A 686 55.95 -3.39 -4.73
C PHE A 686 56.85 -4.60 -4.90
N ILE A 687 57.20 -5.24 -3.78
CA ILE A 687 58.08 -6.39 -3.80
C ILE A 687 57.44 -7.56 -4.56
N SER A 688 56.18 -7.84 -4.24
CA SER A 688 55.45 -8.90 -4.93
C SER A 688 55.40 -8.63 -6.43
N ASP A 689 55.25 -7.35 -6.78
CA ASP A 689 55.18 -6.94 -8.18
C ASP A 689 56.54 -7.11 -8.86
N ILE A 690 57.60 -6.72 -8.15
CA ILE A 690 58.96 -6.82 -8.69
C ILE A 690 59.38 -8.27 -8.86
N CYS A 691 58.87 -9.15 -8.01
CA CYS A 691 59.19 -10.57 -8.08
C CYS A 691 58.38 -11.30 -9.15
N SER A 692 57.32 -10.65 -9.64
CA SER A 692 56.47 -11.22 -10.68
C SER A 692 57.28 -11.98 -11.72
N GLY A 693 56.85 -13.20 -12.02
CA GLY A 693 57.53 -14.04 -13.00
C GLY A 693 58.22 -15.21 -12.34
N ARG A 694 58.54 -15.06 -11.06
CA ARG A 694 59.16 -16.14 -10.30
C ARG A 694 58.28 -16.44 -9.08
N LEU A 695 57.87 -17.70 -8.95
CA LEU A 695 56.98 -18.09 -7.86
C LEU A 695 57.74 -18.19 -6.54
N ILE A 696 57.19 -17.58 -5.50
CA ILE A 696 57.79 -17.62 -4.17
C ILE A 696 57.24 -18.80 -3.38
N CYS A 697 58.07 -19.83 -3.22
CA CYS A 697 57.69 -21.03 -2.50
C CYS A 697 58.21 -20.96 -1.07
N ASP A 698 57.41 -20.36 -0.18
CA ASP A 698 57.79 -20.17 1.23
C ASP A 698 57.12 -21.23 2.11
N ILE A 699 57.93 -22.12 2.68
CA ILE A 699 57.42 -23.25 3.46
C ILE A 699 56.84 -22.84 4.83
N ALA A 700 57.11 -21.62 5.26
CA ALA A 700 56.69 -21.19 6.59
C ALA A 700 55.70 -20.02 6.56
N ASN A 701 55.14 -19.71 5.39
CA ASN A 701 54.06 -18.73 5.34
C ASN A 701 52.73 -19.42 5.56
N GLU A 702 51.63 -18.67 5.49
CA GLU A 702 50.31 -19.22 5.83
C GLU A 702 50.00 -20.51 5.07
N MET A 703 50.28 -20.53 3.78
CA MET A 703 50.03 -21.72 2.98
C MET A 703 50.91 -22.87 3.48
N GLY A 704 52.19 -22.58 3.67
CA GLY A 704 53.13 -23.58 4.15
C GLY A 704 52.72 -24.15 5.49
N GLN A 705 52.22 -23.29 6.38
CA GLN A 705 51.79 -23.72 7.70
C GLN A 705 50.55 -24.61 7.62
N SER A 706 49.66 -24.29 6.68
CA SER A 706 48.41 -25.04 6.55
C SER A 706 48.67 -26.49 6.17
N LEU A 707 49.83 -26.76 5.58
CA LEU A 707 50.19 -28.12 5.20
C LEU A 707 50.99 -28.84 6.29
N THR A 708 51.32 -28.11 7.35
CA THR A 708 52.14 -28.66 8.43
C THR A 708 51.54 -28.32 9.80
N PRO A 709 50.31 -28.80 10.05
CA PRO A 709 49.60 -28.50 11.30
C PRO A 709 50.25 -29.11 12.54
N LYS A 710 51.13 -30.08 12.36
CA LYS A 710 51.82 -30.71 13.48
C LYS A 710 52.93 -29.85 14.06
N CYS A 711 53.24 -28.73 13.40
CA CYS A 711 54.23 -27.79 13.89
C CYS A 711 53.60 -26.79 14.85
N GLN A 712 54.43 -26.12 15.65
CA GLN A 712 53.94 -25.15 16.62
C GLN A 712 54.61 -23.79 16.45
N SER A 713 55.90 -23.78 16.15
CA SER A 713 56.63 -22.53 15.91
C SER A 713 56.89 -22.32 14.42
N TRP A 714 57.01 -23.42 13.68
CA TRP A 714 57.39 -23.39 12.27
C TRP A 714 58.80 -22.82 12.08
N ASP A 715 59.65 -22.99 13.08
CA ASP A 715 61.07 -22.70 12.92
C ASP A 715 61.66 -23.76 11.99
N LEU A 716 62.71 -23.40 11.28
CA LEU A 716 63.25 -24.27 10.24
C LEU A 716 63.60 -25.66 10.77
N SER A 717 64.35 -25.70 11.87
CA SER A 717 64.76 -26.97 12.45
C SER A 717 63.55 -27.80 12.87
N GLU A 718 62.54 -27.14 13.41
CA GLU A 718 61.33 -27.83 13.82
C GLU A 718 60.62 -28.46 12.63
N MET A 719 60.44 -27.69 11.55
CA MET A 719 59.77 -28.19 10.35
C MET A 719 60.53 -29.40 9.80
N TYR A 720 61.87 -29.31 9.85
CA TYR A 720 62.71 -30.38 9.34
C TYR A 720 62.48 -31.66 10.15
N GLN A 721 62.31 -31.51 11.46
CA GLN A 721 62.06 -32.64 12.34
C GLN A 721 60.71 -33.25 12.04
N VAL A 722 59.67 -32.41 12.05
CA VAL A 722 58.30 -32.87 11.86
C VAL A 722 58.05 -33.53 10.51
N THR A 723 58.58 -32.93 9.44
CA THR A 723 58.26 -33.37 8.08
C THR A 723 59.23 -34.41 7.52
N CYS A 724 60.47 -34.38 7.99
CA CYS A 724 61.50 -35.28 7.47
C CYS A 724 62.06 -36.24 8.53
N GLU A 725 61.64 -36.06 9.78
CA GLU A 725 62.10 -36.92 10.86
C GLU A 725 63.64 -36.94 10.91
N LYS A 726 64.23 -35.77 10.72
CA LYS A 726 65.68 -35.59 10.83
C LYS A 726 65.96 -34.44 11.78
N GLU A 727 67.06 -34.53 12.52
CA GLU A 727 67.38 -33.51 13.51
C GLU A 727 68.49 -32.59 13.02
N HIS A 728 68.29 -31.30 13.20
CA HIS A 728 69.32 -30.31 12.95
C HIS A 728 69.35 -29.32 14.11
N LYS A 729 70.50 -29.20 14.75
CA LYS A 729 70.65 -28.30 15.88
C LYS A 729 71.10 -26.93 15.38
N PRO A 730 70.20 -25.94 15.46
CA PRO A 730 70.47 -24.61 14.89
C PRO A 730 71.52 -23.81 15.65
N LEU A 731 72.47 -23.25 14.93
CA LEU A 731 73.44 -22.33 15.50
C LEU A 731 72.88 -20.92 15.50
N ASP A 732 73.02 -20.22 16.62
CA ASP A 732 72.60 -18.83 16.70
C ASP A 732 73.75 -17.94 16.25
N ILE A 733 73.75 -17.59 14.96
CA ILE A 733 74.81 -16.76 14.39
C ILE A 733 74.53 -15.28 14.63
N ASP A 734 75.47 -14.62 15.29
CA ASP A 734 75.39 -13.18 15.50
C ASP A 734 76.63 -12.50 14.92
N TYR A 735 76.48 -11.89 13.75
CA TYR A 735 77.62 -11.29 13.07
C TYR A 735 78.07 -9.97 13.69
N GLN A 736 77.31 -9.50 14.68
CA GLN A 736 77.73 -8.33 15.45
C GLN A 736 78.95 -8.68 16.30
N ASN A 737 79.05 -9.95 16.68
CA ASN A 737 80.17 -10.42 17.50
C ASN A 737 81.50 -10.23 16.78
N PRO A 738 82.51 -9.70 17.49
CA PRO A 738 83.79 -9.36 16.87
C PRO A 738 84.58 -10.58 16.37
N GLN A 739 84.25 -11.77 16.83
CA GLN A 739 85.04 -12.95 16.50
C GLN A 739 84.96 -13.28 15.01
N TYR A 740 83.92 -12.80 14.33
CA TYR A 740 83.70 -13.14 12.93
C TYR A 740 84.55 -12.30 11.96
N GLN A 741 85.35 -11.39 12.49
CA GLN A 741 86.21 -10.56 11.65
C GLN A 741 87.63 -11.13 11.59
N ASN A 742 88.02 -11.91 12.60
CA ASN A 742 89.35 -12.48 12.66
C ASN A 742 89.40 -13.99 12.86
N ASP A 743 88.28 -14.59 13.25
CA ASP A 743 88.24 -16.02 13.49
C ASP A 743 87.69 -16.75 12.26
N VAL A 744 88.59 -17.33 11.48
CA VAL A 744 88.22 -17.96 10.22
C VAL A 744 87.33 -19.19 10.41
N ASN A 745 87.55 -19.92 11.50
N ASN A 745 87.52 -19.92 11.50
CA ASN A 745 86.76 -21.12 11.79
CA ASN A 745 86.75 -21.13 11.75
C ASN A 745 85.32 -20.78 12.11
C ASN A 745 85.30 -20.80 12.12
N SER A 746 85.11 -19.68 12.83
CA SER A 746 83.78 -19.24 13.19
C SER A 746 83.01 -18.84 11.93
N MET A 747 83.66 -18.06 11.08
CA MET A 747 83.07 -17.62 9.83
C MET A 747 82.65 -18.82 8.98
N THR A 748 83.50 -19.84 8.97
CA THR A 748 83.25 -21.04 8.16
C THR A 748 82.07 -21.86 8.69
N MET A 749 81.96 -21.95 10.02
CA MET A 749 80.85 -22.68 10.64
C MET A 749 79.53 -21.96 10.40
N ALA A 750 79.59 -20.63 10.37
CA ALA A 750 78.40 -19.82 10.14
C ALA A 750 77.90 -20.00 8.71
N LEU A 751 78.82 -20.07 7.76
CA LEU A 751 78.46 -20.30 6.37
C LEU A 751 77.89 -21.69 6.20
N GLN A 752 78.45 -22.67 6.91
CA GLN A 752 77.94 -24.04 6.85
C GLN A 752 76.49 -24.07 7.32
N GLU A 753 76.19 -23.32 8.38
CA GLU A 753 74.83 -23.23 8.89
C GLU A 753 73.89 -22.70 7.79
N ASN A 754 74.35 -21.70 7.05
CA ASN A 754 73.54 -21.12 5.98
C ASN A 754 73.30 -22.14 4.87
N ILE A 755 74.37 -22.80 4.44
CA ILE A 755 74.28 -23.82 3.40
C ILE A 755 73.30 -24.91 3.82
N THR A 756 73.42 -25.36 5.07
CA THR A 756 72.55 -26.42 5.58
C THR A 756 71.08 -25.99 5.55
N ASN A 757 70.81 -24.79 6.05
CA ASN A 757 69.45 -24.27 6.06
C ASN A 757 68.86 -24.17 4.67
N CYS A 758 69.68 -23.77 3.70
CA CYS A 758 69.23 -23.62 2.33
C CYS A 758 68.74 -24.95 1.78
N MET A 759 69.50 -26.01 2.00
CA MET A 759 69.15 -27.31 1.46
C MET A 759 68.04 -27.97 2.26
N ILE A 760 67.93 -27.63 3.54
CA ILE A 760 66.83 -28.11 4.37
C ILE A 760 65.52 -27.52 3.89
N SER A 761 65.52 -26.21 3.64
CA SER A 761 64.32 -25.53 3.16
C SER A 761 63.79 -26.19 1.90
N ALA A 762 64.69 -26.46 0.96
CA ALA A 762 64.30 -27.12 -0.28
C ALA A 762 63.70 -28.48 0.00
N GLU A 763 64.43 -29.31 0.74
CA GLU A 763 64.01 -30.68 1.03
C GLU A 763 62.62 -30.71 1.65
N VAL A 764 62.38 -29.81 2.59
CA VAL A 764 61.09 -29.72 3.25
C VAL A 764 59.99 -29.32 2.24
N SER A 765 60.28 -28.33 1.41
CA SER A 765 59.28 -27.86 0.45
C SER A 765 58.83 -28.98 -0.49
N TYR A 766 59.74 -29.90 -0.79
CA TYR A 766 59.44 -31.02 -1.68
C TYR A 766 58.67 -32.10 -0.91
N ARG A 767 59.06 -32.32 0.35
CA ARG A 767 58.46 -33.39 1.14
C ARG A 767 57.00 -33.08 1.44
N ILE A 768 56.70 -31.83 1.76
CA ILE A 768 55.32 -31.44 2.05
C ILE A 768 54.52 -31.16 0.77
N GLN A 769 55.15 -31.41 -0.38
CA GLN A 769 54.46 -31.30 -1.66
C GLN A 769 53.79 -29.94 -1.81
N LEU A 770 54.56 -28.88 -1.51
CA LEU A 770 54.02 -27.53 -1.51
C LEU A 770 53.67 -27.05 -2.91
N LEU A 771 54.43 -27.49 -3.91
CA LEU A 771 54.20 -27.04 -5.28
C LEU A 771 53.00 -27.74 -5.95
N THR A 772 52.98 -29.06 -5.92
CA THR A 772 51.89 -29.80 -6.55
C THR A 772 50.54 -29.47 -5.93
N LEU A 773 50.48 -29.46 -4.59
CA LEU A 773 49.23 -29.17 -3.92
C LEU A 773 48.72 -27.78 -4.27
N THR A 774 49.61 -26.79 -4.24
CA THR A 774 49.22 -25.43 -4.57
C THR A 774 48.84 -25.29 -6.04
N LYS A 775 49.50 -26.05 -6.91
CA LYS A 775 49.13 -26.04 -8.32
C LYS A 775 47.72 -26.57 -8.49
N GLN A 776 47.44 -27.72 -7.89
CA GLN A 776 46.13 -28.35 -7.98
C GLN A 776 45.05 -27.44 -7.40
N LEU A 777 45.36 -26.79 -6.29
CA LEU A 777 44.43 -25.84 -5.68
C LEU A 777 44.18 -24.68 -6.63
N THR A 778 45.21 -24.27 -7.35
CA THR A 778 45.10 -23.15 -8.28
C THR A 778 44.27 -23.54 -9.50
N ASN A 779 44.49 -24.75 -10.03
CA ASN A 779 43.71 -25.22 -11.17
C ASN A 779 42.24 -25.38 -10.83
N LEU A 780 41.95 -25.70 -9.56
CA LEU A 780 40.58 -25.90 -9.14
C LEU A 780 39.85 -24.58 -8.91
N ALA A 781 40.56 -23.57 -8.44
CA ALA A 781 39.94 -22.29 -8.10
C ALA A 781 39.97 -21.32 -9.27
N GLY A 782 40.91 -21.52 -10.19
CA GLY A 782 41.04 -20.69 -11.36
C GLY A 782 41.73 -19.35 -11.11
N ASN A 783 42.49 -19.27 -10.02
CA ASN A 783 43.22 -18.05 -9.71
C ASN A 783 44.66 -18.15 -10.19
N ALA A 784 45.54 -17.31 -9.63
CA ALA A 784 46.96 -17.36 -9.98
C ALA A 784 47.75 -18.19 -8.96
N TRP A 785 48.70 -18.98 -9.45
CA TRP A 785 49.54 -19.82 -8.62
C TRP A 785 50.23 -19.03 -7.51
N ALA A 786 50.69 -17.83 -7.85
CA ALA A 786 51.36 -16.97 -6.88
C ALA A 786 50.42 -16.59 -5.72
N GLN A 787 49.16 -16.34 -6.06
N GLN A 787 49.17 -16.31 -6.06
CA GLN A 787 48.16 -15.95 -5.07
CA GLN A 787 48.18 -15.95 -5.04
C GLN A 787 47.86 -17.09 -4.10
C GLN A 787 48.00 -17.11 -4.06
N THR A 788 47.95 -18.33 -4.59
CA THR A 788 47.75 -19.51 -3.75
C THR A 788 48.95 -19.72 -2.83
N LEU A 789 50.14 -19.54 -3.38
CA LEU A 789 51.36 -19.74 -2.61
C LEU A 789 51.53 -18.70 -1.51
N GLY A 790 51.16 -17.45 -1.81
CA GLY A 790 51.46 -16.35 -0.91
C GLY A 790 50.26 -15.66 -0.27
N GLY A 791 49.07 -16.21 -0.47
CA GLY A 791 47.86 -15.58 0.03
C GLY A 791 47.15 -16.39 1.11
N THR A 792 45.94 -15.96 1.43
CA THR A 792 45.07 -16.69 2.34
C THR A 792 44.10 -17.52 1.52
N ARG A 793 43.17 -18.19 2.19
CA ARG A 793 42.16 -18.99 1.50
C ARG A 793 41.25 -18.12 0.64
N ALA A 794 41.01 -16.89 1.09
CA ALA A 794 40.04 -16.00 0.45
C ALA A 794 40.20 -15.92 -1.07
N GLY A 795 41.44 -15.84 -1.53
CA GLY A 795 41.71 -15.73 -2.95
C GLY A 795 41.11 -16.88 -3.76
N ARG A 796 41.37 -18.10 -3.30
CA ARG A 796 40.83 -19.28 -3.96
C ARG A 796 39.32 -19.27 -3.87
N ASN A 797 38.81 -19.08 -2.66
CA ASN A 797 37.37 -18.98 -2.43
C ASN A 797 36.73 -17.99 -3.40
N GLU A 798 37.43 -16.90 -3.68
CA GLU A 798 36.91 -15.83 -4.51
C GLU A 798 36.79 -16.26 -5.96
N TYR A 799 37.89 -16.75 -6.53
CA TYR A 799 37.94 -17.05 -7.96
C TYR A 799 37.13 -18.27 -8.36
N ILE A 800 37.02 -19.26 -7.48
CA ILE A 800 36.25 -20.46 -7.82
C ILE A 800 34.81 -20.06 -8.08
N LEU A 801 34.31 -19.10 -7.31
CA LEU A 801 32.95 -18.59 -7.49
C LEU A 801 32.86 -17.64 -8.68
N LEU A 802 33.89 -16.82 -8.89
CA LEU A 802 33.90 -15.90 -10.02
C LEU A 802 33.74 -16.65 -11.33
N HIS A 803 34.50 -17.74 -11.48
CA HIS A 803 34.41 -18.58 -12.67
C HIS A 803 33.05 -19.28 -12.75
N GLU A 804 32.60 -19.82 -11.62
CA GLU A 804 31.37 -20.61 -11.58
C GLU A 804 30.16 -19.77 -11.98
N PHE A 805 30.00 -18.60 -11.36
CA PHE A 805 28.86 -17.75 -11.60
C PHE A 805 28.88 -17.10 -12.99
N SER A 806 30.03 -16.58 -13.38
CA SER A 806 30.16 -15.89 -14.67
C SER A 806 29.82 -16.80 -15.84
N ARG A 807 30.10 -18.08 -15.68
CA ARG A 807 29.88 -19.05 -16.76
C ARG A 807 28.42 -19.44 -16.91
N ASN A 808 27.63 -19.18 -15.87
CA ASN A 808 26.21 -19.50 -15.92
C ASN A 808 25.35 -18.24 -15.99
N GLY A 809 25.92 -17.17 -16.54
CA GLY A 809 25.15 -15.96 -16.83
C GLY A 809 24.80 -15.13 -15.61
N PHE A 810 25.57 -15.28 -14.55
CA PHE A 810 25.36 -14.47 -13.36
C PHE A 810 26.32 -13.30 -13.33
N ILE A 811 25.87 -12.15 -12.81
CA ILE A 811 26.74 -11.02 -12.57
C ILE A 811 27.38 -11.16 -11.19
N VAL A 812 28.70 -11.06 -11.14
CA VAL A 812 29.42 -11.21 -9.88
C VAL A 812 29.60 -9.83 -9.23
N PRO A 813 29.75 -9.82 -7.89
CA PRO A 813 29.96 -8.56 -7.17
C PRO A 813 31.27 -7.89 -7.57
N ASP A 814 31.33 -6.56 -7.50
CA ASP A 814 32.57 -5.83 -7.76
C ASP A 814 33.55 -6.11 -6.63
N LYS A 815 34.84 -6.00 -6.93
CA LYS A 815 35.89 -6.27 -5.96
C LYS A 815 35.88 -5.25 -4.83
N TYR A 859 41.21 -44.62 25.91
CA TYR A 859 41.53 -44.07 24.60
C TYR A 859 40.55 -42.96 24.24
N VAL A 860 41.08 -41.82 23.83
CA VAL A 860 40.28 -40.71 23.32
C VAL A 860 40.56 -40.51 21.85
N LEU A 861 39.50 -40.41 21.04
CA LEU A 861 39.64 -40.22 19.61
C LEU A 861 39.25 -38.79 19.20
N VAL A 862 40.07 -38.20 18.35
CA VAL A 862 39.76 -36.89 17.77
C VAL A 862 39.06 -37.12 16.44
N MET A 863 37.79 -36.70 16.37
CA MET A 863 36.99 -36.91 15.16
C MET A 863 36.95 -35.65 14.31
N ASP A 864 37.25 -35.80 13.03
CA ASP A 864 37.33 -34.67 12.11
C ASP A 864 35.96 -34.26 11.59
N PHE A 865 35.56 -33.02 11.86
CA PHE A 865 34.28 -32.49 11.41
C PHE A 865 34.46 -31.34 10.41
N ASN A 866 35.60 -31.30 9.72
CA ASN A 866 35.88 -30.24 8.76
C ASN A 866 34.79 -30.12 7.70
N SER A 867 34.19 -31.24 7.34
CA SER A 867 33.20 -31.28 6.26
C SER A 867 31.81 -30.85 6.73
N LEU A 868 31.70 -30.42 7.98
CA LEU A 868 30.42 -30.02 8.55
C LEU A 868 29.69 -29.00 7.67
N TYR A 869 30.30 -27.84 7.47
CA TYR A 869 29.66 -26.74 6.75
C TYR A 869 29.39 -27.04 5.27
N PRO A 870 30.37 -27.60 4.56
CA PRO A 870 30.11 -27.95 3.16
C PRO A 870 29.02 -29.01 3.00
N SER A 871 28.78 -29.82 4.02
CA SER A 871 27.71 -30.82 3.94
C SER A 871 26.36 -30.17 4.22
N ILE A 872 26.36 -29.15 5.07
CA ILE A 872 25.16 -28.41 5.40
C ILE A 872 24.69 -27.62 4.19
N ILE A 873 25.62 -26.91 3.56
CA ILE A 873 25.32 -26.12 2.37
C ILE A 873 24.76 -27.00 1.27
N GLN A 874 25.28 -28.22 1.16
CA GLN A 874 24.85 -29.15 0.12
C GLN A 874 23.51 -29.79 0.48
N GLU A 875 23.38 -30.23 1.73
CA GLU A 875 22.18 -30.92 2.17
C GLU A 875 20.95 -30.01 2.12
N PHE A 876 21.11 -28.78 2.60
CA PHE A 876 19.99 -27.86 2.71
C PHE A 876 19.92 -26.86 1.54
N ASN A 877 20.67 -27.14 0.49
CA ASN A 877 20.62 -26.33 -0.73
C ASN A 877 20.72 -24.84 -0.41
N ILE A 878 21.73 -24.46 0.35
CA ILE A 878 21.95 -23.06 0.71
C ILE A 878 22.85 -22.38 -0.32
N CYS A 879 22.33 -21.32 -0.92
CA CYS A 879 23.04 -20.62 -1.98
C CYS A 879 22.58 -19.17 -2.09
N PHE A 880 23.37 -18.38 -2.79
CA PHE A 880 23.02 -16.98 -3.03
C PHE A 880 21.75 -16.91 -3.89
N THR A 881 21.50 -17.98 -4.64
CA THR A 881 20.39 -18.01 -5.60
C THR A 881 19.15 -18.69 -5.06
N THR A 882 19.25 -19.34 -3.90
CA THR A 882 18.16 -20.15 -3.39
C THR A 882 17.53 -19.62 -2.10
N GLN A 903 18.48 -27.16 -7.15
CA GLN A 903 19.81 -27.05 -6.55
C GLN A 903 20.52 -25.81 -7.05
N GLY A 904 21.07 -25.02 -6.13
CA GLY A 904 21.75 -23.79 -6.48
C GLY A 904 23.16 -23.99 -7.01
N VAL A 905 23.84 -22.88 -7.28
CA VAL A 905 25.18 -22.92 -7.85
C VAL A 905 26.21 -23.43 -6.84
N LEU A 906 26.17 -22.89 -5.63
CA LEU A 906 27.14 -23.25 -4.61
C LEU A 906 27.03 -24.72 -4.18
N PRO A 907 25.80 -25.19 -3.89
CA PRO A 907 25.62 -26.59 -3.54
C PRO A 907 26.03 -27.54 -4.68
N ARG A 908 25.70 -27.16 -5.91
CA ARG A 908 26.04 -27.98 -7.07
C ARG A 908 27.55 -28.04 -7.24
N LEU A 909 28.21 -26.93 -6.95
CA LEU A 909 29.67 -26.87 -7.03
C LEU A 909 30.26 -27.84 -6.01
N LEU A 910 29.76 -27.78 -4.78
CA LEU A 910 30.23 -28.66 -3.73
C LEU A 910 29.97 -30.12 -4.07
N ALA A 911 28.77 -30.41 -4.57
CA ALA A 911 28.41 -31.77 -4.94
C ALA A 911 29.38 -32.32 -5.96
N ASN A 912 29.73 -31.50 -6.95
CA ASN A 912 30.67 -31.90 -8.00
C ASN A 912 32.05 -32.20 -7.44
N LEU A 913 32.48 -31.39 -6.48
CA LEU A 913 33.78 -31.56 -5.85
C LEU A 913 33.81 -32.86 -5.05
N VAL A 914 32.75 -33.11 -4.30
CA VAL A 914 32.65 -34.34 -3.52
C VAL A 914 32.59 -35.56 -4.44
N ASP A 915 31.82 -35.45 -5.52
CA ASP A 915 31.70 -36.56 -6.47
C ASP A 915 33.04 -36.90 -7.10
N ARG A 916 33.74 -35.87 -7.57
CA ARG A 916 35.03 -36.09 -8.22
C ARG A 916 36.03 -36.68 -7.25
N ARG A 917 35.95 -36.30 -5.98
CA ARG A 917 36.84 -36.85 -4.98
C ARG A 917 36.61 -38.35 -4.84
N ARG A 918 35.36 -38.77 -4.87
CA ARG A 918 35.04 -40.19 -4.80
C ARG A 918 35.58 -40.91 -6.03
N GLU A 919 35.34 -40.32 -7.20
CA GLU A 919 35.87 -40.87 -8.44
C GLU A 919 37.36 -41.15 -8.31
N VAL A 920 38.09 -40.22 -7.69
CA VAL A 920 39.53 -40.37 -7.52
C VAL A 920 39.84 -41.52 -6.56
N LYS A 921 39.16 -41.56 -5.42
CA LYS A 921 39.40 -42.61 -4.43
C LYS A 921 39.04 -44.00 -4.97
N LYS A 922 38.07 -44.05 -5.87
CA LYS A 922 37.73 -45.32 -6.52
C LYS A 922 38.89 -45.78 -7.39
N VAL A 923 39.44 -44.84 -8.16
CA VAL A 923 40.56 -45.15 -9.05
C VAL A 923 41.79 -45.56 -8.26
N MET A 924 41.95 -45.02 -7.06
CA MET A 924 43.12 -45.32 -6.23
C MET A 924 43.11 -46.78 -5.78
N LYS A 925 41.97 -47.26 -5.29
CA LYS A 925 41.84 -48.62 -4.80
C LYS A 925 42.37 -49.62 -5.83
N THR A 926 42.23 -49.29 -7.11
CA THR A 926 42.62 -50.19 -8.19
C THR A 926 44.05 -49.91 -8.67
N GLU A 927 44.43 -48.64 -8.68
CA GLU A 927 45.72 -48.23 -9.24
C GLU A 927 46.89 -48.99 -8.60
N THR A 928 47.79 -49.48 -9.45
CA THR A 928 48.95 -50.23 -9.00
C THR A 928 50.21 -49.37 -9.01
N ASP A 929 50.38 -48.61 -10.08
CA ASP A 929 51.56 -47.75 -10.23
C ASP A 929 51.64 -46.72 -9.10
N PRO A 930 52.73 -46.76 -8.32
CA PRO A 930 52.91 -45.83 -7.21
C PRO A 930 52.91 -44.36 -7.66
N HIS A 931 53.42 -44.08 -8.86
CA HIS A 931 53.44 -42.72 -9.37
C HIS A 931 52.04 -42.18 -9.54
N LYS A 932 51.23 -42.86 -10.34
CA LYS A 932 49.86 -42.44 -10.58
C LYS A 932 49.06 -42.42 -9.28
N ARG A 933 49.37 -43.35 -8.38
CA ARG A 933 48.66 -43.45 -7.11
C ARG A 933 48.95 -42.23 -6.23
N VAL A 934 50.22 -41.89 -6.10
CA VAL A 934 50.61 -40.70 -5.34
C VAL A 934 49.96 -39.47 -5.95
N GLN A 935 49.89 -39.42 -7.27
CA GLN A 935 49.25 -38.32 -7.97
C GLN A 935 47.78 -38.23 -7.56
N CYS A 936 47.10 -39.37 -7.55
CA CYS A 936 45.70 -39.42 -7.16
C CYS A 936 45.50 -38.88 -5.74
N ASP A 937 46.41 -39.22 -4.83
CA ASP A 937 46.30 -38.79 -3.46
C ASP A 937 46.42 -37.27 -3.34
N ILE A 938 47.28 -36.68 -4.16
CA ILE A 938 47.41 -35.23 -4.21
C ILE A 938 46.12 -34.60 -4.73
N ARG A 939 45.62 -35.13 -5.83
CA ARG A 939 44.38 -34.67 -6.42
C ARG A 939 43.24 -34.73 -5.39
N GLN A 940 43.15 -35.87 -4.71
CA GLN A 940 42.11 -36.10 -3.73
C GLN A 940 42.18 -35.09 -2.58
N GLN A 941 43.40 -34.83 -2.12
N GLN A 941 43.40 -34.81 -2.13
CA GLN A 941 43.62 -33.85 -1.05
CA GLN A 941 43.61 -33.86 -1.04
C GLN A 941 43.16 -32.46 -1.49
C GLN A 941 43.21 -32.45 -1.46
N ALA A 942 43.58 -32.05 -2.67
CA ALA A 942 43.23 -30.73 -3.20
C ALA A 942 41.72 -30.56 -3.27
N LEU A 943 41.02 -31.57 -3.76
CA LEU A 943 39.57 -31.52 -3.85
C LEU A 943 38.96 -31.32 -2.47
N LYS A 944 39.49 -32.03 -1.48
CA LYS A 944 39.00 -31.92 -0.11
C LYS A 944 39.19 -30.51 0.43
N LEU A 945 40.42 -29.98 0.32
CA LEU A 945 40.74 -28.66 0.82
C LEU A 945 39.86 -27.60 0.17
N THR A 946 39.58 -27.78 -1.12
CA THR A 946 38.77 -26.82 -1.85
C THR A 946 37.35 -26.77 -1.29
N ALA A 947 36.76 -27.95 -1.10
CA ALA A 947 35.41 -28.04 -0.57
C ALA A 947 35.33 -27.48 0.85
N ASN A 948 36.28 -27.86 1.69
CA ASN A 948 36.29 -27.45 3.09
C ASN A 948 36.66 -25.99 3.31
N SER A 949 36.97 -25.29 2.23
CA SER A 949 37.28 -23.86 2.31
C SER A 949 36.11 -23.02 1.81
N MET A 950 35.13 -23.67 1.19
CA MET A 950 34.03 -22.96 0.55
C MET A 950 33.23 -22.06 1.49
N TYR A 951 33.11 -22.46 2.76
CA TYR A 951 32.34 -21.67 3.71
C TYR A 951 32.89 -20.25 3.82
N GLY A 952 34.21 -20.12 3.72
CA GLY A 952 34.85 -18.82 3.79
C GLY A 952 34.27 -17.84 2.79
N CYS A 953 33.77 -18.35 1.67
CA CYS A 953 33.18 -17.53 0.63
C CYS A 953 32.09 -16.61 1.17
N LEU A 954 31.21 -17.16 2.01
CA LEU A 954 30.06 -16.43 2.48
C LEU A 954 30.14 -16.07 3.97
N GLY A 955 31.14 -16.61 4.65
CA GLY A 955 31.28 -16.41 6.09
C GLY A 955 32.30 -15.37 6.49
N TYR A 956 33.37 -15.25 5.72
CA TYR A 956 34.42 -14.29 6.01
C TYR A 956 33.92 -12.85 5.79
N VAL A 957 34.03 -12.04 6.84
CA VAL A 957 33.47 -10.69 6.83
C VAL A 957 33.93 -9.85 5.63
N ASN A 958 35.19 -9.96 5.28
CA ASN A 958 35.76 -9.15 4.21
C ASN A 958 35.81 -9.90 2.88
N SER A 959 34.92 -10.87 2.72
CA SER A 959 34.84 -11.65 1.50
C SER A 959 34.03 -10.93 0.44
N ARG A 960 34.44 -11.10 -0.81
CA ARG A 960 33.74 -10.51 -1.94
C ARG A 960 32.33 -11.08 -2.06
N PHE A 961 32.14 -12.28 -1.53
CA PHE A 961 30.84 -12.94 -1.59
C PHE A 961 30.21 -13.06 -0.21
N TYR A 962 30.63 -12.20 0.71
CA TYR A 962 30.12 -12.24 2.08
C TYR A 962 28.60 -12.07 2.11
N ALA A 963 27.94 -12.94 2.87
CA ALA A 963 26.49 -12.87 3.03
C ALA A 963 26.13 -13.33 4.44
N LYS A 964 25.78 -12.38 5.30
CA LYS A 964 25.54 -12.66 6.71
C LYS A 964 24.36 -13.59 6.93
N PRO A 965 23.25 -13.37 6.19
CA PRO A 965 22.08 -14.25 6.38
C PRO A 965 22.41 -15.70 6.07
N LEU A 966 23.28 -15.94 5.10
CA LEU A 966 23.68 -17.29 4.75
C LEU A 966 24.64 -17.86 5.78
N ALA A 967 25.59 -17.04 6.21
CA ALA A 967 26.57 -17.46 7.21
C ALA A 967 25.87 -17.90 8.49
N MET A 968 24.98 -17.04 8.97
CA MET A 968 24.20 -17.34 10.18
C MET A 968 23.40 -18.61 9.99
N LEU A 969 22.78 -18.75 8.82
CA LEU A 969 21.96 -19.91 8.51
C LEU A 969 22.79 -21.20 8.60
N VAL A 970 23.99 -21.16 8.03
CA VAL A 970 24.87 -22.32 8.03
C VAL A 970 25.44 -22.57 9.43
N THR A 971 25.67 -21.49 10.16
CA THR A 971 26.24 -21.58 11.50
C THR A 971 25.27 -22.22 12.48
N ASN A 972 24.00 -21.79 12.40
CA ASN A 972 22.98 -22.31 13.30
C ASN A 972 22.74 -23.79 13.08
N LYS A 973 22.63 -24.21 11.83
CA LYS A 973 22.49 -25.63 11.52
C LYS A 973 23.71 -26.40 12.01
N GLY A 974 24.85 -25.72 12.05
CA GLY A 974 26.07 -26.32 12.53
C GLY A 974 26.02 -26.60 14.02
N ARG A 975 25.40 -25.69 14.76
CA ARG A 975 25.25 -25.86 16.21
C ARG A 975 24.34 -27.04 16.50
N GLU A 976 23.19 -27.08 15.83
CA GLU A 976 22.24 -28.17 16.00
C GLU A 976 22.92 -29.52 15.82
N ILE A 977 23.60 -29.68 14.67
CA ILE A 977 24.25 -30.95 14.35
C ILE A 977 25.25 -31.35 15.42
N LEU A 978 26.01 -30.37 15.92
CA LEU A 978 27.00 -30.64 16.95
C LEU A 978 26.33 -31.00 18.27
N MET A 979 25.27 -30.27 18.61
CA MET A 979 24.51 -30.55 19.82
C MET A 979 23.91 -31.95 19.75
N ASN A 980 23.39 -32.30 18.58
CA ASN A 980 22.80 -33.62 18.39
C ASN A 980 23.88 -34.70 18.26
N THR A 981 25.06 -34.30 17.81
CA THR A 981 26.19 -35.23 17.72
C THR A 981 26.60 -35.67 19.12
N ARG A 982 26.41 -34.76 20.08
CA ARG A 982 26.71 -35.05 21.48
C ARG A 982 25.74 -36.10 22.00
N GLN A 983 24.44 -35.87 21.78
CA GLN A 983 23.41 -36.81 22.21
C GLN A 983 23.65 -38.18 21.60
N LEU A 984 24.09 -38.21 20.34
CA LEU A 984 24.39 -39.45 19.66
C LEU A 984 25.53 -40.18 20.35
N ALA A 985 26.58 -39.44 20.69
CA ALA A 985 27.73 -40.01 21.37
C ALA A 985 27.28 -40.65 22.69
N GLU A 986 26.46 -39.92 23.43
CA GLU A 986 25.96 -40.39 24.71
C GLU A 986 25.06 -41.62 24.55
N SER A 987 24.37 -41.72 23.42
CA SER A 987 23.50 -42.86 23.16
C SER A 987 24.32 -44.14 22.96
N MET A 988 25.60 -43.96 22.63
CA MET A 988 26.54 -45.08 22.58
C MET A 988 27.34 -45.16 23.88
N ASN A 989 26.91 -44.42 24.89
CA ASN A 989 27.61 -44.37 26.17
C ASN A 989 29.04 -43.83 26.02
N LEU A 990 29.21 -42.87 25.12
CA LEU A 990 30.49 -42.20 24.96
C LEU A 990 30.43 -40.83 25.63
N LEU A 991 31.59 -40.28 25.96
CA LEU A 991 31.65 -38.96 26.59
C LEU A 991 32.39 -37.99 25.67
N VAL A 992 31.79 -36.84 25.41
CA VAL A 992 32.44 -35.81 24.62
C VAL A 992 33.42 -35.03 25.51
N VAL A 993 34.71 -35.23 25.26
CA VAL A 993 35.76 -34.58 26.04
C VAL A 993 35.96 -33.13 25.60
N TYR A 994 35.84 -32.88 24.30
CA TYR A 994 35.92 -31.54 23.75
C TYR A 994 35.28 -31.52 22.37
N GLY A 995 34.90 -30.34 21.90
CA GLY A 995 34.31 -30.22 20.59
C GLY A 995 34.17 -28.81 20.05
N ASP A 996 34.23 -28.71 18.72
CA ASP A 996 33.95 -27.47 18.01
C ASP A 996 33.57 -27.83 16.58
N THR A 997 33.44 -26.81 15.73
CA THR A 997 32.99 -27.05 14.35
C THR A 997 34.01 -27.82 13.51
N ASP A 998 35.25 -27.85 13.95
CA ASP A 998 36.31 -28.54 13.21
C ASP A 998 36.53 -29.96 13.70
N SER A 999 36.35 -30.19 14.99
CA SER A 999 36.66 -31.49 15.56
C SER A 999 35.88 -31.77 16.85
N VAL A 1000 35.69 -33.05 17.14
CA VAL A 1000 35.04 -33.49 18.36
C VAL A 1000 35.86 -34.63 18.96
N MET A 1001 36.20 -34.50 20.25
CA MET A 1001 36.98 -35.52 20.93
C MET A 1001 36.06 -36.39 21.79
N ILE A 1002 36.21 -37.71 21.66
CA ILE A 1002 35.32 -38.63 22.35
C ILE A 1002 36.09 -39.66 23.18
N ASP A 1003 35.67 -39.82 24.43
CA ASP A 1003 36.20 -40.88 25.29
C ASP A 1003 35.52 -42.19 24.92
N THR A 1004 36.29 -43.12 24.36
CA THR A 1004 35.75 -44.39 23.89
C THR A 1004 35.42 -45.33 25.05
N GLY A 1005 36.09 -45.15 26.18
CA GLY A 1005 35.89 -46.00 27.34
C GLY A 1005 36.65 -47.31 27.23
N CYS A 1006 37.52 -47.41 26.23
CA CYS A 1006 38.32 -48.61 26.02
C CYS A 1006 39.78 -48.35 26.37
N ASP A 1007 40.54 -49.44 26.51
CA ASP A 1007 41.97 -49.35 26.80
C ASP A 1007 42.76 -50.16 25.77
N ASN A 1008 42.14 -50.39 24.62
CA ASN A 1008 42.76 -51.15 23.54
C ASN A 1008 42.54 -50.46 22.20
N TYR A 1009 43.60 -50.39 21.39
CA TYR A 1009 43.52 -49.71 20.10
C TYR A 1009 42.36 -50.24 19.27
N ALA A 1010 42.28 -51.57 19.14
CA ALA A 1010 41.22 -52.20 18.36
C ALA A 1010 39.84 -51.77 18.85
N ASP A 1011 39.55 -52.01 20.12
CA ASP A 1011 38.27 -51.65 20.70
C ASP A 1011 37.98 -50.16 20.52
N ALA A 1012 39.01 -49.35 20.60
CA ALA A 1012 38.86 -47.91 20.48
C ALA A 1012 38.47 -47.53 19.05
N ILE A 1013 39.14 -48.14 18.07
CA ILE A 1013 38.89 -47.84 16.67
C ILE A 1013 37.49 -48.31 16.27
N LYS A 1014 37.06 -49.45 16.79
CA LYS A 1014 35.74 -49.98 16.49
C LYS A 1014 34.66 -49.04 17.02
N ILE A 1015 34.81 -48.60 18.26
CA ILE A 1015 33.91 -47.60 18.82
C ILE A 1015 33.92 -46.36 17.93
N GLY A 1016 35.11 -45.96 17.51
CA GLY A 1016 35.28 -44.77 16.68
C GLY A 1016 34.56 -44.88 15.35
N LEU A 1017 34.64 -46.04 14.72
CA LEU A 1017 33.97 -46.28 13.44
C LEU A 1017 32.47 -46.42 13.63
N GLY A 1018 32.07 -47.04 14.74
CA GLY A 1018 30.66 -47.17 15.07
C GLY A 1018 30.01 -45.81 15.22
N PHE A 1019 30.73 -44.89 15.85
CA PHE A 1019 30.26 -43.53 16.02
C PHE A 1019 30.22 -42.83 14.66
N LYS A 1020 31.21 -43.12 13.83
CA LYS A 1020 31.28 -42.57 12.48
C LYS A 1020 30.04 -42.98 11.67
N ARG A 1021 29.71 -44.26 11.72
CA ARG A 1021 28.53 -44.77 11.00
C ARG A 1021 27.25 -44.15 11.53
N LEU A 1022 27.15 -44.05 12.85
CA LEU A 1022 25.95 -43.50 13.48
C LEU A 1022 25.70 -42.06 13.04
N VAL A 1023 26.76 -41.26 13.02
CA VAL A 1023 26.65 -39.86 12.63
C VAL A 1023 26.19 -39.73 11.18
N ASN A 1024 26.69 -40.60 10.30
CA ASN A 1024 26.34 -40.54 8.90
C ASN A 1024 24.91 -41.00 8.63
N GLU A 1025 24.43 -41.95 9.44
CA GLU A 1025 23.06 -42.44 9.31
C GLU A 1025 22.06 -41.32 9.56
N ARG A 1026 22.41 -40.40 10.48
CA ARG A 1026 21.55 -39.28 10.79
CA ARG A 1026 21.55 -39.27 10.79
C ARG A 1026 21.83 -38.10 9.85
N TYR A 1027 23.03 -38.08 9.28
CA TYR A 1027 23.43 -37.03 8.36
C TYR A 1027 24.17 -37.61 7.17
N ARG A 1028 23.40 -37.93 6.12
CA ARG A 1028 23.91 -38.67 4.97
C ARG A 1028 25.13 -38.04 4.28
N LEU A 1029 25.23 -36.72 4.33
CA LEU A 1029 26.33 -36.02 3.63
C LEU A 1029 27.50 -35.70 4.56
N LEU A 1030 27.36 -36.03 5.84
CA LEU A 1030 28.41 -35.76 6.81
C LEU A 1030 29.26 -37.00 7.07
N GLU A 1031 30.47 -37.02 6.52
CA GLU A 1031 31.37 -38.14 6.68
C GLU A 1031 32.59 -37.74 7.51
N ILE A 1032 32.53 -38.05 8.81
CA ILE A 1032 33.63 -37.72 9.71
C ILE A 1032 34.62 -38.87 9.76
N ASP A 1033 35.83 -38.59 10.26
CA ASP A 1033 36.86 -39.62 10.34
C ASP A 1033 37.75 -39.45 11.56
N ILE A 1034 38.55 -40.48 11.84
CA ILE A 1034 39.45 -40.48 12.98
C ILE A 1034 40.78 -39.82 12.60
N ASP A 1035 41.08 -38.70 13.25
CA ASP A 1035 42.26 -37.91 12.94
C ASP A 1035 43.39 -38.17 13.92
N ASN A 1036 43.05 -38.40 15.18
CA ASN A 1036 44.04 -38.59 16.23
C ASN A 1036 43.60 -39.64 17.24
N VAL A 1037 44.52 -40.51 17.63
CA VAL A 1037 44.24 -41.54 18.63
C VAL A 1037 45.12 -41.34 19.86
N PHE A 1038 44.49 -41.02 20.99
CA PHE A 1038 45.21 -40.78 22.23
C PHE A 1038 45.03 -41.94 23.21
N LYS A 1039 46.08 -42.73 23.39
CA LYS A 1039 46.07 -43.79 24.39
C LYS A 1039 45.82 -43.19 25.77
N LYS A 1040 46.53 -42.11 26.06
CA LYS A 1040 46.29 -41.31 27.26
C LYS A 1040 46.16 -39.85 26.85
N LEU A 1041 45.46 -39.05 27.65
CA LEU A 1041 45.31 -37.64 27.34
C LEU A 1041 45.26 -36.77 28.59
N LEU A 1042 46.31 -35.97 28.79
CA LEU A 1042 46.32 -34.96 29.82
C LEU A 1042 45.91 -33.64 29.18
N LEU A 1043 44.65 -33.26 29.39
CA LEU A 1043 44.05 -32.17 28.64
C LEU A 1043 43.82 -30.89 29.45
N HIS A 1044 44.12 -29.76 28.84
N HIS A 1044 44.13 -29.75 28.85
CA HIS A 1044 43.83 -28.46 29.45
CA HIS A 1044 43.85 -28.44 29.45
C HIS A 1044 43.02 -27.60 28.49
C HIS A 1044 43.03 -27.59 28.49
N ALA A 1045 43.38 -27.64 27.21
CA ALA A 1045 42.64 -26.92 26.18
C ALA A 1045 42.87 -27.60 24.84
N LYS A 1046 42.17 -27.13 23.80
CA LYS A 1046 42.27 -27.75 22.48
C LYS A 1046 43.72 -27.93 22.04
N LYS A 1047 44.53 -26.89 22.21
CA LYS A 1047 45.92 -26.93 21.81
C LYS A 1047 46.85 -26.83 23.01
N LYS A 1048 46.42 -27.38 24.14
CA LYS A 1048 47.22 -27.40 25.36
C LYS A 1048 47.03 -28.73 26.07
N TYR A 1049 47.92 -29.68 25.78
CA TYR A 1049 47.77 -31.03 26.32
C TYR A 1049 49.04 -31.86 26.16
N ALA A 1050 49.13 -32.92 26.95
CA ALA A 1050 50.14 -33.95 26.76
C ALA A 1050 49.42 -35.28 26.54
N ALA A 1051 50.00 -36.17 25.74
CA ALA A 1051 49.32 -37.40 25.40
C ALA A 1051 50.24 -38.43 24.76
N LEU A 1052 49.83 -39.70 24.83
CA LEU A 1052 50.50 -40.77 24.11
C LEU A 1052 49.72 -41.07 22.84
N THR A 1053 50.20 -40.55 21.71
CA THR A 1053 49.51 -40.75 20.45
C THR A 1053 49.93 -42.06 19.80
N VAL A 1054 49.01 -42.65 19.05
CA VAL A 1054 49.27 -43.91 18.36
C VAL A 1054 49.33 -43.70 16.85
N ASN A 1055 50.24 -44.41 16.20
CA ASN A 1055 50.41 -44.29 14.74
C ASN A 1055 50.71 -45.64 14.10
N ASP A 1273 -14.51 7.23 30.01
CA ASP A 1273 -15.48 7.87 30.98
C ASP A 1273 -14.70 8.48 32.14
N VAL A 1274 -13.68 7.74 32.57
CA VAL A 1274 -12.74 8.19 33.58
C VAL A 1274 -12.00 9.43 33.08
N GLU A 1275 -11.29 9.27 31.98
CA GLU A 1275 -10.51 10.35 31.41
C GLU A 1275 -11.40 11.40 30.84
N ARG A 1276 -12.58 11.00 30.39
CA ARG A 1276 -13.52 11.93 29.73
C ARG A 1276 -13.97 13.05 30.67
N PHE A 1277 -14.12 12.73 31.96
CA PHE A 1277 -14.63 13.70 32.92
C PHE A 1277 -13.56 14.33 33.80
N LYS A 1278 -12.30 13.97 33.55
CA LYS A 1278 -11.19 14.44 34.36
C LYS A 1278 -11.15 15.97 34.57
N ASP A 1279 -11.55 16.76 33.58
CA ASP A 1279 -11.56 18.23 33.72
C ASP A 1279 -12.92 18.89 33.86
N THR A 1280 -13.98 18.12 33.95
CA THR A 1280 -15.32 18.66 34.19
C THR A 1280 -15.35 19.27 35.58
N VAL A 1281 -16.36 20.07 35.87
CA VAL A 1281 -16.51 20.64 37.19
C VAL A 1281 -17.76 20.07 37.84
N THR A 1282 -17.78 20.10 39.18
CA THR A 1282 -18.88 19.49 39.93
C THR A 1282 -20.19 20.24 39.77
N LEU A 1283 -21.31 19.55 39.97
CA LEU A 1283 -22.65 20.18 40.05
C LEU A 1283 -22.82 20.60 41.51
N GLU A 1284 -23.02 21.90 41.73
CA GLU A 1284 -23.09 22.46 43.08
C GLU A 1284 -24.55 22.75 43.35
N LEU A 1285 -25.08 22.20 44.46
CA LEU A 1285 -26.48 22.41 44.80
C LEU A 1285 -26.51 23.25 46.05
N SER A 1286 -27.60 24.00 46.20
CA SER A 1286 -27.80 24.78 47.36
C SER A 1286 -29.08 24.29 48.02
N CYS A 1287 -29.07 24.24 49.36
CA CYS A 1287 -30.22 23.71 50.11
C CYS A 1287 -31.30 24.75 50.21
N PRO A 1288 -32.53 24.42 49.79
CA PRO A 1288 -33.58 25.42 49.82
C PRO A 1288 -33.91 25.99 51.20
N CYS A 1290 -31.80 25.93 54.24
CA CYS A 1290 -30.75 26.51 55.05
C CYS A 1290 -29.62 27.15 54.25
N ASP A 1291 -29.58 26.93 52.95
CA ASP A 1291 -28.68 27.62 52.02
C ASP A 1291 -27.27 27.07 51.97
N LYS A 1292 -27.00 25.99 52.69
CA LYS A 1292 -25.68 25.36 52.60
C LYS A 1292 -25.46 24.85 51.16
N ARG A 1293 -24.26 25.10 50.64
CA ARG A 1293 -23.90 24.72 49.27
C ARG A 1293 -23.03 23.50 49.29
N PHE A 1294 -23.22 22.59 48.34
CA PHE A 1294 -22.42 21.38 48.30
C PHE A 1294 -22.41 20.73 46.92
N PRO A 1295 -21.33 20.01 46.59
CA PRO A 1295 -21.31 19.27 45.34
C PRO A 1295 -22.17 18.01 45.40
N PHE A 1296 -22.88 17.71 44.33
CA PHE A 1296 -23.71 16.54 44.28
C PHE A 1296 -23.06 15.53 43.37
N GLY A 1297 -22.70 14.37 43.93
CA GLY A 1297 -21.97 13.35 43.17
C GLY A 1297 -22.73 12.09 42.85
N GLY A 1298 -24.06 12.15 42.88
CA GLY A 1298 -24.89 10.94 42.72
C GLY A 1298 -25.18 10.26 44.07
N ILE A 1299 -25.62 9.01 44.02
CA ILE A 1299 -25.90 8.24 45.22
C ILE A 1299 -24.59 7.69 45.74
N VAL A 1300 -23.85 8.59 46.39
CA VAL A 1300 -22.52 8.35 46.90
C VAL A 1300 -22.43 9.00 48.25
N SER A 1301 -21.40 8.65 48.99
CA SER A 1301 -21.14 9.23 50.29
C SER A 1301 -20.88 10.70 50.27
N SER A 1302 -21.33 11.39 51.31
CA SER A 1302 -21.04 12.77 51.47
C SER A 1302 -21.36 13.21 52.90
N ASN A 1303 -20.54 14.10 53.44
CA ASN A 1303 -20.84 14.74 54.72
C ASN A 1303 -21.94 15.81 54.63
N TYR A 1304 -22.40 16.13 53.42
CA TYR A 1304 -23.39 17.23 53.25
C TYR A 1304 -24.78 16.78 52.92
N TYR A 1305 -24.91 15.66 52.26
CA TYR A 1305 -26.20 15.21 51.82
C TYR A 1305 -26.26 13.70 51.85
N ARG A 1306 -27.49 13.24 51.74
CA ARG A 1306 -27.82 11.84 51.86
C ARG A 1306 -28.94 11.61 50.87
N VAL A 1307 -28.88 10.52 50.12
CA VAL A 1307 -30.04 10.11 49.33
C VAL A 1307 -30.72 9.06 50.16
N SER A 1308 -31.83 9.42 50.76
CA SER A 1308 -32.55 8.50 51.63
C SER A 1308 -33.65 7.86 50.82
N TYR A 1309 -34.42 7.00 51.48
CA TYR A 1309 -35.49 6.30 50.82
C TYR A 1309 -36.60 7.24 50.35
N ASN A 1310 -36.69 8.45 50.87
CA ASN A 1310 -37.69 9.41 50.36
C ASN A 1310 -37.11 10.60 49.60
N GLY A 1311 -35.84 10.51 49.20
CA GLY A 1311 -35.24 11.53 48.37
C GLY A 1311 -33.95 12.09 48.91
N LEU A 1312 -33.51 13.14 48.22
CA LEU A 1312 -32.27 13.85 48.52
C LEU A 1312 -32.46 14.68 49.77
N GLN A 1313 -31.59 14.45 50.75
CA GLN A 1313 -31.73 15.13 52.02
C GLN A 1313 -30.47 15.86 52.43
N CYS A 1314 -30.68 17.09 52.88
CA CYS A 1314 -29.65 17.92 53.40
C CYS A 1314 -29.21 17.50 54.79
N LYS A 1315 -27.92 17.23 55.01
CA LYS A 1315 -27.48 16.75 56.33
C LYS A 1315 -27.40 17.85 57.38
N HIS A 1316 -27.21 19.10 56.98
CA HIS A 1316 -27.09 20.20 57.95
C HIS A 1316 -28.42 20.50 58.64
N CYS A 1317 -29.52 20.50 57.88
CA CYS A 1317 -30.84 20.82 58.43
C CYS A 1317 -31.91 19.72 58.29
N GLU A 1318 -31.56 18.61 57.67
CA GLU A 1318 -32.47 17.47 57.52
C GLU A 1318 -33.64 17.67 56.54
N GLN A 1319 -33.73 18.81 55.87
CA GLN A 1319 -34.82 19.04 54.95
C GLN A 1319 -34.61 18.32 53.63
N LEU A 1320 -35.71 17.79 53.09
CA LEU A 1320 -35.72 17.03 51.86
C LEU A 1320 -35.88 17.96 50.68
N PHE A 1321 -35.11 17.76 49.62
CA PHE A 1321 -35.35 18.49 48.38
C PHE A 1321 -36.59 17.93 47.74
N THR A 1322 -37.41 18.78 47.14
CA THR A 1322 -38.39 18.30 46.20
C THR A 1322 -37.71 18.15 44.86
N PRO A 1323 -38.34 17.38 43.96
CA PRO A 1323 -37.82 17.28 42.60
C PRO A 1323 -37.58 18.62 41.90
N LEU A 1324 -38.53 19.55 41.96
CA LEU A 1324 -38.35 20.88 41.32
C LEU A 1324 -37.20 21.63 41.96
N GLN A 1325 -37.04 21.50 43.28
CA GLN A 1325 -35.87 22.14 43.94
C GLN A 1325 -34.53 21.60 43.47
N LEU A 1326 -34.50 20.36 42.98
CA LEU A 1326 -33.27 19.78 42.46
C LEU A 1326 -33.11 20.13 41.00
N THR A 1327 -34.16 19.96 40.22
CA THR A 1327 -34.05 20.07 38.76
C THR A 1327 -33.88 21.51 38.31
N SER A 1328 -34.48 22.46 39.00
CA SER A 1328 -34.27 23.86 38.68
C SER A 1328 -32.78 24.22 38.80
N GLN A 1329 -32.09 23.61 39.78
CA GLN A 1329 -30.67 23.86 39.96
C GLN A 1329 -29.84 23.13 38.90
N ILE A 1330 -30.22 21.92 38.54
CA ILE A 1330 -29.51 21.24 37.49
C ILE A 1330 -29.57 22.15 36.23
N GLU A 1331 -30.77 22.57 35.88
CA GLU A 1331 -30.99 23.30 34.69
C GLU A 1331 -30.24 24.65 34.74
N HIS A 1332 -30.26 25.31 35.90
CA HIS A 1332 -29.54 26.56 36.08
C HIS A 1332 -28.03 26.39 35.85
N SER A 1333 -27.45 25.32 36.35
CA SER A 1333 -26.03 25.12 36.12
C SER A 1333 -25.75 24.88 34.65
N ILE A 1334 -26.58 24.04 34.02
CA ILE A 1334 -26.39 23.72 32.64
C ILE A 1334 -26.36 25.05 31.87
N ARG A 1335 -27.35 25.89 32.11
CA ARG A 1335 -27.48 27.10 31.35
C ARG A 1335 -26.34 28.09 31.63
N ALA A 1336 -25.77 28.03 32.83
CA ALA A 1336 -24.62 28.87 33.14
C ALA A 1336 -23.47 28.38 32.26
N HIS A 1337 -23.30 27.09 32.19
CA HIS A 1337 -22.24 26.56 31.35
C HIS A 1337 -22.47 26.93 29.87
N ILE A 1338 -23.69 26.81 29.39
CA ILE A 1338 -23.96 27.03 28.00
C ILE A 1338 -23.72 28.49 27.66
N SER A 1339 -24.03 29.37 28.61
CA SER A 1339 -23.83 30.83 28.45
C SER A 1339 -22.32 31.15 28.45
N LEU A 1340 -21.56 30.55 29.34
CA LEU A 1340 -20.13 30.79 29.34
C LEU A 1340 -19.59 30.39 27.98
N TYR A 1341 -20.02 29.22 27.51
CA TYR A 1341 -19.61 28.68 26.22
C TYR A 1341 -19.89 29.64 25.07
N TYR A 1342 -21.08 30.25 25.06
CA TYR A 1342 -21.41 31.25 24.06
C TYR A 1342 -20.77 32.64 24.29
N ALA A 1343 -20.05 32.84 25.39
CA ALA A 1343 -19.29 34.08 25.55
C ALA A 1343 -18.15 34.12 24.53
N GLY A 1344 -17.69 32.95 24.11
CA GLY A 1344 -16.78 32.81 23.02
C GLY A 1344 -15.38 33.25 23.28
N TRP A 1345 -14.89 33.04 24.47
CA TRP A 1345 -13.50 33.32 24.79
C TRP A 1345 -12.59 32.43 23.94
N LEU A 1346 -11.46 32.99 23.53
CA LEU A 1346 -10.49 32.25 22.73
C LEU A 1346 -9.18 32.34 23.43
N GLN A 1347 -8.36 31.33 23.20
CA GLN A 1347 -7.03 31.27 23.77
C GLN A 1347 -5.97 30.90 22.72
N CYS A 1348 -4.78 31.47 22.89
CA CYS A 1348 -3.66 31.15 22.03
C CYS A 1348 -2.78 29.98 22.53
N ASP A 1349 -2.59 29.00 21.65
CA ASP A 1349 -1.56 27.93 21.73
C ASP A 1349 -0.21 28.25 22.29
N ASP A 1350 0.36 29.37 21.86
CA ASP A 1350 1.78 29.59 22.06
C ASP A 1350 1.98 29.87 23.54
N SER A 1351 2.80 29.05 24.18
CA SER A 1351 3.02 29.11 25.64
C SER A 1351 3.67 30.45 26.04
N THR A 1352 4.49 31.01 25.15
CA THR A 1352 5.07 32.33 25.34
C THR A 1352 4.13 33.51 24.96
N CYS A 1353 2.82 33.28 24.90
CA CYS A 1353 1.86 34.32 24.54
C CYS A 1353 0.60 34.12 25.37
N GLY A 1354 -0.20 33.12 25.01
CA GLY A 1354 -1.30 32.63 25.84
C GLY A 1354 -2.54 33.53 25.98
N ILE A 1355 -2.59 34.64 25.24
CA ILE A 1355 -3.64 35.63 25.48
C ILE A 1355 -5.04 35.05 25.37
N VAL A 1356 -5.93 35.57 26.18
CA VAL A 1356 -7.33 35.18 26.10
C VAL A 1356 -8.11 36.43 25.75
N THR A 1357 -9.00 36.29 24.79
CA THR A 1357 -9.69 37.43 24.23
C THR A 1357 -10.98 36.90 23.66
N ARG A 1358 -11.93 37.80 23.44
CA ARG A 1358 -13.12 37.45 22.71
C ARG A 1358 -13.08 38.00 21.29
N GLN A 1359 -12.03 38.76 20.96
CA GLN A 1359 -11.84 39.28 19.60
C GLN A 1359 -11.54 38.09 18.68
N VAL A 1360 -12.18 38.07 17.49
CA VAL A 1360 -11.97 37.03 16.49
C VAL A 1360 -11.49 37.72 15.23
N SER A 1361 -10.30 37.37 14.75
CA SER A 1361 -9.86 37.87 13.49
C SER A 1361 -10.63 37.23 12.35
N VAL A 1362 -10.82 38.00 11.29
CA VAL A 1362 -11.42 37.49 10.08
C VAL A 1362 -10.66 36.28 9.52
N PHE A 1363 -9.39 36.08 9.89
CA PHE A 1363 -8.74 34.73 9.84
C PHE A 1363 -8.77 34.15 11.28
N GLY A 1364 -9.80 33.34 11.55
CA GLY A 1364 -10.15 32.92 12.92
C GLY A 1364 -9.02 32.37 13.77
N LYS A 1365 -8.22 31.51 13.17
CA LYS A 1365 -7.18 30.77 13.90
C LYS A 1365 -5.97 31.65 14.19
N ARG A 1366 -5.92 32.82 13.56
CA ARG A 1366 -4.75 33.70 13.67
C ARG A 1366 -4.76 34.54 14.94
N CYS A 1367 -3.62 34.59 15.61
CA CYS A 1367 -3.48 35.32 16.86
C CYS A 1367 -3.36 36.81 16.63
N LEU A 1368 -4.00 37.59 17.46
CA LEU A 1368 -4.00 39.05 17.30
C LEU A 1368 -2.77 39.78 17.85
N ASN A 1369 -1.88 39.09 18.57
CA ASN A 1369 -0.53 39.67 18.92
C ASN A 1369 0.40 39.87 17.73
N ASP A 1370 0.79 41.10 17.47
CA ASP A 1370 1.69 41.34 16.37
C ASP A 1370 2.69 40.18 16.23
N GLY A 1371 2.56 39.42 15.13
CA GLY A 1371 3.62 38.48 14.71
C GLY A 1371 3.60 37.13 15.41
N CYS A 1372 2.65 36.92 16.29
CA CYS A 1372 2.60 35.67 17.02
C CYS A 1372 2.08 34.57 16.09
N THR A 1373 2.73 33.41 16.10
CA THR A 1373 2.40 32.34 15.14
C THR A 1373 1.52 31.25 15.73
N GLY A 1374 1.04 31.45 16.96
CA GLY A 1374 0.24 30.47 17.62
C GLY A 1374 -1.14 30.35 17.02
N VAL A 1375 -1.85 29.29 17.36
CA VAL A 1375 -3.18 29.06 16.84
C VAL A 1375 -4.22 29.36 17.92
N MET A 1376 -5.31 30.00 17.54
CA MET A 1376 -6.34 30.38 18.46
C MET A 1376 -7.39 29.29 18.51
N ARG A 1377 -7.89 29.00 19.72
CA ARG A 1377 -8.93 27.99 19.92
C ARG A 1377 -9.92 28.49 20.93
N TYR A 1378 -11.19 28.20 20.70
CA TYR A 1378 -12.22 28.48 21.66
C TYR A 1378 -11.81 27.87 23.00
N LYS A 1379 -11.72 28.68 24.04
CA LYS A 1379 -11.29 28.24 25.36
C LYS A 1379 -12.29 27.25 26.04
N TYR A 1380 -13.59 27.38 25.82
CA TYR A 1380 -14.57 26.37 26.18
C TYR A 1380 -14.93 25.64 24.93
N SER A 1381 -14.20 24.60 24.60
CA SER A 1381 -14.47 23.87 23.37
C SER A 1381 -15.77 23.13 23.44
N ASP A 1382 -16.33 22.77 22.29
CA ASP A 1382 -17.58 22.07 22.32
C ASP A 1382 -17.45 20.62 22.78
N LYS A 1383 -16.24 20.07 22.70
CA LYS A 1383 -15.92 18.82 23.33
C LYS A 1383 -16.06 18.94 24.86
N GLN A 1384 -15.54 20.05 25.43
CA GLN A 1384 -15.54 20.23 26.87
C GLN A 1384 -16.96 20.39 27.37
N LEU A 1385 -17.77 21.13 26.64
CA LEU A 1385 -19.17 21.36 27.00
C LEU A 1385 -19.95 20.05 26.98
N TYR A 1386 -19.74 19.27 25.94
CA TYR A 1386 -20.41 18.01 25.76
C TYR A 1386 -20.02 17.02 26.89
N ASN A 1387 -18.74 16.96 27.21
CA ASN A 1387 -18.26 16.20 28.33
C ASN A 1387 -18.83 16.63 29.67
N GLN A 1388 -19.03 17.94 29.83
CA GLN A 1388 -19.57 18.49 31.06
C GLN A 1388 -21.03 18.03 31.21
N LEU A 1389 -21.76 18.03 30.11
CA LEU A 1389 -23.14 17.61 30.12
C LEU A 1389 -23.26 16.09 30.29
N LEU A 1390 -22.31 15.34 29.72
CA LEU A 1390 -22.33 13.90 29.84
C LEU A 1390 -22.01 13.50 31.29
N TYR A 1391 -21.23 14.34 31.98
CA TYR A 1391 -20.90 14.11 33.36
C TYR A 1391 -22.16 14.33 34.19
N PHE A 1392 -22.82 15.48 34.00
CA PHE A 1392 -24.08 15.70 34.67
C PHE A 1392 -25.05 14.55 34.46
N ASP A 1393 -25.13 14.05 33.23
CA ASP A 1393 -26.01 12.94 32.89
C ASP A 1393 -25.66 11.67 33.71
N SER A 1394 -24.36 11.42 33.86
CA SER A 1394 -23.91 10.27 34.58
C SER A 1394 -24.39 10.30 36.05
N LEU A 1395 -24.49 11.49 36.64
CA LEU A 1395 -24.90 11.63 38.02
C LEU A 1395 -26.27 11.04 38.29
N PHE A 1396 -27.16 11.13 37.30
CA PHE A 1396 -28.56 10.69 37.42
C PHE A 1396 -28.83 9.40 36.64
N ASP A 1397 -27.76 8.72 36.26
CA ASP A 1397 -27.84 7.46 35.54
C ASP A 1397 -27.87 6.32 36.55
N CYS A 1398 -28.99 5.61 36.63
CA CYS A 1398 -29.16 4.54 37.63
C CYS A 1398 -28.16 3.41 37.48
N GLU A 1399 -28.03 2.89 36.27
CA GLU A 1399 -27.09 1.80 36.03
C GLU A 1399 -25.69 2.22 36.47
N LYS A 1400 -25.27 3.44 36.20
CA LYS A 1400 -23.90 3.87 36.59
C LYS A 1400 -23.74 4.10 38.09
N ASN A 1401 -24.78 4.62 38.71
CA ASN A 1401 -24.83 4.76 40.16
C ASN A 1401 -24.68 3.37 40.84
N LYS A 1402 -25.42 2.38 40.34
CA LYS A 1402 -25.46 1.05 40.93
C LYS A 1402 -24.14 0.34 40.76
N LYS A 1403 -23.53 0.44 39.58
CA LYS A 1403 -22.19 -0.13 39.34
C LYS A 1403 -21.07 0.70 39.98
N GLN A 1404 -21.43 1.79 40.63
CA GLN A 1404 -20.45 2.66 41.30
C GLN A 1404 -19.36 3.21 40.36
N GLU A 1405 -19.78 3.63 39.17
CA GLU A 1405 -18.85 4.08 38.15
C GLU A 1405 -18.76 5.60 38.05
N LEU A 1406 -19.33 6.34 39.00
CA LEU A 1406 -19.23 7.79 38.92
C LEU A 1406 -17.90 8.32 39.42
N LYS A 1407 -17.53 9.48 38.94
CA LYS A 1407 -16.31 10.16 39.33
C LYS A 1407 -16.41 10.72 40.73
N PRO A 1408 -15.36 10.54 41.53
CA PRO A 1408 -15.45 11.03 42.89
C PRO A 1408 -15.53 12.51 42.99
N ILE A 1409 -16.34 13.03 43.89
CA ILE A 1409 -16.38 14.45 44.11
C ILE A 1409 -15.31 15.03 45.00
N TYR A 1410 -14.42 14.22 45.58
CA TYR A 1410 -13.51 14.66 46.66
C TYR A 1410 -12.19 13.91 46.53
N LEU A 1411 -11.05 14.59 46.69
CA LEU A 1411 -9.77 13.91 46.77
C LEU A 1411 -9.58 13.49 48.21
N PRO A 1412 -8.73 12.49 48.47
CA PRO A 1412 -8.58 11.93 49.81
C PRO A 1412 -8.07 12.90 50.86
N ASP A 1413 -7.27 13.87 50.43
CA ASP A 1413 -6.76 14.87 51.36
C ASP A 1413 -7.72 16.06 51.55
N ASP A 1414 -8.81 16.11 50.80
N ASP A 1414 -8.82 16.10 50.81
CA ASP A 1414 -9.82 17.15 51.01
CA ASP A 1414 -9.84 17.14 51.04
C ASP A 1414 -10.39 17.05 52.45
C ASP A 1414 -10.35 17.04 52.49
N LEU A 1415 -10.47 18.19 53.14
CA LEU A 1415 -11.05 18.28 54.50
C LEU A 1415 -12.51 17.79 54.59
N ASP A 1416 -13.22 17.85 53.50
CA ASP A 1416 -14.57 17.34 53.42
C ASP A 1416 -14.64 15.92 52.87
N TYR A 1417 -13.51 15.21 52.74
CA TYR A 1417 -13.66 13.81 52.34
C TYR A 1417 -14.69 13.12 53.28
N PRO A 1418 -15.64 12.39 52.69
CA PRO A 1418 -16.72 11.73 53.45
C PRO A 1418 -16.26 10.77 54.53
N GLU A 1424 -22.40 -1.11 48.81
CA GLU A 1424 -22.94 -1.46 47.53
C GLU A 1424 -24.44 -1.73 47.64
N SER A 1425 -24.86 -2.41 48.67
CA SER A 1425 -26.22 -2.89 48.71
C SER A 1425 -27.14 -1.76 49.11
N SER A 1426 -26.65 -0.84 49.93
CA SER A 1426 -27.39 0.42 50.14
C SER A 1426 -27.57 1.23 48.84
N ILE A 1427 -26.51 1.29 48.02
CA ILE A 1427 -26.61 2.06 46.80
C ILE A 1427 -27.64 1.41 45.86
N LYS A 1428 -27.59 0.08 45.69
CA LYS A 1428 -28.57 -0.60 44.84
C LYS A 1428 -29.98 -0.25 45.31
N ALA A 1429 -30.27 -0.51 46.59
CA ALA A 1429 -31.60 -0.26 47.14
C ALA A 1429 -32.00 1.24 46.99
N LEU A 1430 -31.15 2.14 47.50
CA LEU A 1430 -31.46 3.55 47.43
C LEU A 1430 -31.68 4.04 45.97
N THR A 1431 -30.92 3.51 45.03
CA THR A 1431 -31.10 3.87 43.62
C THR A 1431 -32.45 3.44 43.07
N GLU A 1432 -32.94 2.25 43.43
CA GLU A 1432 -34.25 1.81 42.94
C GLU A 1432 -35.37 2.57 43.63
N GLN A 1433 -35.19 2.86 44.91
CA GLN A 1433 -36.16 3.65 45.65
C GLN A 1433 -36.28 5.04 45.06
N ASN A 1434 -35.18 5.62 44.57
CA ASN A 1434 -35.19 6.94 43.94
C ASN A 1434 -35.17 6.96 42.42
N ARG A 1435 -35.53 5.84 41.79
CA ARG A 1435 -35.50 5.79 40.32
C ARG A 1435 -36.19 6.98 39.65
N GLU A 1436 -37.39 7.30 40.14
CA GLU A 1436 -38.21 8.31 39.54
C GLU A 1436 -37.48 9.66 39.62
N LEU A 1437 -36.98 10.01 40.81
CA LEU A 1437 -36.22 11.24 40.99
C LEU A 1437 -35.02 11.30 40.05
N MET A 1438 -34.30 10.18 39.94
CA MET A 1438 -33.12 10.13 39.11
C MET A 1438 -33.47 10.39 37.63
N GLU A 1439 -34.50 9.69 37.16
CA GLU A 1439 -34.90 9.76 35.76
C GLU A 1439 -35.39 11.14 35.47
N THR A 1440 -36.00 11.81 36.45
CA THR A 1440 -36.51 13.13 36.16
C THR A 1440 -35.33 14.10 36.15
N GLY A 1441 -34.42 13.96 37.07
CA GLY A 1441 -33.17 14.70 36.98
C GLY A 1441 -32.41 14.47 35.68
N ARG A 1442 -32.40 13.24 35.24
CA ARG A 1442 -31.73 12.92 34.00
C ARG A 1442 -32.40 13.50 32.77
N SER A 1443 -33.72 13.63 32.79
CA SER A 1443 -34.42 14.14 31.61
C SER A 1443 -34.08 15.61 31.35
N VAL A 1444 -33.79 16.33 32.42
CA VAL A 1444 -33.40 17.74 32.37
C VAL A 1444 -32.04 17.90 31.70
N VAL A 1445 -31.13 16.94 31.90
CA VAL A 1445 -29.85 17.00 31.20
C VAL A 1445 -30.08 16.65 29.74
N GLN A 1446 -30.92 15.66 29.49
CA GLN A 1446 -31.16 15.22 28.13
C GLN A 1446 -31.82 16.29 27.30
N LYS A 1447 -32.53 17.22 27.94
CA LYS A 1447 -33.15 18.30 27.21
C LYS A 1447 -32.09 19.01 26.37
N TYR A 1448 -30.90 19.18 26.94
CA TYR A 1448 -29.81 19.83 26.28
C TYR A 1448 -28.82 18.89 25.56
N LEU A 1449 -28.80 17.61 25.89
CA LEU A 1449 -27.88 16.68 25.22
C LEU A 1449 -28.34 16.28 23.84
N ASN A 1450 -29.62 16.04 23.63
CA ASN A 1450 -30.14 15.78 22.26
C ASN A 1450 -30.02 17.03 21.37
N ASP A 1451 -30.12 18.20 22.00
CA ASP A 1451 -29.93 19.52 21.32
C ASP A 1451 -28.41 19.83 21.07
N CYS A 1452 -27.57 18.81 21.30
CA CYS A 1452 -26.11 18.91 21.15
C CYS A 1452 -25.54 17.62 20.52
N LYS B 6 -7.13 -50.36 -35.41
CA LYS B 6 -6.80 -48.94 -35.25
C LYS B 6 -6.76 -48.34 -36.64
N THR B 7 -7.86 -47.73 -37.07
CA THR B 7 -7.91 -46.96 -38.31
C THR B 7 -6.96 -45.79 -38.11
N ASN B 8 -5.81 -45.84 -38.77
CA ASN B 8 -4.86 -44.74 -38.74
C ASN B 8 -5.56 -43.51 -39.33
N GLY B 9 -5.33 -42.35 -38.70
CA GLY B 9 -5.73 -41.07 -39.25
C GLY B 9 -5.04 -40.80 -40.60
N PRO B 10 -5.45 -39.75 -41.32
CA PRO B 10 -4.85 -39.37 -42.60
C PRO B 10 -3.32 -39.25 -42.54
N SER B 11 -2.62 -39.75 -43.55
CA SER B 11 -1.18 -39.56 -43.72
C SER B 11 -0.85 -38.10 -44.09
N SER B 12 0.43 -37.73 -44.06
CA SER B 12 0.85 -36.39 -44.47
C SER B 12 0.55 -36.14 -45.95
N SER B 13 0.71 -37.14 -46.82
CA SER B 13 0.36 -37.07 -48.24
C SER B 13 -1.15 -36.95 -48.47
N ASP B 14 -1.98 -37.54 -47.62
CA ASP B 14 -3.44 -37.36 -47.71
C ASP B 14 -3.83 -35.91 -47.43
N MET B 15 -3.18 -35.27 -46.44
CA MET B 15 -3.39 -33.85 -46.14
C MET B 15 -2.90 -32.94 -47.28
N GLU B 16 -1.75 -33.25 -47.91
CA GLU B 16 -1.27 -32.52 -49.08
C GLU B 16 -2.30 -32.58 -50.22
N TYR B 17 -2.83 -33.77 -50.50
CA TYR B 17 -3.85 -33.97 -51.51
C TYR B 17 -5.12 -33.16 -51.17
N TYR B 18 -5.55 -33.20 -49.91
CA TYR B 18 -6.74 -32.48 -49.45
C TYR B 18 -6.63 -30.98 -49.67
N TYR B 19 -5.53 -30.36 -49.24
CA TYR B 19 -5.32 -28.93 -49.44
C TYR B 19 -5.10 -28.58 -50.92
N LYS B 20 -4.49 -29.48 -51.70
CA LYS B 20 -4.29 -29.21 -53.12
C LYS B 20 -5.59 -29.16 -53.93
N SER B 21 -6.49 -30.11 -53.66
CA SER B 21 -7.59 -30.43 -54.58
C SER B 21 -8.99 -30.26 -54.00
N LEU B 22 -9.16 -30.27 -52.67
CA LEU B 22 -10.49 -30.39 -52.06
C LEU B 22 -10.87 -29.21 -51.14
N TYR B 23 -9.93 -28.66 -50.37
CA TYR B 23 -10.26 -27.62 -49.39
C TYR B 23 -10.82 -26.34 -50.06
N PRO B 24 -11.98 -25.81 -49.62
CA PRO B 24 -12.67 -24.70 -50.28
C PRO B 24 -12.09 -23.31 -49.93
N PHE B 25 -10.80 -23.08 -50.23
CA PHE B 25 -10.07 -21.84 -49.88
C PHE B 25 -10.79 -20.56 -50.27
N LYS B 26 -11.38 -20.51 -51.47
CA LYS B 26 -12.11 -19.33 -51.96
C LYS B 26 -13.30 -18.99 -51.08
N HIS B 27 -14.07 -19.98 -50.66
CA HIS B 27 -15.27 -19.77 -49.86
C HIS B 27 -14.92 -19.35 -48.43
N ILE B 28 -13.90 -19.98 -47.84
CA ILE B 28 -13.40 -19.61 -46.50
C ILE B 28 -12.78 -18.21 -46.50
N PHE B 29 -12.02 -17.86 -47.52
CA PHE B 29 -11.49 -16.51 -47.68
C PHE B 29 -12.63 -15.48 -47.78
N ASN B 30 -13.60 -15.70 -48.66
CA ASN B 30 -14.72 -14.77 -48.86
C ASN B 30 -15.56 -14.59 -47.59
N TRP B 31 -15.76 -15.68 -46.82
CA TRP B 31 -16.42 -15.63 -45.51
C TRP B 31 -15.69 -14.69 -44.56
N LEU B 32 -14.38 -14.93 -44.33
CA LEU B 32 -13.59 -14.24 -43.32
C LEU B 32 -13.20 -12.81 -43.72
N ASN B 33 -13.20 -12.52 -45.02
CA ASN B 33 -12.89 -11.21 -45.59
C ASN B 33 -14.09 -10.25 -45.60
N HIS B 34 -15.32 -10.77 -45.43
CA HIS B 34 -16.59 -10.03 -45.43
C HIS B 34 -16.83 -9.13 -46.67
N SER B 35 -16.10 -9.39 -47.75
CA SER B 35 -16.15 -8.61 -48.99
C SER B 35 -15.65 -9.45 -50.16
N PRO B 36 -16.10 -9.20 -51.41
CA PRO B 36 -15.51 -9.83 -52.59
C PRO B 36 -14.05 -9.40 -52.86
N LYS B 37 -13.64 -8.20 -52.43
CA LYS B 37 -12.28 -7.69 -52.63
C LYS B 37 -11.46 -7.89 -51.35
N PRO B 38 -10.23 -8.42 -51.42
CA PRO B 38 -9.35 -8.56 -50.26
C PRO B 38 -9.25 -7.28 -49.43
N SER B 39 -9.39 -7.41 -48.12
CA SER B 39 -9.45 -6.32 -47.16
C SER B 39 -8.61 -6.63 -45.92
N ARG B 40 -8.57 -5.68 -44.98
CA ARG B 40 -7.88 -5.85 -43.69
C ARG B 40 -8.52 -6.93 -42.81
N ASP B 41 -9.79 -7.27 -43.03
CA ASP B 41 -10.47 -8.37 -42.33
C ASP B 41 -9.81 -9.72 -42.60
N MET B 42 -9.04 -9.82 -43.68
CA MET B 42 -8.27 -11.01 -44.04
C MET B 42 -6.76 -10.81 -43.84
N ILE B 43 -6.22 -9.69 -44.34
CA ILE B 43 -4.77 -9.36 -44.26
C ILE B 43 -4.30 -9.28 -42.80
N ASN B 44 -5.15 -8.73 -41.91
CA ASN B 44 -4.84 -8.58 -40.50
C ASN B 44 -5.44 -9.68 -39.62
N ARG B 45 -5.95 -10.76 -40.20
CA ARG B 45 -6.52 -11.86 -39.42
C ARG B 45 -5.46 -12.86 -39.02
N GLU B 46 -5.48 -13.26 -37.74
CA GLU B 46 -4.59 -14.30 -37.25
C GLU B 46 -5.06 -15.69 -37.68
N PHE B 47 -4.11 -16.49 -38.13
CA PHE B 47 -4.22 -17.94 -38.24
C PHE B 47 -3.13 -18.61 -37.43
N ALA B 48 -3.51 -19.68 -36.72
CA ALA B 48 -2.55 -20.60 -36.12
C ALA B 48 -2.54 -21.93 -36.87
N MET B 49 -1.37 -22.50 -37.08
CA MET B 49 -1.17 -23.80 -37.72
C MET B 49 -0.68 -24.82 -36.71
N ALA B 50 -1.37 -25.95 -36.59
CA ALA B 50 -0.97 -27.07 -35.76
C ALA B 50 -0.41 -28.19 -36.64
N PHE B 51 0.81 -28.62 -36.37
CA PHE B 51 1.54 -29.60 -37.16
C PHE B 51 1.53 -30.98 -36.52
N ARG B 52 1.72 -32.01 -37.35
CA ARG B 52 1.83 -33.41 -36.92
C ARG B 52 2.91 -33.68 -35.88
N SER B 53 3.97 -32.86 -35.89
CA SER B 53 5.05 -32.92 -34.91
C SER B 53 4.65 -32.45 -33.51
N ASN B 60 0.13 -16.25 -38.16
CA ASN B 60 0.15 -16.22 -39.62
C ASN B 60 -0.98 -15.31 -40.12
N SER B 61 -0.82 -14.70 -41.29
CA SER B 61 -1.87 -13.96 -41.98
C SER B 61 -1.67 -13.98 -43.49
N PHE B 62 -2.77 -13.82 -44.25
CA PHE B 62 -2.81 -14.08 -45.69
C PHE B 62 -3.46 -12.93 -46.45
N ASN B 63 -2.91 -12.59 -47.61
CA ASN B 63 -3.32 -11.39 -48.35
C ASN B 63 -4.36 -11.65 -49.44
N SER B 64 -4.47 -12.88 -49.93
CA SER B 64 -5.37 -13.27 -51.01
C SER B 64 -5.71 -14.75 -50.93
N VAL B 65 -6.69 -15.21 -51.72
CA VAL B 65 -7.03 -16.63 -51.83
C VAL B 65 -5.80 -17.44 -52.26
N GLN B 66 -5.01 -16.91 -53.19
CA GLN B 66 -3.80 -17.55 -53.70
C GLN B 66 -2.72 -17.67 -52.62
N ASP B 67 -2.49 -16.59 -51.85
CA ASP B 67 -1.52 -16.58 -50.75
C ASP B 67 -1.95 -17.56 -49.63
N PHE B 68 -3.23 -17.53 -49.26
CA PHE B 68 -3.79 -18.44 -48.27
C PHE B 68 -3.62 -19.90 -48.68
N LYS B 69 -3.99 -20.24 -49.92
CA LYS B 69 -3.83 -21.60 -50.45
C LYS B 69 -2.36 -22.02 -50.46
N ALA B 70 -1.48 -21.22 -51.06
CA ALA B 70 -0.07 -21.55 -51.22
C ALA B 70 0.65 -21.74 -49.88
N GLN B 71 0.35 -20.92 -48.86
CA GLN B 71 0.96 -21.06 -47.54
C GLN B 71 0.46 -22.30 -46.79
N ILE B 72 -0.84 -22.63 -46.88
CA ILE B 72 -1.37 -23.85 -46.25
C ILE B 72 -0.86 -25.11 -46.95
N GLU B 73 -0.83 -25.14 -48.28
CA GLU B 73 -0.24 -26.25 -49.05
C GLU B 73 1.23 -26.47 -48.69
N LYS B 74 2.02 -25.39 -48.63
CA LYS B 74 3.45 -25.47 -48.26
C LYS B 74 3.67 -25.94 -46.82
N ALA B 75 2.84 -25.49 -45.89
CA ALA B 75 2.98 -25.83 -44.48
C ALA B 75 2.42 -27.22 -44.15
N ASN B 76 1.41 -27.68 -44.89
CA ASN B 76 0.69 -28.94 -44.70
C ASN B 76 0.34 -29.24 -43.22
N PRO B 77 -0.38 -28.32 -42.52
CA PRO B 77 -0.71 -28.53 -41.12
C PRO B 77 -1.78 -29.62 -40.96
N ASP B 78 -1.82 -30.32 -39.81
CA ASP B 78 -2.93 -31.25 -39.53
C ASP B 78 -4.27 -30.50 -39.35
N ARG B 79 -4.20 -29.24 -38.88
CA ARG B 79 -5.31 -28.28 -38.87
C ARG B 79 -4.79 -26.86 -38.77
N PHE B 80 -5.65 -25.90 -39.07
CA PHE B 80 -5.43 -24.51 -38.68
C PHE B 80 -6.65 -23.90 -37.99
N GLU B 81 -6.39 -22.85 -37.23
CA GLU B 81 -7.35 -22.21 -36.35
C GLU B 81 -7.45 -20.73 -36.71
N ILE B 82 -8.66 -20.19 -36.67
CA ILE B 82 -8.99 -18.82 -37.06
C ILE B 82 -9.05 -17.94 -35.81
N GLY B 83 -8.35 -16.82 -35.85
CA GLY B 83 -8.28 -15.84 -34.77
C GLY B 83 -8.92 -14.50 -35.14
N ALA B 84 -8.58 -13.49 -34.34
CA ALA B 84 -9.10 -12.13 -34.48
C ALA B 84 -8.54 -11.40 -35.70
N ILE B 85 -9.26 -10.38 -36.13
CA ILE B 85 -8.79 -9.30 -36.99
C ILE B 85 -8.05 -8.30 -36.09
N TYR B 86 -6.81 -7.99 -36.43
CA TYR B 86 -5.94 -7.06 -35.70
C TYR B 86 -5.85 -5.70 -36.40
N ASN B 87 -5.34 -4.71 -35.68
CA ASN B 87 -4.99 -3.40 -36.24
C ASN B 87 -3.78 -3.43 -37.20
N LYS B 88 -2.92 -4.45 -37.12
CA LYS B 88 -1.75 -4.66 -38.00
C LYS B 88 -1.68 -6.13 -38.46
N PRO B 89 -0.97 -6.47 -39.55
CA PRO B 89 -0.83 -7.85 -40.02
C PRO B 89 -0.14 -8.75 -38.98
N PRO B 90 -0.77 -9.85 -38.51
CA PRO B 90 -0.15 -10.76 -37.53
C PRO B 90 1.21 -11.31 -37.95
N ALA B 103 -6.39 -6.74 -30.99
CA ALA B 103 -7.55 -7.38 -31.61
C ALA B 103 -8.72 -6.38 -31.69
N LEU B 104 -9.36 -6.33 -32.84
CA LEU B 104 -10.46 -5.40 -33.15
C LEU B 104 -11.78 -6.15 -33.25
N GLU B 105 -11.82 -7.22 -34.04
CA GLU B 105 -13.03 -7.98 -34.32
C GLU B 105 -12.73 -9.47 -34.40
N LYS B 106 -13.71 -10.30 -34.05
CA LYS B 106 -13.73 -11.73 -34.36
C LYS B 106 -15.16 -12.23 -34.30
N GLU B 107 -15.53 -13.17 -35.14
CA GLU B 107 -16.78 -13.89 -35.01
C GLU B 107 -17.00 -14.33 -33.55
N LEU B 108 -18.23 -14.18 -33.05
CA LEU B 108 -18.62 -14.75 -31.78
C LEU B 108 -18.77 -16.26 -31.98
N VAL B 109 -18.10 -17.05 -31.13
CA VAL B 109 -18.02 -18.49 -31.31
C VAL B 109 -18.52 -19.24 -30.08
N PHE B 110 -19.13 -20.38 -30.31
CA PHE B 110 -19.53 -21.34 -29.27
C PHE B 110 -19.01 -22.71 -29.64
N ASP B 111 -18.57 -23.47 -28.65
CA ASP B 111 -18.18 -24.87 -28.81
C ASP B 111 -19.02 -25.73 -27.87
N ILE B 112 -19.50 -26.86 -28.39
CA ILE B 112 -20.31 -27.85 -27.69
C ILE B 112 -19.72 -29.21 -28.00
N ASP B 113 -19.31 -29.93 -26.97
CA ASP B 113 -18.83 -31.31 -27.07
C ASP B 113 -19.74 -32.27 -26.29
N MET B 114 -19.63 -33.56 -26.60
CA MET B 114 -20.43 -34.62 -26.01
C MET B 114 -20.00 -34.95 -24.57
N ASP B 115 -18.76 -34.62 -24.18
CA ASP B 115 -18.16 -35.04 -22.90
C ASP B 115 -19.06 -34.77 -21.70
N ASP B 116 -19.66 -33.59 -21.62
CA ASP B 116 -20.54 -33.21 -20.51
C ASP B 116 -21.91 -33.91 -20.52
N TYR B 117 -22.22 -34.69 -21.56
CA TYR B 117 -23.42 -35.52 -21.69
C TYR B 117 -23.10 -37.01 -21.45
N ASP B 118 -21.84 -37.39 -21.25
CA ASP B 118 -21.41 -38.79 -21.10
C ASP B 118 -22.11 -39.49 -19.93
N ALA B 119 -22.40 -38.77 -18.84
CA ALA B 119 -23.13 -39.29 -17.69
C ALA B 119 -24.61 -39.61 -17.97
N PHE B 120 -25.16 -39.24 -19.14
CA PHE B 120 -26.59 -39.41 -19.44
C PHE B 120 -26.85 -40.25 -20.69
N ARG B 121 -25.80 -40.77 -21.34
CA ARG B 121 -25.90 -41.62 -22.52
C ARG B 121 -25.43 -43.04 -22.24
N THR B 122 -26.09 -44.00 -22.87
CA THR B 122 -25.72 -45.43 -22.79
C THR B 122 -25.42 -46.02 -24.18
N CYS B 123 -25.87 -45.35 -25.24
CA CYS B 123 -25.70 -45.81 -26.62
C CYS B 123 -24.24 -45.80 -27.12
N CYS B 124 -23.34 -45.07 -26.45
CA CYS B 124 -21.94 -44.91 -26.80
C CYS B 124 -21.12 -44.77 -25.52
N SER B 125 -19.86 -45.20 -25.56
CA SER B 125 -18.92 -45.07 -24.44
C SER B 125 -17.62 -44.40 -24.88
N GLY B 126 -16.97 -43.72 -23.94
CA GLY B 126 -15.76 -42.95 -24.21
C GLY B 126 -15.98 -42.05 -25.42
N ALA B 127 -15.06 -42.07 -26.37
CA ALA B 127 -15.07 -41.11 -27.46
C ALA B 127 -15.83 -41.54 -28.73
N GLN B 128 -16.75 -42.50 -28.60
CA GLN B 128 -17.72 -42.89 -29.62
C GLN B 128 -18.88 -41.88 -29.72
N VAL B 129 -19.54 -41.82 -30.87
CA VAL B 129 -20.77 -41.05 -31.09
C VAL B 129 -21.65 -41.79 -32.11
N CYS B 130 -22.97 -41.65 -32.00
CA CYS B 130 -23.95 -42.14 -32.97
C CYS B 130 -25.13 -41.15 -33.05
N SER B 131 -26.03 -41.35 -34.01
CA SER B 131 -27.24 -40.54 -34.17
C SER B 131 -28.11 -40.42 -32.92
N LYS B 132 -28.08 -41.41 -32.01
CA LYS B 132 -28.84 -41.36 -30.74
C LYS B 132 -28.32 -40.28 -29.79
N CYS B 133 -27.03 -40.32 -29.44
CA CYS B 133 -26.44 -39.29 -28.57
C CYS B 133 -26.21 -37.97 -29.31
N TRP B 134 -26.11 -37.97 -30.64
CA TRP B 134 -26.05 -36.71 -31.40
C TRP B 134 -27.27 -35.80 -31.15
N LYS B 135 -28.42 -36.37 -30.75
CA LYS B 135 -29.60 -35.59 -30.34
C LYS B 135 -29.31 -34.62 -29.20
N PHE B 136 -28.36 -34.90 -28.29
CA PHE B 136 -27.91 -33.93 -27.28
C PHE B 136 -27.33 -32.68 -27.94
N ILE B 137 -26.44 -32.84 -28.92
CA ILE B 137 -25.85 -31.73 -29.69
C ILE B 137 -26.92 -31.04 -30.55
N SER B 138 -27.82 -31.78 -31.19
CA SER B 138 -28.92 -31.20 -31.97
C SER B 138 -29.82 -30.30 -31.12
N LEU B 139 -30.18 -30.74 -29.91
CA LEU B 139 -30.96 -29.93 -28.96
C LEU B 139 -30.14 -28.73 -28.48
N ALA B 140 -28.86 -28.92 -28.19
CA ALA B 140 -27.98 -27.82 -27.79
C ALA B 140 -27.93 -26.72 -28.86
N MET B 141 -27.75 -27.10 -30.14
CA MET B 141 -27.82 -26.16 -31.27
C MET B 141 -29.19 -25.49 -31.38
N LYS B 142 -30.30 -26.22 -31.23
CA LYS B 142 -31.67 -25.66 -31.28
C LYS B 142 -31.89 -24.60 -30.21
N ILE B 143 -31.50 -24.86 -28.96
CA ILE B 143 -31.70 -23.93 -27.85
C ILE B 143 -30.79 -22.71 -27.99
N THR B 144 -29.51 -22.90 -28.33
CA THR B 144 -28.59 -21.80 -28.59
C THR B 144 -29.06 -20.94 -29.77
N ASN B 145 -29.52 -21.55 -30.86
CA ASN B 145 -30.07 -20.82 -32.02
C ASN B 145 -31.29 -19.99 -31.67
N THR B 146 -32.17 -20.52 -30.80
CA THR B 146 -33.34 -19.77 -30.33
C THR B 146 -32.90 -18.51 -29.61
N ALA B 147 -31.91 -18.59 -28.70
CA ALA B 147 -31.39 -17.41 -28.02
C ALA B 147 -30.70 -16.42 -28.97
N LEU B 148 -29.81 -16.91 -29.85
CA LEU B 148 -29.08 -16.05 -30.79
C LEU B 148 -30.02 -15.29 -31.73
N ARG B 149 -31.09 -15.93 -32.20
CA ARG B 149 -32.06 -15.33 -33.12
C ARG B 149 -33.05 -14.42 -32.40
N GLU B 150 -33.73 -14.93 -31.38
CA GLU B 150 -34.87 -14.25 -30.76
C GLU B 150 -34.45 -13.22 -29.70
N ASP B 151 -33.36 -13.47 -28.98
CA ASP B 151 -32.96 -12.59 -27.87
C ASP B 151 -31.85 -11.61 -28.27
N PHE B 152 -30.91 -12.04 -29.13
CA PHE B 152 -29.80 -11.21 -29.59
C PHE B 152 -30.01 -10.61 -30.98
N GLY B 153 -30.99 -11.10 -31.74
CA GLY B 153 -31.31 -10.61 -33.08
C GLY B 153 -30.26 -10.95 -34.15
N TYR B 154 -29.40 -11.96 -33.90
CA TYR B 154 -28.39 -12.39 -34.86
C TYR B 154 -29.01 -13.16 -36.02
N LYS B 155 -28.47 -12.94 -37.22
CA LYS B 155 -29.00 -13.48 -38.48
C LYS B 155 -28.01 -14.39 -39.19
N ASP B 156 -26.72 -14.11 -39.06
CA ASP B 156 -25.67 -14.68 -39.88
C ASP B 156 -24.77 -15.60 -39.05
N PHE B 157 -25.30 -16.76 -38.66
CA PHE B 157 -24.53 -17.78 -37.96
C PHE B 157 -24.63 -19.15 -38.63
N ILE B 158 -23.56 -19.94 -38.48
CA ILE B 158 -23.47 -21.30 -39.01
C ILE B 158 -22.86 -22.25 -37.97
N TRP B 159 -23.40 -23.46 -37.90
CA TRP B 159 -22.83 -24.55 -37.12
C TRP B 159 -21.94 -25.43 -37.99
N VAL B 160 -20.85 -25.90 -37.41
CA VAL B 160 -19.82 -26.69 -38.09
C VAL B 160 -19.47 -27.88 -37.22
N PHE B 161 -19.49 -29.07 -37.79
CA PHE B 161 -19.11 -30.29 -37.11
C PHE B 161 -17.64 -30.23 -36.67
N SER B 162 -17.34 -30.57 -35.42
CA SER B 162 -15.97 -30.54 -34.90
C SER B 162 -15.12 -31.71 -35.41
N GLY B 163 -15.67 -32.61 -36.23
CA GLY B 163 -14.98 -33.75 -36.83
C GLY B 163 -15.02 -35.04 -36.01
N ARG B 164 -15.53 -34.98 -34.77
CA ARG B 164 -15.75 -36.17 -33.94
C ARG B 164 -17.13 -36.21 -33.30
N ARG B 165 -17.35 -35.46 -32.21
CA ARG B 165 -18.57 -35.58 -31.38
C ARG B 165 -19.09 -34.25 -30.84
N GLY B 166 -18.66 -33.13 -31.43
CA GLY B 166 -19.10 -31.79 -31.07
C GLY B 166 -19.42 -30.92 -32.29
N ALA B 167 -19.82 -29.68 -32.02
CA ALA B 167 -20.16 -28.68 -33.04
C ALA B 167 -19.73 -27.28 -32.61
N HIS B 168 -19.22 -26.50 -33.55
CA HIS B 168 -18.81 -25.11 -33.37
C HIS B 168 -19.81 -24.17 -34.04
N CYS B 169 -20.31 -23.16 -33.34
CA CYS B 169 -21.10 -22.09 -33.92
C CYS B 169 -20.19 -20.90 -34.25
N TRP B 170 -20.37 -20.31 -35.42
CA TRP B 170 -19.71 -19.07 -35.85
C TRP B 170 -20.78 -18.01 -36.15
N VAL B 171 -20.89 -16.99 -35.30
CA VAL B 171 -21.79 -15.86 -35.49
C VAL B 171 -21.02 -14.71 -36.13
N SER B 172 -21.38 -14.40 -37.37
CA SER B 172 -20.67 -13.48 -38.25
C SER B 172 -21.38 -12.14 -38.42
N ASP B 173 -22.52 -11.88 -37.76
CA ASP B 173 -23.14 -10.55 -37.76
C ASP B 173 -22.12 -9.47 -37.36
N LYS B 174 -22.10 -8.32 -38.04
CA LYS B 174 -21.17 -7.20 -37.73
C LYS B 174 -21.16 -6.83 -36.24
N ARG B 175 -22.36 -6.77 -35.63
CA ARG B 175 -22.55 -6.53 -34.19
C ARG B 175 -21.93 -7.61 -33.30
N ALA B 176 -21.96 -8.87 -33.72
CA ALA B 176 -21.33 -9.98 -33.00
C ALA B 176 -19.80 -9.94 -33.15
N ARG B 177 -19.30 -9.60 -34.34
CA ARG B 177 -17.86 -9.51 -34.61
C ARG B 177 -17.17 -8.43 -33.77
N ALA B 178 -17.85 -7.30 -33.58
CA ALA B 178 -17.37 -6.14 -32.83
C ALA B 178 -17.55 -6.22 -31.30
N LEU B 179 -18.07 -7.33 -30.74
CA LEU B 179 -18.23 -7.46 -29.30
C LEU B 179 -16.89 -7.44 -28.58
N THR B 180 -16.82 -6.63 -27.52
CA THR B 180 -15.75 -6.65 -26.52
C THR B 180 -15.81 -7.94 -25.69
N ASP B 181 -14.71 -8.29 -25.03
CA ASP B 181 -14.65 -9.46 -24.15
C ASP B 181 -15.68 -9.42 -23.01
N VAL B 182 -15.98 -8.23 -22.47
CA VAL B 182 -17.05 -8.04 -21.47
C VAL B 182 -18.41 -8.40 -22.07
N GLN B 183 -18.72 -7.92 -23.28
CA GLN B 183 -19.98 -8.23 -23.93
C GLN B 183 -20.07 -9.71 -24.32
N ARG B 184 -18.99 -10.32 -24.82
CA ARG B 184 -18.92 -11.76 -25.09
C ARG B 184 -19.18 -12.59 -23.85
N ARG B 185 -18.59 -12.21 -22.71
CA ARG B 185 -18.85 -12.85 -21.42
C ARG B 185 -20.31 -12.73 -21.01
N ASN B 186 -20.95 -11.57 -21.22
CA ASN B 186 -22.37 -11.38 -20.91
C ASN B 186 -23.28 -12.24 -21.80
N VAL B 187 -22.97 -12.36 -23.10
CA VAL B 187 -23.68 -13.27 -24.01
C VAL B 187 -23.52 -14.72 -23.56
N LEU B 188 -22.29 -15.13 -23.23
CA LEU B 188 -22.02 -16.47 -22.70
C LEU B 188 -22.77 -16.73 -21.39
N ASP B 189 -22.74 -15.82 -20.43
CA ASP B 189 -23.39 -15.99 -19.13
C ASP B 189 -24.93 -16.03 -19.25
N TYR B 190 -25.50 -15.42 -20.29
CA TYR B 190 -26.93 -15.53 -20.63
C TYR B 190 -27.28 -16.93 -21.15
N VAL B 191 -26.45 -17.51 -22.04
CA VAL B 191 -26.72 -18.81 -22.66
C VAL B 191 -26.24 -19.98 -21.78
N ASN B 192 -25.19 -19.81 -20.96
CA ASN B 192 -24.63 -20.85 -20.10
C ASN B 192 -25.39 -20.96 -18.77
N VAL B 193 -26.59 -21.52 -18.83
CA VAL B 193 -27.47 -21.73 -17.65
C VAL B 193 -26.86 -22.76 -16.68
N ILE B 194 -26.33 -23.86 -17.20
CA ILE B 194 -25.76 -24.95 -16.40
C ILE B 194 -24.29 -24.66 -16.12
N ARG B 195 -24.01 -23.82 -15.13
CA ARG B 195 -22.63 -23.42 -14.78
C ARG B 195 -21.88 -24.51 -14.02
N ASP B 196 -22.57 -25.17 -13.10
CA ASP B 196 -22.07 -26.32 -12.36
C ASP B 196 -22.48 -27.59 -13.12
N ARG B 197 -21.48 -28.31 -13.66
CA ARG B 197 -21.69 -29.51 -14.48
C ARG B 197 -21.73 -30.79 -13.64
N ASN B 198 -21.54 -30.70 -12.32
CA ASN B 198 -21.54 -31.85 -11.43
C ASN B 198 -22.95 -32.47 -11.32
N THR B 199 -23.06 -33.75 -11.65
CA THR B 199 -24.34 -34.50 -11.65
C THR B 199 -24.70 -35.09 -10.29
N ASP B 200 -23.77 -35.07 -9.34
CA ASP B 200 -23.95 -35.55 -7.97
C ASP B 200 -24.64 -34.53 -7.05
N LYS B 201 -25.11 -33.41 -7.61
CA LYS B 201 -25.73 -32.32 -6.88
C LYS B 201 -26.93 -31.73 -7.64
N ARG B 202 -27.95 -31.35 -6.87
CA ARG B 202 -29.09 -30.59 -7.38
C ARG B 202 -28.67 -29.20 -7.85
N LEU B 203 -29.06 -28.83 -9.07
CA LEU B 203 -28.81 -27.49 -9.62
C LEU B 203 -29.43 -26.36 -8.80
N ALA B 204 -30.65 -26.58 -8.29
CA ALA B 204 -31.40 -25.59 -7.51
C ALA B 204 -31.49 -24.23 -8.21
N LEU B 205 -31.91 -24.25 -9.49
CA LEU B 205 -31.93 -23.06 -10.33
C LEU B 205 -32.86 -21.98 -9.75
N LYS B 206 -32.50 -20.70 -9.99
CA LYS B 206 -33.24 -19.54 -9.48
C LYS B 206 -34.70 -19.56 -9.97
N ARG B 207 -35.63 -19.29 -9.06
CA ARG B 207 -37.08 -19.19 -9.34
C ARG B 207 -37.58 -17.75 -9.10
N PRO B 208 -38.57 -17.26 -9.88
CA PRO B 208 -39.07 -17.88 -11.11
C PRO B 208 -37.96 -17.95 -12.18
N TYR B 209 -38.13 -18.84 -13.16
CA TYR B 209 -37.18 -18.94 -14.27
C TYR B 209 -37.16 -17.66 -15.09
N HIS B 210 -35.97 -17.25 -15.54
CA HIS B 210 -35.81 -16.23 -16.57
C HIS B 210 -36.56 -16.67 -17.84
N PRO B 211 -37.17 -15.76 -18.63
CA PRO B 211 -37.92 -16.11 -19.84
C PRO B 211 -37.19 -17.07 -20.81
N HIS B 212 -35.90 -16.85 -21.05
CA HIS B 212 -35.06 -17.76 -21.84
C HIS B 212 -35.06 -19.21 -21.31
N LEU B 213 -34.93 -19.36 -19.99
CA LEU B 213 -34.87 -20.66 -19.33
C LEU B 213 -36.25 -21.33 -19.35
N ALA B 214 -37.33 -20.59 -19.11
CA ALA B 214 -38.70 -21.09 -19.22
C ALA B 214 -39.00 -21.56 -20.65
N ARG B 215 -38.67 -20.76 -21.68
CA ARG B 215 -38.81 -21.14 -23.09
C ARG B 215 -37.98 -22.39 -23.42
N SER B 216 -36.74 -22.45 -22.96
CA SER B 216 -35.85 -23.59 -23.19
C SER B 216 -36.40 -24.87 -22.59
N LEU B 217 -36.96 -24.80 -21.36
CA LEU B 217 -37.61 -25.94 -20.73
C LEU B 217 -38.78 -26.47 -21.59
N GLU B 218 -39.67 -25.59 -22.06
CA GLU B 218 -40.80 -26.00 -22.91
C GLU B 218 -40.34 -26.60 -24.25
N GLN B 219 -39.24 -26.13 -24.82
CA GLN B 219 -38.64 -26.70 -26.03
C GLN B 219 -38.01 -28.09 -25.78
N LEU B 220 -37.46 -28.35 -24.59
CA LEU B 220 -36.76 -29.59 -24.26
C LEU B 220 -37.67 -30.69 -23.71
N LYS B 221 -38.74 -30.32 -22.98
CA LYS B 221 -39.71 -31.24 -22.36
C LYS B 221 -40.22 -32.34 -23.32
N PRO B 222 -40.64 -32.05 -24.58
CA PRO B 222 -41.13 -33.07 -25.50
C PRO B 222 -40.09 -34.16 -25.85
N PHE B 223 -38.80 -33.86 -25.72
CA PHE B 223 -37.71 -34.78 -26.03
C PHE B 223 -37.24 -35.60 -24.83
N PHE B 224 -37.59 -35.19 -23.60
CA PHE B 224 -37.09 -35.83 -22.39
C PHE B 224 -37.50 -37.30 -22.28
N VAL B 225 -38.77 -37.62 -22.53
CA VAL B 225 -39.24 -39.02 -22.44
C VAL B 225 -38.53 -39.88 -23.49
N SER B 226 -38.56 -39.47 -24.76
CA SER B 226 -38.03 -40.28 -25.87
C SER B 226 -36.50 -40.41 -25.83
N ILE B 227 -35.77 -39.36 -25.43
CA ILE B 227 -34.30 -39.41 -25.35
C ILE B 227 -33.85 -40.01 -24.02
N MET B 228 -34.24 -39.41 -22.89
CA MET B 228 -33.67 -39.76 -21.58
C MET B 228 -34.31 -41.02 -20.99
N LEU B 229 -35.63 -41.14 -21.03
CA LEU B 229 -36.32 -42.24 -20.34
C LEU B 229 -36.38 -43.52 -21.17
N GLU B 230 -36.35 -43.43 -22.50
CA GLU B 230 -36.53 -44.56 -23.41
C GLU B 230 -35.26 -44.89 -24.22
N GLU B 231 -34.70 -43.97 -25.00
CA GLU B 231 -33.57 -44.28 -25.89
C GLU B 231 -32.23 -44.46 -25.16
N GLN B 232 -31.92 -43.57 -24.21
CA GLN B 232 -30.71 -43.67 -23.38
C GLN B 232 -30.96 -44.53 -22.14
N ASN B 233 -32.13 -44.42 -21.51
CA ASN B 233 -32.50 -45.21 -20.33
C ASN B 233 -31.36 -45.34 -19.28
N PRO B 234 -30.66 -44.24 -18.90
CA PRO B 234 -29.42 -44.34 -18.12
C PRO B 234 -29.66 -44.79 -16.67
N TRP B 235 -30.87 -44.61 -16.16
CA TRP B 235 -31.24 -44.88 -14.77
C TRP B 235 -31.87 -46.27 -14.59
N GLU B 236 -31.93 -47.12 -15.63
CA GLU B 236 -32.23 -48.53 -15.40
C GLU B 236 -31.20 -49.18 -14.48
N ASP B 237 -29.93 -48.81 -14.64
CA ASP B 237 -28.88 -49.16 -13.70
C ASP B 237 -29.10 -48.45 -12.36
N ASP B 238 -29.30 -49.23 -11.29
CA ASP B 238 -29.65 -48.70 -9.97
C ASP B 238 -28.52 -47.87 -9.36
N GLN B 239 -27.25 -48.24 -9.59
CA GLN B 239 -26.11 -47.45 -9.12
C GLN B 239 -26.06 -46.10 -9.82
N HIS B 240 -26.29 -46.09 -11.14
CA HIS B 240 -26.33 -44.86 -11.90
C HIS B 240 -27.52 -43.97 -11.50
N ALA B 241 -28.70 -44.54 -11.25
CA ALA B 241 -29.84 -43.82 -10.70
C ALA B 241 -29.52 -43.18 -9.34
N ILE B 242 -28.82 -43.91 -8.45
CA ILE B 242 -28.37 -43.38 -7.16
C ILE B 242 -27.37 -42.22 -7.34
N GLN B 243 -26.52 -42.28 -8.37
CA GLN B 243 -25.46 -41.29 -8.62
C GLN B 243 -25.93 -40.03 -9.35
N THR B 244 -26.95 -40.10 -10.22
CA THR B 244 -27.33 -38.96 -11.09
C THR B 244 -28.81 -38.61 -11.10
N LEU B 245 -29.71 -39.52 -10.70
CA LEU B 245 -31.15 -39.24 -10.58
C LEU B 245 -31.53 -38.77 -9.18
N LEU B 246 -31.15 -39.52 -8.14
CA LEU B 246 -31.46 -39.18 -6.74
C LEU B 246 -30.89 -37.82 -6.30
N PRO B 247 -29.65 -37.42 -6.66
CA PRO B 247 -29.11 -36.15 -6.23
C PRO B 247 -29.82 -34.91 -6.80
N ALA B 248 -30.65 -35.09 -7.83
CA ALA B 248 -31.48 -34.02 -8.38
C ALA B 248 -32.71 -33.69 -7.52
N LEU B 249 -33.06 -34.55 -6.55
CA LEU B 249 -34.19 -34.36 -5.65
C LEU B 249 -33.80 -33.48 -4.45
N TYR B 250 -34.78 -32.80 -3.86
CA TYR B 250 -34.54 -31.84 -2.77
C TYR B 250 -34.68 -32.45 -1.37
N ASP B 251 -35.41 -33.57 -1.23
CA ASP B 251 -35.85 -34.09 0.05
C ASP B 251 -35.14 -35.41 0.40
N LYS B 252 -34.52 -35.45 1.57
CA LYS B 252 -33.75 -36.61 2.02
C LYS B 252 -34.65 -37.82 2.30
N GLN B 253 -35.84 -37.64 2.86
CA GLN B 253 -36.76 -38.74 3.17
C GLN B 253 -37.27 -39.41 1.89
N LEU B 254 -37.57 -38.61 0.86
CA LEU B 254 -37.91 -39.10 -0.48
C LEU B 254 -36.74 -39.88 -1.10
N ILE B 255 -35.52 -39.32 -1.06
CA ILE B 255 -34.31 -39.99 -1.59
C ILE B 255 -34.08 -41.34 -0.90
N ASP B 256 -34.12 -41.38 0.43
CA ASP B 256 -33.91 -42.61 1.21
C ASP B 256 -35.01 -43.65 0.93
N SER B 257 -36.26 -43.21 0.76
CA SER B 257 -37.40 -44.09 0.43
C SER B 257 -37.29 -44.68 -0.97
N LEU B 258 -36.93 -43.86 -1.98
CA LEU B 258 -36.69 -44.32 -3.35
C LEU B 258 -35.49 -45.28 -3.41
N LYS B 259 -34.40 -44.94 -2.73
CA LYS B 259 -33.21 -45.80 -2.67
C LYS B 259 -33.55 -47.17 -2.09
N LYS B 260 -34.31 -47.22 -0.99
CA LYS B 260 -34.79 -48.48 -0.43
C LYS B 260 -35.69 -49.22 -1.41
N TYR B 261 -36.67 -48.53 -2.00
CA TYR B 261 -37.62 -49.13 -2.93
C TYR B 261 -36.94 -49.75 -4.15
N TRP B 262 -35.92 -49.10 -4.72
CA TRP B 262 -35.16 -49.61 -5.86
C TRP B 262 -34.15 -50.70 -5.46
N LEU B 263 -33.65 -50.71 -4.22
CA LEU B 263 -32.88 -51.86 -3.71
C LEU B 263 -33.76 -53.11 -3.58
N ASP B 264 -35.01 -52.93 -3.14
CA ASP B 264 -35.99 -54.02 -3.01
C ASP B 264 -36.57 -54.45 -4.37
N ASN B 265 -36.59 -53.55 -5.36
CA ASN B 265 -37.11 -53.77 -6.72
C ASN B 265 -36.08 -53.31 -7.77
N PRO B 266 -35.01 -54.11 -7.99
CA PRO B 266 -33.89 -53.71 -8.83
C PRO B 266 -34.27 -53.63 -10.32
N ARG B 267 -33.46 -52.89 -11.08
CA ARG B 267 -33.53 -52.76 -12.56
C ARG B 267 -34.85 -52.26 -13.13
N ARG B 268 -35.62 -51.50 -12.36
CA ARG B 268 -36.75 -50.72 -12.90
C ARG B 268 -36.23 -49.75 -13.96
N SER B 269 -36.91 -49.65 -15.09
CA SER B 269 -36.54 -48.74 -16.19
C SER B 269 -36.49 -47.28 -15.73
N SER B 270 -35.78 -46.41 -16.46
CA SER B 270 -35.80 -44.96 -16.21
C SER B 270 -37.22 -44.40 -16.15
N LYS B 271 -38.13 -44.89 -17.01
CA LYS B 271 -39.53 -44.46 -17.05
C LYS B 271 -40.31 -44.87 -15.81
N GLU B 272 -40.10 -46.09 -15.32
CA GLU B 272 -40.68 -46.56 -14.06
C GLU B 272 -40.14 -45.77 -12.88
N LYS B 273 -38.80 -45.62 -12.77
CA LYS B 273 -38.16 -44.83 -11.72
C LYS B 273 -38.64 -43.37 -11.72
N TRP B 274 -38.86 -42.79 -12.90
CA TRP B 274 -39.42 -41.44 -13.03
C TRP B 274 -40.83 -41.32 -12.43
N ASN B 275 -41.67 -42.35 -12.59
CA ASN B 275 -43.01 -42.40 -12.03
C ASN B 275 -43.00 -42.74 -10.53
N ASP B 276 -42.09 -43.61 -10.09
CA ASP B 276 -41.91 -43.97 -8.67
C ASP B 276 -41.65 -42.73 -7.81
N ILE B 277 -40.86 -41.78 -8.34
CA ILE B 277 -40.59 -40.49 -7.67
C ILE B 277 -41.90 -39.78 -7.29
N ASP B 278 -42.88 -39.73 -8.18
CA ASP B 278 -44.14 -39.03 -7.95
C ASP B 278 -45.06 -39.83 -7.01
N GLN B 279 -45.09 -41.16 -7.17
CA GLN B 279 -45.89 -42.06 -6.35
C GLN B 279 -45.42 -42.06 -4.88
N ILE B 280 -44.12 -42.22 -4.65
CA ILE B 280 -43.54 -42.20 -3.31
C ILE B 280 -43.70 -40.80 -2.69
N ALA B 281 -43.44 -39.73 -3.44
CA ALA B 281 -43.64 -38.37 -2.93
C ALA B 281 -45.09 -38.10 -2.50
N THR B 282 -46.07 -38.58 -3.27
CA THR B 282 -47.50 -38.45 -2.92
C THR B 282 -47.85 -39.26 -1.67
N SER B 283 -47.19 -40.40 -1.43
CA SER B 283 -47.39 -41.18 -0.21
C SER B 283 -46.76 -40.54 1.04
N LEU B 284 -45.63 -39.83 0.88
CA LEU B 284 -44.87 -39.20 1.97
C LEU B 284 -45.44 -37.83 2.37
N PHE B 285 -45.74 -36.98 1.41
CA PHE B 285 -46.11 -35.58 1.65
C PHE B 285 -47.62 -35.42 1.71
N LYS B 286 -48.18 -35.48 2.92
CA LYS B 286 -49.62 -35.34 3.19
C LYS B 286 -49.94 -34.07 3.97
N GLY B 287 -51.18 -33.60 3.84
CA GLY B 287 -51.73 -32.49 4.63
C GLY B 287 -51.47 -31.12 4.02
N PRO B 288 -51.68 -30.01 4.78
CA PRO B 288 -51.73 -28.66 4.22
C PRO B 288 -50.44 -28.18 3.54
N LYS B 289 -49.30 -28.82 3.81
CA LYS B 289 -48.00 -28.48 3.20
C LYS B 289 -47.73 -29.26 1.91
N GLN B 290 -48.59 -30.21 1.52
CA GLN B 290 -48.36 -31.08 0.36
C GLN B 290 -48.14 -30.28 -0.94
N ASP B 291 -48.86 -29.18 -1.14
CA ASP B 291 -48.77 -28.38 -2.36
C ASP B 291 -47.38 -27.76 -2.54
N SER B 292 -46.74 -27.36 -1.44
CA SER B 292 -45.37 -26.85 -1.46
C SER B 292 -44.37 -27.93 -1.88
N HIS B 293 -44.55 -29.17 -1.39
CA HIS B 293 -43.73 -30.32 -1.78
C HIS B 293 -43.94 -30.72 -3.24
N ILE B 294 -45.18 -30.68 -3.74
CA ILE B 294 -45.52 -30.96 -5.14
C ILE B 294 -44.86 -29.93 -6.07
N ILE B 295 -44.98 -28.63 -5.75
CA ILE B 295 -44.31 -27.57 -6.51
C ILE B 295 -42.80 -27.81 -6.49
N LYS B 296 -42.22 -28.11 -5.33
CA LYS B 296 -40.77 -28.29 -5.23
C LYS B 296 -40.27 -29.50 -5.99
N LEU B 297 -41.02 -30.60 -6.00
CA LEU B 297 -40.68 -31.79 -6.77
C LEU B 297 -40.73 -31.53 -8.27
N ARG B 298 -41.77 -30.83 -8.73
CA ARG B 298 -41.87 -30.38 -10.13
C ARG B 298 -40.67 -29.52 -10.51
N GLU B 299 -40.28 -28.57 -9.67
CA GLU B 299 -39.08 -27.75 -9.90
C GLU B 299 -37.80 -28.60 -10.02
N CYS B 300 -37.65 -29.62 -9.18
CA CYS B 300 -36.49 -30.53 -9.25
C CYS B 300 -36.47 -31.34 -10.55
N LYS B 301 -37.63 -31.85 -10.98
CA LYS B 301 -37.76 -32.55 -12.26
C LYS B 301 -37.46 -31.64 -13.44
N GLU B 302 -37.94 -30.39 -13.42
CA GLU B 302 -37.63 -29.37 -14.43
C GLU B 302 -36.13 -29.04 -14.49
N ASP B 303 -35.49 -28.83 -13.34
CA ASP B 303 -34.04 -28.62 -13.25
C ASP B 303 -33.28 -29.83 -13.84
N LEU B 304 -33.78 -31.06 -13.65
CA LEU B 304 -33.17 -32.28 -14.19
C LEU B 304 -33.36 -32.43 -15.70
N VAL B 305 -34.51 -32.01 -16.27
CA VAL B 305 -34.69 -31.90 -17.73
C VAL B 305 -33.62 -30.98 -18.32
N LEU B 306 -33.35 -29.85 -17.67
CA LEU B 306 -32.31 -28.92 -18.09
C LEU B 306 -30.91 -29.50 -17.87
N MET B 307 -30.64 -30.14 -16.74
CA MET B 307 -29.35 -30.78 -16.48
C MET B 307 -28.98 -31.80 -17.56
N THR B 308 -29.96 -32.54 -18.07
CA THR B 308 -29.72 -33.64 -19.01
C THR B 308 -29.67 -33.18 -20.46
N LEU B 309 -30.47 -32.19 -20.86
CA LEU B 309 -30.66 -31.82 -22.27
C LEU B 309 -30.25 -30.39 -22.65
N TYR B 310 -30.08 -29.48 -21.69
CA TYR B 310 -29.72 -28.10 -21.99
C TYR B 310 -28.29 -28.00 -22.55
N PRO B 311 -27.97 -27.03 -23.44
CA PRO B 311 -26.62 -26.79 -23.94
C PRO B 311 -25.55 -26.68 -22.85
N LYS B 312 -24.49 -27.49 -22.96
CA LYS B 312 -23.32 -27.49 -22.10
C LYS B 312 -22.12 -26.95 -22.89
N LEU B 313 -22.03 -25.62 -22.97
CA LEU B 313 -21.03 -24.92 -23.77
C LEU B 313 -19.63 -25.04 -23.14
N ASP B 314 -18.58 -25.16 -23.95
CA ASP B 314 -17.21 -24.80 -23.54
C ASP B 314 -17.15 -23.28 -23.41
N VAL B 315 -16.87 -22.82 -22.19
CA VAL B 315 -16.97 -21.42 -21.81
C VAL B 315 -15.75 -20.61 -22.23
N GLU B 316 -14.57 -21.20 -22.43
CA GLU B 316 -13.35 -20.42 -22.62
C GLU B 316 -13.30 -19.80 -24.02
N VAL B 317 -13.63 -20.58 -25.05
CA VAL B 317 -13.54 -20.14 -26.45
C VAL B 317 -14.40 -18.92 -26.78
N THR B 318 -15.51 -18.72 -26.06
CA THR B 318 -16.45 -17.62 -26.30
C THR B 318 -15.98 -16.30 -25.67
N LYS B 319 -15.26 -16.33 -24.54
CA LYS B 319 -15.06 -15.16 -23.65
C LYS B 319 -14.21 -14.05 -24.26
N GLN B 320 -13.17 -14.40 -24.99
CA GLN B 320 -12.19 -13.42 -25.49
C GLN B 320 -12.17 -13.38 -27.00
N THR B 321 -12.03 -12.17 -27.53
CA THR B 321 -11.91 -11.88 -28.96
C THR B 321 -10.70 -12.58 -29.57
N ILE B 322 -9.63 -12.82 -28.80
CA ILE B 322 -8.37 -13.42 -29.28
C ILE B 322 -8.36 -14.96 -29.35
N HIS B 323 -9.42 -15.64 -28.87
CA HIS B 323 -9.43 -17.11 -28.88
C HIS B 323 -9.46 -17.68 -30.30
N LEU B 324 -8.56 -18.63 -30.53
CA LEU B 324 -8.44 -19.39 -31.77
C LEU B 324 -9.44 -20.54 -31.75
N LEU B 325 -10.07 -20.81 -32.88
CA LEU B 325 -10.96 -21.96 -33.05
C LEU B 325 -10.74 -22.61 -34.42
N LYS B 326 -10.80 -23.95 -34.45
CA LYS B 326 -10.53 -24.76 -35.65
C LYS B 326 -11.39 -24.30 -36.84
N ALA B 327 -10.75 -24.11 -37.98
CA ALA B 327 -11.42 -23.66 -39.18
C ALA B 327 -12.43 -24.70 -39.69
N PRO B 328 -13.58 -24.26 -40.23
CA PRO B 328 -14.46 -25.12 -41.01
C PRO B 328 -13.69 -25.82 -42.14
N PHE B 329 -14.11 -27.03 -42.49
CA PHE B 329 -13.47 -27.92 -43.45
C PHE B 329 -12.06 -28.42 -43.06
N CYS B 330 -11.53 -28.15 -41.87
CA CYS B 330 -10.34 -28.90 -41.40
C CYS B 330 -10.63 -30.42 -41.33
N ILE B 331 -9.58 -31.24 -41.45
CA ILE B 331 -9.70 -32.68 -41.23
C ILE B 331 -9.45 -32.99 -39.75
N HIS B 332 -10.26 -33.88 -39.18
CA HIS B 332 -10.00 -34.35 -37.83
C HIS B 332 -8.93 -35.44 -37.85
N PRO B 333 -7.79 -35.26 -37.15
CA PRO B 333 -6.60 -36.11 -37.34
C PRO B 333 -6.81 -37.57 -36.93
N ALA B 334 -7.75 -37.86 -36.02
CA ALA B 334 -8.01 -39.24 -35.60
C ALA B 334 -9.14 -39.95 -36.35
N THR B 335 -10.08 -39.22 -36.94
CA THR B 335 -11.30 -39.80 -37.56
C THR B 335 -11.28 -39.71 -39.08
N GLY B 336 -10.46 -38.80 -39.63
CA GLY B 336 -10.43 -38.49 -41.06
C GLY B 336 -11.64 -37.70 -41.54
N ASN B 337 -12.61 -37.40 -40.67
CA ASN B 337 -13.81 -36.65 -41.02
C ASN B 337 -13.46 -35.19 -41.37
N VAL B 338 -14.12 -34.67 -42.39
CA VAL B 338 -14.12 -33.23 -42.70
C VAL B 338 -15.03 -32.49 -41.69
N CYS B 339 -14.56 -31.36 -41.16
CA CYS B 339 -15.32 -30.48 -40.28
C CYS B 339 -16.35 -29.66 -41.07
N VAL B 340 -17.41 -30.30 -41.56
CA VAL B 340 -18.39 -29.72 -42.48
C VAL B 340 -19.44 -28.83 -41.78
N PRO B 341 -20.06 -27.86 -42.48
CA PRO B 341 -21.27 -27.18 -41.99
C PRO B 341 -22.40 -28.18 -41.70
N ILE B 342 -23.24 -27.82 -40.73
CA ILE B 342 -24.35 -28.64 -40.21
C ILE B 342 -25.67 -28.05 -40.68
N ASP B 343 -26.56 -28.90 -41.18
CA ASP B 343 -27.99 -28.60 -41.36
C ASP B 343 -28.86 -29.41 -40.38
N GLU B 344 -30.19 -29.22 -40.43
CA GLU B 344 -31.14 -29.90 -39.53
C GLU B 344 -31.13 -31.43 -39.68
N SER B 345 -30.65 -31.95 -40.81
CA SER B 345 -30.61 -33.38 -41.10
C SER B 345 -29.30 -34.05 -40.66
N PHE B 346 -28.31 -33.26 -40.23
CA PHE B 346 -26.95 -33.75 -40.00
C PHE B 346 -26.86 -34.75 -38.83
N ALA B 347 -26.10 -35.81 -39.05
CA ALA B 347 -25.59 -36.72 -38.04
C ALA B 347 -24.11 -37.02 -38.34
N PRO B 348 -23.27 -37.37 -37.35
CA PRO B 348 -21.83 -37.52 -37.53
C PRO B 348 -21.42 -38.54 -38.61
N GLU B 349 -22.23 -39.60 -38.81
CA GLU B 349 -22.03 -40.60 -39.86
C GLU B 349 -22.17 -40.04 -41.29
N LYS B 350 -22.78 -38.85 -41.47
CA LYS B 350 -22.89 -38.17 -42.76
C LYS B 350 -21.67 -37.34 -43.11
N ALA B 351 -20.75 -37.11 -42.16
CA ALA B 351 -19.55 -36.34 -42.43
C ALA B 351 -18.62 -37.15 -43.35
N PRO B 352 -18.23 -36.60 -44.53
CA PRO B 352 -17.36 -37.33 -45.43
C PRO B 352 -15.97 -37.48 -44.81
N LYS B 353 -15.36 -38.66 -45.00
CA LYS B 353 -13.96 -38.90 -44.62
C LYS B 353 -13.04 -38.61 -45.78
N LEU B 354 -11.85 -38.10 -45.49
CA LEU B 354 -10.85 -37.79 -46.51
C LEU B 354 -10.51 -39.00 -47.39
N ILE B 355 -10.38 -40.19 -46.83
CA ILE B 355 -10.07 -41.41 -47.60
C ILE B 355 -11.19 -41.77 -48.60
N ASP B 356 -12.44 -41.55 -48.22
CA ASP B 356 -13.59 -41.80 -49.09
C ASP B 356 -13.62 -40.76 -50.21
N LEU B 357 -13.37 -39.48 -49.88
CA LEU B 357 -13.25 -38.40 -50.87
C LEU B 357 -12.11 -38.65 -51.88
N GLN B 358 -10.95 -39.14 -51.41
CA GLN B 358 -9.84 -39.52 -52.31
C GLN B 358 -10.28 -40.65 -53.27
N THR B 359 -10.99 -41.65 -52.77
CA THR B 359 -11.55 -42.75 -53.59
C THR B 359 -12.57 -42.25 -54.61
N GLU B 360 -13.40 -41.27 -54.26
CA GLU B 360 -14.30 -40.61 -55.21
C GLU B 360 -13.54 -39.82 -56.27
N MET B 361 -12.47 -39.11 -55.88
CA MET B 361 -11.63 -38.32 -56.78
C MET B 361 -10.83 -39.17 -57.77
N GLU B 362 -10.45 -40.39 -57.40
CA GLU B 362 -9.81 -41.35 -58.33
C GLU B 362 -10.74 -41.73 -59.49
N LYS B 363 -12.05 -41.80 -59.23
CA LYS B 363 -13.07 -42.08 -60.26
C LYS B 363 -13.42 -40.82 -61.06
N ASN B 364 -13.51 -39.69 -60.38
CA ASN B 364 -13.91 -38.40 -60.92
C ASN B 364 -13.01 -37.31 -60.34
N ASN B 365 -11.96 -36.90 -61.07
CA ASN B 365 -10.96 -35.94 -60.62
C ASN B 365 -11.48 -34.48 -60.54
N ASP B 366 -12.63 -34.29 -59.90
CA ASP B 366 -13.33 -33.02 -59.71
C ASP B 366 -14.08 -33.05 -58.36
N VAL B 367 -13.76 -32.10 -57.47
CA VAL B 367 -14.38 -31.96 -56.15
C VAL B 367 -15.91 -31.84 -56.23
N SER B 368 -16.43 -31.27 -57.32
CA SER B 368 -17.87 -31.09 -57.54
C SER B 368 -18.64 -32.39 -57.69
N LEU B 369 -17.94 -33.50 -57.93
CA LEU B 369 -18.50 -34.84 -58.08
C LEU B 369 -18.31 -35.71 -56.82
N THR B 370 -17.80 -35.13 -55.72
CA THR B 370 -17.58 -35.83 -54.45
C THR B 370 -18.70 -35.57 -53.44
N ALA B 371 -18.76 -36.39 -52.39
CA ALA B 371 -19.66 -36.18 -51.26
C ALA B 371 -19.39 -34.88 -50.47
N LEU B 372 -18.29 -34.16 -50.74
CA LEU B 372 -17.98 -32.88 -50.11
C LEU B 372 -18.77 -31.71 -50.73
N GLN B 373 -19.15 -31.80 -52.01
CA GLN B 373 -19.74 -30.68 -52.74
C GLN B 373 -21.05 -30.15 -52.12
N PRO B 374 -21.99 -30.97 -51.63
CA PRO B 374 -23.20 -30.47 -50.96
C PRO B 374 -22.89 -29.57 -49.75
N PHE B 375 -21.85 -29.90 -48.98
CA PHE B 375 -21.42 -29.09 -47.83
C PHE B 375 -20.74 -27.78 -48.28
N ILE B 376 -19.98 -27.81 -49.38
CA ILE B 376 -19.42 -26.57 -49.99
C ILE B 376 -20.56 -25.67 -50.49
N ASN B 377 -21.59 -26.24 -51.13
CA ASN B 377 -22.76 -25.49 -51.60
C ASN B 377 -23.52 -24.84 -50.45
N GLN B 378 -23.74 -25.58 -49.36
CA GLN B 378 -24.36 -25.05 -48.14
C GLN B 378 -23.56 -23.87 -47.58
N PHE B 379 -22.23 -24.03 -47.47
CA PHE B 379 -21.36 -22.97 -46.97
C PHE B 379 -21.34 -21.76 -47.91
N GLN B 380 -21.31 -21.97 -49.22
CA GLN B 380 -21.38 -20.90 -50.20
C GLN B 380 -22.69 -20.10 -50.06
N ALA B 381 -23.84 -20.77 -49.92
CA ALA B 381 -25.13 -20.10 -49.74
C ALA B 381 -25.15 -19.24 -48.47
N TYR B 382 -24.58 -19.74 -47.37
CA TYR B 382 -24.37 -18.97 -46.15
C TYR B 382 -23.51 -17.72 -46.39
N VAL B 383 -22.34 -17.87 -47.02
CA VAL B 383 -21.44 -16.74 -47.33
C VAL B 383 -22.11 -15.72 -48.23
N SER B 384 -22.87 -16.15 -49.24
CA SER B 384 -23.63 -15.24 -50.10
C SER B 384 -24.69 -14.45 -49.33
N SER B 385 -25.39 -15.07 -48.37
CA SER B 385 -26.33 -14.38 -47.48
C SER B 385 -25.62 -13.35 -46.59
N LEU B 386 -24.51 -13.75 -45.96
CA LEU B 386 -23.70 -12.87 -45.10
C LEU B 386 -23.24 -11.63 -45.87
N LEU B 387 -22.64 -11.80 -47.05
CA LEU B 387 -22.15 -10.66 -47.84
C LEU B 387 -23.28 -9.72 -48.28
N LYS B 388 -24.50 -10.25 -48.52
CA LYS B 388 -25.68 -9.43 -48.81
C LYS B 388 -26.08 -8.59 -47.58
N ASN B 389 -26.04 -9.18 -46.39
CA ASN B 389 -26.36 -8.47 -45.15
C ASN B 389 -25.31 -7.42 -44.79
N GLU B 390 -24.03 -7.71 -45.05
CA GLU B 390 -22.91 -6.78 -44.83
C GLU B 390 -23.02 -5.51 -45.69
N SER C 42 -14.18 38.90 -19.22
CA SER C 42 -15.60 38.67 -19.02
C SER C 42 -16.03 39.42 -17.77
N SER C 43 -17.01 40.31 -17.92
CA SER C 43 -17.61 40.99 -16.79
C SER C 43 -18.18 39.92 -15.84
N SER C 44 -18.08 40.13 -14.52
CA SER C 44 -18.53 39.15 -13.52
C SER C 44 -19.98 38.66 -13.76
N GLU C 45 -20.81 39.47 -14.41
CA GLU C 45 -22.18 39.16 -14.81
C GLU C 45 -22.28 38.18 -15.99
N GLU C 46 -21.44 38.31 -17.02
CA GLU C 46 -21.39 37.33 -18.13
C GLU C 46 -20.89 35.98 -17.65
N GLU C 47 -19.89 35.99 -16.76
CA GLU C 47 -19.39 34.79 -16.12
C GLU C 47 -20.49 34.12 -15.28
N LYS C 48 -21.23 34.89 -14.45
CA LYS C 48 -22.38 34.39 -13.70
C LYS C 48 -23.46 33.80 -14.61
N LYS C 49 -23.80 34.44 -15.72
CA LYS C 49 -24.78 33.93 -16.69
C LYS C 49 -24.32 32.63 -17.35
N LEU C 50 -23.03 32.54 -17.68
CA LEU C 50 -22.44 31.30 -18.21
C LEU C 50 -22.57 30.17 -17.19
N TYR C 51 -22.19 30.40 -15.93
CA TYR C 51 -22.32 29.40 -14.87
C TYR C 51 -23.78 29.10 -14.52
N ALA C 52 -24.71 30.06 -14.64
CA ALA C 52 -26.14 29.78 -14.48
C ALA C 52 -26.65 28.83 -15.57
N ARG C 53 -26.17 28.99 -16.82
CA ARG C 53 -26.54 28.13 -17.95
C ARG C 53 -25.85 26.76 -17.92
N LEU C 54 -24.58 26.71 -17.55
CA LEU C 54 -23.80 25.47 -17.42
C LEU C 54 -24.30 24.57 -16.27
N TYR C 55 -25.02 25.15 -15.30
CA TYR C 55 -25.47 24.51 -14.07
C TYR C 55 -26.96 24.70 -13.82
N GLU C 56 -27.76 24.67 -14.88
CA GLU C 56 -29.21 24.62 -14.71
C GLU C 56 -29.61 23.37 -13.90
N SER C 57 -28.85 22.29 -14.08
CA SER C 57 -28.85 21.09 -13.24
C SER C 57 -27.71 21.09 -12.21
N LYS C 58 -27.98 20.52 -11.04
CA LYS C 58 -27.00 20.30 -9.94
C LYS C 58 -25.86 19.32 -10.29
N LEU C 59 -25.91 18.75 -11.50
CA LEU C 59 -25.00 17.78 -12.07
C LEU C 59 -24.58 18.25 -13.46
N SER C 60 -23.35 17.93 -13.90
CA SER C 60 -22.82 18.35 -15.20
C SER C 60 -21.98 17.23 -15.83
N PHE C 61 -21.95 17.18 -17.16
CA PHE C 61 -21.01 16.35 -17.93
C PHE C 61 -19.66 17.03 -18.17
N TYR C 62 -19.49 18.27 -17.68
CA TYR C 62 -18.24 19.04 -17.83
C TYR C 62 -17.84 19.23 -19.30
N ASP C 63 -18.82 19.70 -20.08
CA ASP C 63 -18.72 19.79 -21.55
C ASP C 63 -17.96 21.01 -22.04
N LEU C 64 -18.10 22.13 -21.35
CA LEU C 64 -17.48 23.40 -21.71
C LEU C 64 -16.36 23.72 -20.73
N PRO C 65 -15.22 24.27 -21.16
CA PRO C 65 -14.17 24.66 -20.22
C PRO C 65 -14.63 25.81 -19.33
N PRO C 66 -14.18 25.87 -18.06
CA PRO C 66 -14.42 27.03 -17.20
C PRO C 66 -13.90 28.30 -17.87
N GLN C 67 -14.70 29.37 -17.78
CA GLN C 67 -14.28 30.72 -18.13
C GLN C 67 -14.14 31.52 -16.84
N LEU C 72 -3.85 30.99 -7.91
CA LEU C 72 -3.06 29.76 -7.80
C LEU C 72 -3.40 28.95 -6.54
N GLU C 73 -3.74 29.65 -5.45
CA GLU C 73 -4.20 29.04 -4.21
C GLU C 73 -5.52 28.30 -4.42
N GLN C 74 -6.50 28.94 -5.07
CA GLN C 74 -7.76 28.28 -5.42
C GLN C 74 -7.52 27.09 -6.36
N PHE C 75 -6.65 27.25 -7.37
CA PHE C 75 -6.30 26.17 -8.29
C PHE C 75 -5.79 24.93 -7.54
N GLU C 76 -4.86 25.12 -6.62
CA GLU C 76 -4.28 24.01 -5.85
C GLU C 76 -5.26 23.43 -4.83
N ILE C 77 -5.89 24.26 -4.00
CA ILE C 77 -6.82 23.80 -2.95
C ILE C 77 -8.00 23.06 -3.57
N TRP C 78 -8.61 23.60 -4.63
CA TRP C 78 -9.77 22.97 -5.27
C TRP C 78 -9.40 21.63 -5.90
N ALA C 79 -8.23 21.52 -6.51
CA ALA C 79 -7.74 20.26 -7.04
C ALA C 79 -7.46 19.23 -5.94
N ILE C 80 -6.80 19.63 -4.85
CA ILE C 80 -6.52 18.77 -3.69
C ILE C 80 -7.81 18.27 -3.06
N ASP C 81 -8.81 19.14 -2.88
CA ASP C 81 -10.07 18.79 -2.25
C ASP C 81 -10.87 17.77 -3.06
N ARG C 82 -10.96 17.94 -4.39
CA ARG C 82 -11.56 16.91 -5.26
C ARG C 82 -10.75 15.63 -5.23
N LEU C 83 -9.42 15.74 -5.29
CA LEU C 83 -8.53 14.59 -5.30
C LEU C 83 -8.69 13.72 -4.05
N LYS C 84 -8.81 14.33 -2.86
CA LYS C 84 -9.09 13.61 -1.61
C LYS C 84 -10.36 12.78 -1.68
N ILE C 85 -11.44 13.35 -2.23
CA ILE C 85 -12.71 12.62 -2.40
C ILE C 85 -12.52 11.43 -3.36
N LEU C 86 -11.82 11.64 -4.48
CA LEU C 86 -11.58 10.58 -5.46
C LEU C 86 -10.71 9.45 -4.89
N LEU C 87 -9.71 9.78 -4.09
CA LEU C 87 -8.87 8.78 -3.40
C LEU C 87 -9.66 8.02 -2.35
N GLU C 88 -10.57 8.67 -1.62
CA GLU C 88 -11.45 7.99 -0.67
C GLU C 88 -12.41 7.02 -1.38
N ILE C 89 -12.95 7.43 -2.53
CA ILE C 89 -13.76 6.55 -3.40
C ILE C 89 -12.94 5.33 -3.81
N GLU C 90 -11.73 5.52 -4.33
CA GLU C 90 -10.88 4.41 -4.78
C GLU C 90 -10.48 3.48 -3.62
N SER C 91 -10.16 4.04 -2.45
CA SER C 91 -9.91 3.30 -1.22
C SER C 91 -11.12 2.45 -0.82
N CYS C 92 -12.34 2.98 -0.91
CA CYS C 92 -13.53 2.20 -0.59
C CYS C 92 -13.84 1.12 -1.64
N LEU C 93 -13.62 1.41 -2.92
CA LEU C 93 -13.78 0.44 -4.01
C LEU C 93 -12.80 -0.72 -3.87
N SER C 94 -11.52 -0.44 -3.56
CA SER C 94 -10.52 -1.49 -3.33
C SER C 94 -10.82 -2.38 -2.13
N ARG C 95 -11.58 -1.88 -1.15
CA ARG C 95 -12.05 -2.62 0.02
C ARG C 95 -13.39 -3.34 -0.22
N ASN C 96 -13.90 -3.36 -1.45
CA ASN C 96 -15.17 -4.00 -1.85
C ASN C 96 -16.38 -3.54 -1.01
N LYS C 97 -16.41 -2.27 -0.57
CA LYS C 97 -17.57 -1.72 0.14
C LYS C 97 -18.77 -1.59 -0.80
N SER C 98 -19.96 -1.78 -0.26
CA SER C 98 -21.20 -1.57 -1.00
C SER C 98 -21.43 -0.09 -1.34
N ILE C 99 -22.20 0.19 -2.38
CA ILE C 99 -22.50 1.57 -2.82
C ILE C 99 -23.08 2.41 -1.66
N LYS C 100 -23.97 1.83 -0.84
CA LYS C 100 -24.59 2.52 0.31
C LYS C 100 -23.59 2.86 1.41
N GLU C 101 -22.62 1.99 1.68
CA GLU C 101 -21.55 2.27 2.65
C GLU C 101 -20.65 3.39 2.14
N ILE C 102 -20.30 3.35 0.85
CA ILE C 102 -19.49 4.39 0.20
C ILE C 102 -20.21 5.75 0.27
N GLU C 103 -21.50 5.78 -0.05
CA GLU C 103 -22.33 6.98 0.07
C GLU C 103 -22.31 7.55 1.49
N THR C 104 -22.40 6.69 2.51
CA THR C 104 -22.40 7.10 3.92
C THR C 104 -21.06 7.71 4.35
N ILE C 105 -19.95 7.16 3.86
CA ILE C 105 -18.58 7.64 4.17
C ILE C 105 -18.30 8.98 3.47
N ILE C 106 -18.74 9.14 2.23
CA ILE C 106 -18.40 10.31 1.41
C ILE C 106 -19.30 11.50 1.72
N LYS C 107 -20.55 11.29 2.15
CA LYS C 107 -21.49 12.37 2.48
C LYS C 107 -20.91 13.46 3.40
N PRO C 108 -20.23 13.14 4.52
CA PRO C 108 -19.58 14.16 5.35
C PRO C 108 -18.37 14.82 4.65
N GLN C 109 -17.64 14.10 3.80
CA GLN C 109 -16.54 14.70 3.03
C GLN C 109 -17.03 15.70 2.00
N PHE C 110 -18.18 15.46 1.37
CA PHE C 110 -18.78 16.45 0.48
C PHE C 110 -19.09 17.76 1.19
N GLN C 111 -19.72 17.71 2.37
CA GLN C 111 -20.05 18.93 3.12
C GLN C 111 -18.79 19.74 3.48
N LYS C 112 -17.66 19.05 3.73
CA LYS C 112 -16.41 19.70 4.14
C LYS C 112 -15.57 20.20 2.96
N LEU C 113 -15.38 19.37 1.95
CA LEU C 113 -14.36 19.58 0.91
C LEU C 113 -14.98 20.07 -0.39
N LEU C 114 -16.16 19.56 -0.75
CA LEU C 114 -16.76 19.85 -2.04
C LEU C 114 -18.29 19.80 -1.95
N PRO C 115 -18.91 20.86 -1.40
CA PRO C 115 -20.35 20.90 -1.17
C PRO C 115 -21.08 20.68 -2.49
N PHE C 116 -21.94 19.68 -2.53
CA PHE C 116 -22.87 19.48 -3.64
C PHE C 116 -24.26 19.93 -3.21
N ASN C 117 -25.11 20.27 -4.18
CA ASN C 117 -26.48 20.71 -3.94
C ASN C 117 -26.63 22.08 -3.25
N THR C 118 -25.63 22.96 -3.36
CA THR C 118 -25.71 24.34 -2.89
C THR C 118 -26.09 25.30 -4.03
N GLU C 119 -26.77 26.38 -3.68
CA GLU C 119 -27.05 27.49 -4.61
C GLU C 119 -25.86 28.46 -4.72
N SER C 120 -24.79 28.24 -3.93
CA SER C 120 -23.57 29.02 -3.97
C SER C 120 -22.86 28.87 -5.31
N LEU C 121 -22.65 30.00 -6.00
CA LEU C 121 -21.87 30.05 -7.24
C LEU C 121 -20.43 29.58 -7.02
N GLU C 122 -19.85 29.85 -5.84
CA GLU C 122 -18.47 29.51 -5.53
C GLU C 122 -18.26 28.00 -5.39
N ASP C 123 -19.20 27.31 -4.74
CA ASP C 123 -19.15 25.84 -4.63
C ASP C 123 -19.30 25.17 -6.01
N ARG C 124 -20.19 25.71 -6.86
CA ARG C 124 -20.35 25.23 -8.24
C ARG C 124 -19.08 25.46 -9.05
N LYS C 125 -18.46 26.65 -8.94
CA LYS C 125 -17.16 26.95 -9.54
C LYS C 125 -16.11 25.96 -9.04
N LYS C 126 -16.00 25.74 -7.73
CA LYS C 126 -15.04 24.80 -7.14
C LYS C 126 -15.20 23.40 -7.74
N ASP C 127 -16.42 22.91 -7.91
CA ASP C 127 -16.68 21.62 -8.56
C ASP C 127 -16.20 21.57 -10.03
N TYR C 128 -16.50 22.59 -10.84
CA TYR C 128 -16.04 22.63 -12.24
C TYR C 128 -14.53 22.67 -12.31
N TYR C 129 -13.94 23.67 -11.66
CA TYR C 129 -12.54 23.99 -11.85
C TYR C 129 -11.72 22.83 -11.33
N SER C 130 -12.06 22.26 -10.18
CA SER C 130 -11.39 21.06 -9.68
C SER C 130 -11.42 19.91 -10.69
N HIS C 131 -12.56 19.63 -11.34
CA HIS C 131 -12.64 18.60 -12.38
C HIS C 131 -11.66 18.86 -13.53
N PHE C 132 -11.69 20.07 -14.10
CA PHE C 132 -10.82 20.44 -15.22
C PHE C 132 -9.33 20.51 -14.84
N ILE C 133 -9.02 20.93 -13.62
CA ILE C 133 -7.65 20.93 -13.10
C ILE C 133 -7.14 19.49 -12.98
N LEU C 134 -7.97 18.55 -12.51
CA LEU C 134 -7.60 17.15 -12.46
C LEU C 134 -7.47 16.52 -13.86
N ARG C 135 -8.23 16.97 -14.87
CA ARG C 135 -7.97 16.57 -16.28
C ARG C 135 -6.53 16.89 -16.69
N LEU C 136 -6.01 18.06 -16.35
CA LEU C 136 -4.61 18.44 -16.63
C LEU C 136 -3.62 17.52 -15.92
N CYS C 137 -3.92 17.09 -14.68
CA CYS C 137 -3.06 16.22 -13.89
C CYS C 137 -3.02 14.78 -14.44
N PHE C 138 -4.19 14.21 -14.74
CA PHE C 138 -4.36 12.78 -15.03
C PHE C 138 -4.34 12.43 -16.51
N CYS C 139 -4.27 13.40 -17.43
CA CYS C 139 -4.23 13.12 -18.88
C CYS C 139 -2.92 12.46 -19.37
N ARG C 140 -1.84 12.47 -18.56
CA ARG C 140 -0.47 12.20 -19.00
C ARG C 140 -0.15 10.74 -19.34
N SER C 141 -0.69 9.78 -18.60
CA SER C 141 -0.50 8.35 -18.84
C SER C 141 -1.83 7.63 -18.98
N LYS C 142 -1.84 6.49 -19.66
CA LYS C 142 -3.05 5.67 -19.82
C LYS C 142 -3.59 5.21 -18.46
N GLU C 143 -2.70 4.77 -17.57
CA GLU C 143 -3.08 4.30 -16.23
C GLU C 143 -3.72 5.41 -15.40
N LEU C 144 -3.16 6.63 -15.45
CA LEU C 144 -3.72 7.78 -14.75
C LEU C 144 -5.10 8.16 -15.30
N ARG C 145 -5.28 8.12 -16.63
CA ARG C 145 -6.58 8.37 -17.26
C ARG C 145 -7.62 7.34 -16.84
N GLU C 146 -7.29 6.05 -16.89
CA GLU C 146 -8.22 4.98 -16.52
C GLU C 146 -8.64 5.06 -15.04
N LYS C 147 -7.69 5.35 -14.14
CA LYS C 147 -8.00 5.57 -12.71
C LYS C 147 -8.91 6.77 -12.49
N PHE C 148 -8.58 7.91 -13.13
CA PHE C 148 -9.39 9.12 -13.02
C PHE C 148 -10.80 8.91 -13.58
N VAL C 149 -10.94 8.35 -14.79
CA VAL C 149 -12.26 8.07 -15.38
C VAL C 149 -13.09 7.16 -14.48
N ARG C 150 -12.48 6.11 -13.91
CA ARG C 150 -13.19 5.19 -13.01
C ARG C 150 -13.70 5.90 -11.74
N ALA C 151 -12.82 6.63 -11.05
CA ALA C 151 -13.18 7.32 -9.82
C ALA C 151 -14.20 8.44 -10.07
N GLU C 152 -14.02 9.21 -11.14
CA GLU C 152 -14.90 10.32 -11.52
C GLU C 152 -16.28 9.83 -11.98
N THR C 153 -16.35 8.71 -12.71
CA THR C 153 -17.63 8.09 -13.10
C THR C 153 -18.37 7.55 -11.88
N PHE C 154 -17.65 7.01 -10.90
CA PHE C 154 -18.26 6.56 -9.65
C PHE C 154 -18.78 7.76 -8.83
N LEU C 155 -18.02 8.85 -8.78
CA LEU C 155 -18.44 10.11 -8.18
C LEU C 155 -19.74 10.64 -8.83
N PHE C 156 -19.83 10.58 -10.16
CA PHE C 156 -21.05 10.92 -10.89
C PHE C 156 -22.23 10.05 -10.45
N LYS C 157 -22.05 8.73 -10.35
CA LYS C 157 -23.11 7.79 -9.89
C LYS C 157 -23.64 8.15 -8.50
N ILE C 158 -22.73 8.37 -7.54
CA ILE C 158 -23.11 8.75 -6.17
C ILE C 158 -23.93 10.04 -6.18
N ARG C 159 -23.46 11.06 -6.89
CA ARG C 159 -24.15 12.35 -6.93
C ARG C 159 -25.51 12.26 -7.58
N PHE C 160 -25.64 11.50 -8.67
CA PHE C 160 -26.92 11.27 -9.31
C PHE C 160 -27.91 10.59 -8.34
N ASN C 161 -27.48 9.57 -7.60
CA ASN C 161 -28.32 8.90 -6.60
C ASN C 161 -28.74 9.82 -5.43
N MET C 162 -27.91 10.81 -5.10
CA MET C 162 -28.22 11.79 -4.05
C MET C 162 -29.16 12.91 -4.50
N LEU C 163 -29.47 13.02 -5.80
CA LEU C 163 -30.46 13.97 -6.32
C LEU C 163 -31.89 13.52 -6.07
N THR C 164 -32.80 14.48 -6.02
CA THR C 164 -34.24 14.20 -6.02
C THR C 164 -34.68 13.67 -7.39
N SER C 165 -35.76 12.89 -7.45
CA SER C 165 -36.30 12.37 -8.72
C SER C 165 -36.62 13.49 -9.72
N THR C 166 -37.06 14.65 -9.23
CA THR C 166 -37.32 15.84 -10.05
C THR C 166 -36.03 16.39 -10.66
N ASP C 167 -34.96 16.50 -9.87
CA ASP C 167 -33.66 16.99 -10.32
C ASP C 167 -32.99 16.02 -11.29
N GLN C 168 -33.14 14.70 -11.06
CA GLN C 168 -32.67 13.67 -12.01
C GLN C 168 -33.37 13.81 -13.36
N THR C 169 -34.69 13.99 -13.35
CA THR C 169 -35.47 14.15 -14.59
C THR C 169 -35.06 15.41 -15.35
N LYS C 170 -34.89 16.54 -14.65
CA LYS C 170 -34.39 17.79 -15.24
C LYS C 170 -33.00 17.63 -15.85
N PHE C 171 -32.10 16.93 -15.16
CA PHE C 171 -30.75 16.67 -15.66
C PHE C 171 -30.76 15.80 -16.92
N VAL C 172 -31.58 14.75 -16.93
CA VAL C 172 -31.71 13.90 -18.14
C VAL C 172 -32.23 14.71 -19.32
N GLN C 173 -33.20 15.59 -19.09
CA GLN C 173 -33.76 16.46 -20.12
C GLN C 173 -32.73 17.47 -20.64
N SER C 174 -31.88 18.01 -19.76
CA SER C 174 -30.86 19.00 -20.15
C SER C 174 -29.70 18.43 -20.97
N LEU C 180 -33.03 5.82 -24.88
CA LEU C 180 -34.05 5.81 -23.81
C LEU C 180 -35.48 6.00 -24.35
N GLN C 181 -35.89 5.16 -25.31
CA GLN C 181 -37.26 5.18 -25.81
C GLN C 181 -38.15 4.27 -24.99
N PHE C 182 -39.27 4.82 -24.49
CA PHE C 182 -40.31 4.01 -23.86
C PHE C 182 -41.10 3.23 -24.91
N ILE C 183 -41.39 1.96 -24.62
CA ILE C 183 -42.20 1.11 -25.50
C ILE C 183 -43.66 1.55 -25.52
N SER C 184 -44.38 1.25 -26.60
CA SER C 184 -45.82 1.51 -26.66
C SER C 184 -46.60 0.57 -25.72
N ASN C 185 -47.82 0.96 -25.37
CA ASN C 185 -48.71 0.10 -24.58
C ASN C 185 -49.06 -1.19 -25.33
N GLU C 186 -49.07 -1.18 -26.67
CA GLU C 186 -49.28 -2.40 -27.46
C GLU C 186 -48.09 -3.35 -27.37
N GLU C 187 -46.86 -2.85 -27.56
CA GLU C 187 -45.64 -3.67 -27.43
C GLU C 187 -45.51 -4.24 -26.01
N LYS C 188 -45.88 -3.45 -24.98
CA LYS C 188 -45.96 -3.94 -23.59
C LYS C 188 -46.98 -5.05 -23.42
N ALA C 189 -48.14 -4.96 -24.06
CA ALA C 189 -49.19 -5.98 -23.96
C ALA C 189 -48.75 -7.30 -24.61
N GLU C 190 -48.14 -7.22 -25.80
CA GLU C 190 -47.60 -8.37 -26.54
C GLU C 190 -46.55 -9.13 -25.71
N LEU C 191 -45.61 -8.40 -25.11
CA LEU C 191 -44.49 -8.97 -24.35
C LEU C 191 -44.79 -9.15 -22.85
N SER C 192 -46.04 -8.91 -22.42
CA SER C 192 -46.40 -8.74 -21.01
C SER C 192 -45.98 -9.92 -20.13
N HIS C 193 -46.20 -11.16 -20.58
CA HIS C 193 -45.85 -12.37 -19.84
C HIS C 193 -44.34 -12.49 -19.61
N GLN C 194 -43.54 -12.24 -20.65
CA GLN C 194 -42.08 -12.35 -20.63
C GLN C 194 -41.46 -11.22 -19.79
N LEU C 195 -41.98 -10.00 -19.93
CA LEU C 195 -41.56 -8.86 -19.12
C LEU C 195 -41.86 -9.10 -17.64
N TYR C 196 -43.07 -9.59 -17.31
CA TYR C 196 -43.45 -9.87 -15.93
C TYR C 196 -42.59 -10.98 -15.30
N GLN C 197 -42.35 -12.08 -16.02
CA GLN C 197 -41.49 -13.16 -15.53
C GLN C 197 -40.08 -12.66 -15.19
N THR C 198 -39.52 -11.80 -16.03
CA THR C 198 -38.17 -11.25 -15.83
C THR C 198 -38.12 -10.31 -14.61
N VAL C 199 -39.11 -9.44 -14.48
CA VAL C 199 -39.11 -8.36 -13.49
C VAL C 199 -39.67 -8.80 -12.13
N SER C 200 -40.47 -9.87 -12.08
CA SER C 200 -41.12 -10.40 -10.87
C SER C 200 -40.17 -10.56 -9.69
N ALA C 201 -39.00 -11.17 -9.89
CA ALA C 201 -38.03 -11.38 -8.82
C ALA C 201 -37.47 -10.04 -8.32
N SER C 202 -37.19 -9.11 -9.23
CA SER C 202 -36.71 -7.77 -8.88
C SER C 202 -37.75 -6.98 -8.08
N LYS C 223 -43.47 1.43 -16.61
CA LYS C 223 -43.05 1.63 -18.01
C LYS C 223 -41.75 0.89 -18.30
N PHE C 224 -41.55 0.53 -19.57
CA PHE C 224 -40.35 -0.15 -20.04
C PHE C 224 -39.64 0.68 -21.09
N ILE C 225 -38.31 0.68 -21.01
CA ILE C 225 -37.41 1.35 -21.93
C ILE C 225 -36.76 0.28 -22.79
N LYS C 226 -36.75 0.50 -24.11
CA LYS C 226 -36.11 -0.37 -25.09
C LYS C 226 -34.78 0.22 -25.52
N LEU C 227 -33.70 -0.52 -25.32
CA LEU C 227 -32.34 -0.11 -25.65
C LEU C 227 -31.55 -1.31 -26.20
N PRO C 228 -30.49 -1.09 -27.01
CA PRO C 228 -29.53 -2.13 -27.34
C PRO C 228 -28.97 -2.79 -26.08
N PHE C 229 -28.87 -4.12 -26.08
CA PHE C 229 -28.48 -4.86 -24.87
C PHE C 229 -27.05 -4.55 -24.41
N GLU C 230 -26.18 -4.09 -25.32
CA GLU C 230 -24.80 -3.70 -25.08
C GLU C 230 -24.66 -2.56 -24.06
N ASN C 231 -25.71 -1.75 -23.89
CA ASN C 231 -25.73 -0.67 -22.91
C ASN C 231 -26.06 -1.13 -21.49
N VAL C 232 -26.56 -2.36 -21.31
CA VAL C 232 -26.97 -2.92 -20.00
C VAL C 232 -26.39 -4.32 -19.76
N ILE C 233 -25.15 -4.54 -20.19
CA ILE C 233 -24.46 -5.84 -20.07
C ILE C 233 -24.49 -6.38 -18.64
N GLU C 234 -24.31 -5.51 -17.63
CA GLU C 234 -24.36 -5.92 -16.21
C GLU C 234 -25.72 -6.48 -15.78
N LEU C 235 -26.82 -5.96 -16.33
CA LEU C 235 -28.17 -6.43 -16.04
C LEU C 235 -28.50 -7.70 -16.83
N VAL C 236 -27.94 -7.81 -18.03
CA VAL C 236 -28.05 -9.01 -18.88
C VAL C 236 -27.38 -10.21 -18.19
N GLY C 237 -26.16 -10.03 -17.67
CA GLY C 237 -25.43 -11.10 -16.97
C GLY C 237 -26.18 -11.68 -15.77
N ASN C 238 -26.95 -10.83 -15.08
CA ASN C 238 -27.77 -11.22 -13.93
C ASN C 238 -29.21 -11.62 -14.29
N ARG C 239 -29.57 -11.63 -15.58
CA ARG C 239 -30.94 -11.89 -16.08
C ARG C 239 -32.00 -10.99 -15.46
N LEU C 240 -31.66 -9.73 -15.24
CA LEU C 240 -32.55 -8.71 -14.65
C LEU C 240 -33.34 -7.93 -15.70
N VAL C 241 -33.02 -8.11 -16.98
CA VAL C 241 -33.69 -7.47 -18.12
C VAL C 241 -34.12 -8.51 -19.15
N PHE C 242 -35.25 -8.26 -19.80
CA PHE C 242 -35.76 -9.13 -20.86
C PHE C 242 -35.06 -8.80 -22.18
N LEU C 243 -34.70 -9.81 -22.95
CA LEU C 243 -34.00 -9.67 -24.23
C LEU C 243 -34.85 -10.19 -25.38
N LYS C 244 -34.97 -9.40 -26.45
CA LYS C 244 -35.62 -9.80 -27.71
C LYS C 244 -34.93 -9.06 -28.87
N ASP C 245 -34.54 -9.81 -29.91
CA ASP C 245 -33.99 -9.28 -31.17
C ASP C 245 -32.83 -8.26 -31.00
N GLY C 246 -31.93 -8.49 -30.03
CA GLY C 246 -30.79 -7.60 -29.75
C GLY C 246 -31.13 -6.38 -28.88
N TYR C 247 -32.37 -6.26 -28.41
CA TYR C 247 -32.81 -5.21 -27.51
C TYR C 247 -33.05 -5.74 -26.10
N ALA C 248 -32.67 -4.94 -25.11
CA ALA C 248 -33.01 -5.11 -23.71
C ALA C 248 -34.19 -4.21 -23.33
N TYR C 249 -35.11 -4.77 -22.56
CA TYR C 249 -36.28 -4.11 -22.03
C TYR C 249 -36.07 -3.86 -20.53
N LEU C 250 -35.76 -2.61 -20.20
CA LEU C 250 -35.45 -2.16 -18.85
C LEU C 250 -36.69 -1.55 -18.18
N GLN C 254 -32.11 1.23 -14.92
CA GLN C 254 -30.85 1.05 -15.65
C GLN C 254 -30.34 2.32 -16.34
N GLN C 255 -31.13 3.40 -16.35
CA GLN C 255 -30.78 4.67 -16.98
C GLN C 255 -29.45 5.23 -16.45
N LEU C 256 -29.18 5.09 -15.15
CA LEU C 256 -27.93 5.57 -14.55
C LEU C 256 -26.69 4.90 -15.16
N ASN C 257 -26.77 3.61 -15.49
CA ASN C 257 -25.64 2.90 -16.10
C ASN C 257 -25.35 3.42 -17.50
N LEU C 258 -26.39 3.68 -18.30
CA LEU C 258 -26.25 4.31 -19.62
C LEU C 258 -25.57 5.68 -19.50
N LEU C 259 -26.07 6.55 -18.63
CA LEU C 259 -25.49 7.89 -18.42
C LEU C 259 -24.04 7.83 -17.93
N SER C 260 -23.74 6.87 -17.06
CA SER C 260 -22.39 6.69 -16.53
C SER C 260 -21.40 6.23 -17.60
N ASN C 261 -21.83 5.36 -18.51
CA ASN C 261 -21.00 4.87 -19.61
C ASN C 261 -20.73 5.99 -20.63
N GLU C 262 -21.76 6.77 -20.98
CA GLU C 262 -21.62 7.96 -21.83
C GLU C 262 -20.66 8.99 -21.20
N PHE C 263 -20.84 9.27 -19.91
CA PHE C 263 -19.94 10.15 -19.15
C PHE C 263 -18.49 9.65 -19.19
N ALA C 264 -18.27 8.36 -18.93
CA ALA C 264 -16.93 7.76 -18.93
C ALA C 264 -16.27 7.84 -20.31
N SER C 265 -17.02 7.53 -21.37
CA SER C 265 -16.55 7.58 -22.75
C SER C 265 -16.15 9.00 -23.15
N LYS C 266 -17.04 9.98 -22.90
CA LYS C 266 -16.79 11.39 -23.18
C LYS C 266 -15.59 11.92 -22.40
N LEU C 267 -15.51 11.63 -21.11
CA LEU C 267 -14.38 12.04 -20.27
C LEU C 267 -13.05 11.46 -20.77
N ASN C 268 -13.03 10.18 -21.16
CA ASN C 268 -11.82 9.57 -21.69
C ASN C 268 -11.36 10.23 -23.01
N GLN C 269 -12.29 10.55 -23.91
CA GLN C 269 -11.98 11.29 -25.15
C GLN C 269 -11.42 12.68 -24.84
N GLU C 270 -12.03 13.41 -23.90
CA GLU C 270 -11.56 14.74 -23.50
C GLU C 270 -10.18 14.71 -22.82
N LEU C 271 -9.86 13.68 -22.05
CA LEU C 271 -8.51 13.51 -21.48
C LEU C 271 -7.45 13.31 -22.57
N ILE C 272 -7.77 12.55 -23.63
CA ILE C 272 -6.87 12.36 -24.76
C ILE C 272 -6.64 13.69 -25.49
N LYS C 273 -7.70 14.46 -25.75
CA LYS C 273 -7.58 15.80 -26.35
C LYS C 273 -6.76 16.73 -25.46
N THR C 274 -7.01 16.72 -24.14
CA THR C 274 -6.26 17.53 -23.17
C THR C 274 -4.77 17.22 -23.22
N TYR C 275 -4.40 15.94 -23.30
CA TYR C 275 -3.01 15.51 -23.43
C TYR C 275 -2.34 16.03 -24.70
N GLN C 276 -3.05 16.05 -25.84
CA GLN C 276 -2.52 16.56 -27.11
C GLN C 276 -2.18 18.06 -27.04
N TYR C 277 -2.94 18.84 -26.26
CA TYR C 277 -2.71 20.27 -26.09
C TYR C 277 -1.77 20.61 -24.93
N LEU C 278 -1.51 19.68 -24.02
CA LEU C 278 -0.67 19.88 -22.83
C LEU C 278 0.73 20.46 -23.13
N PRO C 279 1.43 20.08 -24.23
CA PRO C 279 2.75 20.66 -24.52
C PRO C 279 2.75 22.18 -24.70
N ARG C 280 1.63 22.79 -25.12
CA ARG C 280 1.51 24.25 -25.21
C ARG C 280 1.43 24.92 -23.84
N LEU C 281 0.98 24.18 -22.83
CA LEU C 281 0.85 24.65 -21.45
C LEU C 281 2.15 24.51 -20.66
N ASN C 282 3.11 23.72 -21.16
CA ASN C 282 4.44 23.56 -20.55
C ASN C 282 5.25 24.87 -20.53
N LEU C 288 3.04 23.69 -13.74
CA LEU C 288 3.77 22.43 -13.85
C LEU C 288 4.14 21.77 -12.49
N PRO C 289 4.61 22.51 -11.48
CA PRO C 289 4.98 21.90 -10.20
C PRO C 289 3.76 21.31 -9.49
N ILE C 290 2.64 22.04 -9.53
CA ILE C 290 1.37 21.63 -8.92
C ILE C 290 0.82 20.40 -9.65
N LEU C 291 0.80 20.42 -10.98
CA LEU C 291 0.35 19.28 -11.79
C LEU C 291 1.21 18.03 -11.55
N ASN C 292 2.54 18.18 -11.48
CA ASN C 292 3.46 17.09 -11.18
C ASN C 292 3.17 16.53 -9.78
N HIS C 293 3.10 17.41 -8.77
CA HIS C 293 2.84 17.02 -7.39
C HIS C 293 1.49 16.31 -7.22
N LEU C 294 0.42 16.84 -7.79
CA LEU C 294 -0.92 16.23 -7.75
C LEU C 294 -0.95 14.86 -8.44
N SER C 295 -0.29 14.74 -9.60
CA SER C 295 -0.18 13.44 -10.30
C SER C 295 0.61 12.40 -9.49
N SER C 296 1.65 12.84 -8.75
CA SER C 296 2.41 11.98 -7.84
C SER C 296 1.69 11.71 -6.51
N GLY C 297 0.78 12.58 -6.08
CA GLY C 297 -0.03 12.37 -4.87
C GLY C 297 -0.88 11.10 -4.94
N TYR C 298 -1.28 10.67 -6.15
CA TYR C 298 -1.94 9.38 -6.38
C TYR C 298 -1.05 8.17 -6.08
N THR C 299 0.28 8.36 -6.10
CA THR C 299 1.28 7.33 -5.78
C THR C 299 1.85 7.47 -4.37
N ASP C 317 17.88 -17.42 17.59
CA ASP C 317 16.63 -16.99 18.18
C ASP C 317 15.43 -17.69 17.53
N GLU C 318 14.49 -18.23 18.35
CA GLU C 318 13.28 -18.92 17.86
C GLU C 318 12.39 -17.91 17.13
N ILE C 319 12.26 -16.72 17.72
CA ILE C 319 11.53 -15.60 17.15
C ILE C 319 12.59 -14.84 16.37
N ASN C 320 12.48 -14.82 15.04
CA ASN C 320 13.47 -14.16 14.20
C ASN C 320 12.79 -13.58 12.97
N ALA C 321 13.57 -12.90 12.11
CA ALA C 321 13.01 -12.20 10.95
C ALA C 321 12.22 -13.10 9.99
N GLN C 322 12.54 -14.41 9.95
CA GLN C 322 11.82 -15.35 9.09
C GLN C 322 10.64 -15.98 9.84
N SER C 323 10.88 -16.45 11.08
CA SER C 323 9.82 -17.18 11.80
C SER C 323 8.57 -16.38 12.12
N VAL C 324 8.68 -15.04 12.19
CA VAL C 324 7.50 -14.23 12.48
C VAL C 324 6.46 -14.30 11.34
N TRP C 325 6.89 -14.76 10.14
CA TRP C 325 5.97 -14.94 9.01
C TRP C 325 5.40 -16.36 8.96
N SER C 326 5.90 -17.27 9.80
CA SER C 326 5.47 -18.67 9.77
C SER C 326 4.18 -18.90 10.53
N GLU C 327 3.41 -19.92 10.11
CA GLU C 327 2.15 -20.28 10.79
C GLU C 327 2.36 -20.62 12.25
N GLU C 328 3.46 -21.32 12.58
CA GLU C 328 3.72 -21.71 13.97
C GLU C 328 3.73 -20.49 14.89
N ILE C 329 4.34 -19.38 14.44
CA ILE C 329 4.39 -18.19 15.28
C ILE C 329 3.13 -17.36 15.10
N SER C 330 2.74 -17.11 13.83
CA SER C 330 1.61 -16.25 13.52
CA SER C 330 1.59 -16.27 13.47
C SER C 330 0.26 -16.73 14.02
N SER C 331 0.10 -18.06 14.25
CA SER C 331 -1.16 -18.57 14.79
C SER C 331 -1.46 -18.00 16.18
N ASN C 332 -0.44 -17.41 16.85
CA ASN C 332 -0.59 -16.82 18.18
C ASN C 332 -0.95 -15.32 18.15
N TYR C 333 -1.01 -14.72 16.95
CA TYR C 333 -1.25 -13.29 16.86
C TYR C 333 -2.71 -12.94 17.00
N PRO C 334 -2.99 -11.77 17.65
CA PRO C 334 -4.37 -11.27 17.65
C PRO C 334 -4.70 -10.67 16.27
N LEU C 335 -5.97 -10.33 16.07
CA LEU C 335 -6.41 -9.85 14.76
C LEU C 335 -5.72 -8.59 14.29
N CYS C 336 -5.42 -7.61 15.20
CA CYS C 336 -4.72 -6.40 14.75
C CYS C 336 -3.37 -6.72 14.13
N ILE C 337 -2.60 -7.61 14.79
CA ILE C 337 -1.27 -7.97 14.29
C ILE C 337 -1.41 -8.76 12.99
N LYS C 338 -2.50 -9.52 12.91
CA LYS C 338 -2.79 -10.24 11.66
C LYS C 338 -3.04 -9.18 10.59
N ASN C 339 -3.87 -8.19 10.90
CA ASN C 339 -4.22 -7.19 9.86
C ASN C 339 -2.93 -6.50 9.41
N LEU C 340 -2.22 -5.94 10.36
CA LEU C 340 -0.96 -5.23 10.03
C LEU C 340 -0.13 -6.13 9.14
N MET C 341 0.03 -7.38 9.55
CA MET C 341 0.91 -8.30 8.79
C MET C 341 0.40 -8.42 7.35
N GLU C 342 -0.80 -8.95 7.17
CA GLU C 342 -1.36 -9.15 5.81
C GLU C 342 -1.07 -7.89 4.99
N GLY C 343 -1.33 -6.71 5.57
CA GLY C 343 -0.99 -5.47 4.87
C GLY C 343 0.46 -5.45 4.44
N LEU C 344 1.39 -5.35 5.40
CA LEU C 344 2.82 -5.29 5.10
C LEU C 344 3.17 -6.25 3.95
N LYS C 345 2.60 -7.45 3.95
CA LYS C 345 2.91 -8.40 2.88
C LYS C 345 2.30 -7.92 1.55
N LYS C 346 1.08 -7.35 1.61
CA LYS C 346 0.40 -6.90 0.37
C LYS C 346 1.06 -5.66 -0.23
N ASN C 347 1.35 -4.66 0.61
CA ASN C 347 1.84 -3.35 0.15
C ASN C 347 3.32 -3.11 0.20
N HIS C 348 4.06 -4.05 0.84
CA HIS C 348 5.53 -3.94 0.96
C HIS C 348 5.91 -2.69 1.70
N TYR C 352 3.01 5.15 9.14
CA TYR C 352 3.54 5.41 10.48
C TYR C 352 2.91 4.65 11.63
N TYR C 353 1.59 4.85 11.86
CA TYR C 353 1.02 4.20 13.05
C TYR C 353 1.08 2.70 13.01
N GLY C 354 0.89 2.14 11.82
CA GLY C 354 0.99 0.68 11.66
C GLY C 354 2.39 0.18 11.89
N ARG C 355 3.41 0.91 11.38
CA ARG C 355 4.81 0.51 11.64
C ARG C 355 5.11 0.52 13.10
N GLN C 356 4.63 1.54 13.82
CA GLN C 356 4.90 1.63 15.25
C GLN C 356 4.18 0.53 16.00
N GLN C 357 2.88 0.31 15.69
CA GLN C 357 2.13 -0.73 16.41
C GLN C 357 2.78 -2.09 16.21
N LEU C 358 3.16 -2.42 14.95
CA LEU C 358 3.76 -3.73 14.70
C LEU C 358 5.19 -3.81 15.25
N SER C 359 6.02 -2.77 15.04
CA SER C 359 7.41 -2.80 15.53
C SER C 359 7.47 -3.05 17.03
N LEU C 360 6.66 -2.32 17.79
CA LEU C 360 6.68 -2.45 19.24
C LEU C 360 6.12 -3.79 19.70
N PHE C 361 5.09 -4.30 18.99
CA PHE C 361 4.58 -5.64 19.31
C PHE C 361 5.69 -6.67 19.10
N LEU C 362 6.39 -6.61 17.94
CA LEU C 362 7.44 -7.62 17.66
C LEU C 362 8.59 -7.52 18.66
N LYS C 363 8.93 -6.31 19.10
CA LYS C 363 9.92 -6.16 20.16
C LYS C 363 9.41 -6.89 21.43
N GLY C 364 8.13 -6.69 21.76
CA GLY C 364 7.53 -7.31 22.95
C GLY C 364 7.55 -8.83 22.92
N ILE C 365 7.43 -9.46 21.72
CA ILE C 365 7.49 -10.92 21.63
C ILE C 365 8.92 -11.48 21.63
N GLY C 366 9.90 -10.59 21.59
CA GLY C 366 11.30 -11.00 21.66
C GLY C 366 12.11 -10.93 20.36
N LEU C 367 11.60 -10.21 19.35
CA LEU C 367 12.38 -10.04 18.12
C LEU C 367 13.53 -9.11 18.44
N SER C 368 14.80 -9.56 18.23
CA SER C 368 15.93 -8.69 18.58
C SER C 368 16.00 -7.46 17.68
N ALA C 369 16.77 -6.43 18.07
CA ALA C 369 16.93 -5.24 17.25
C ALA C 369 17.52 -5.60 15.87
N ASP C 370 18.53 -6.47 15.85
CA ASP C 370 19.17 -6.86 14.59
C ASP C 370 18.20 -7.64 13.71
N GLU C 371 17.41 -8.55 14.30
CA GLU C 371 16.44 -9.31 13.51
C GLU C 371 15.29 -8.41 13.04
N ALA C 372 14.92 -7.40 13.83
CA ALA C 372 13.85 -6.48 13.41
C ALA C 372 14.29 -5.65 12.21
N LEU C 373 15.56 -5.19 12.18
CA LEU C 373 16.02 -4.44 11.02
C LEU C 373 16.03 -5.31 9.75
N LYS C 374 16.41 -6.61 9.89
CA LYS C 374 16.36 -7.57 8.77
C LYS C 374 14.91 -7.74 8.33
N PHE C 375 13.99 -7.92 9.29
CA PHE C 375 12.57 -8.10 8.99
C PHE C 375 12.02 -6.93 8.15
N TRP C 376 12.26 -5.71 8.60
CA TRP C 376 11.71 -4.53 7.91
C TRP C 376 12.37 -4.33 6.55
N SER C 377 13.70 -4.46 6.49
CA SER C 377 14.42 -4.29 5.20
CA SER C 377 14.35 -4.25 5.19
C SER C 377 13.90 -5.30 4.18
N GLU C 378 13.71 -6.55 4.61
CA GLU C 378 13.22 -7.60 3.72
C GLU C 378 11.77 -7.38 3.33
N ALA C 379 10.94 -6.89 4.26
CA ALA C 379 9.52 -6.69 3.97
C ALA C 379 9.26 -5.47 3.04
N PHE C 380 10.17 -4.48 3.09
CA PHE C 380 10.06 -3.30 2.23
C PHE C 380 10.77 -3.63 0.91
N THR C 381 10.16 -4.55 0.14
CA THR C 381 10.74 -5.12 -1.09
C THR C 381 10.95 -4.11 -2.21
N ASN C 382 10.21 -3.00 -2.19
CA ASN C 382 10.24 -1.93 -3.22
C ASN C 382 10.81 -0.63 -2.66
N PRO C 414 5.65 -1.63 24.44
CA PRO C 414 4.66 -1.99 23.39
C PRO C 414 3.29 -1.42 23.76
N TRP C 415 2.49 -1.08 22.75
CA TRP C 415 1.17 -0.51 23.01
C TRP C 415 0.18 -1.51 23.50
N ASP C 416 -0.66 -1.10 24.49
CA ASP C 416 -1.77 -1.93 24.90
C ASP C 416 -2.97 -1.54 24.02
N CYS C 417 -4.11 -2.26 24.19
CA CYS C 417 -5.27 -1.97 23.34
C CYS C 417 -5.79 -0.57 23.53
N HIS C 418 -5.81 -0.08 24.79
CA HIS C 418 -6.22 1.30 25.06
C HIS C 418 -5.38 2.28 24.22
N THR C 419 -4.07 2.10 24.20
CA THR C 419 -3.18 2.96 23.41
C THR C 419 -3.45 2.84 21.91
N ILE C 420 -3.57 1.60 21.41
CA ILE C 420 -3.85 1.37 20.00
C ILE C 420 -5.16 2.06 19.60
N LEU C 421 -6.21 1.91 20.41
CA LEU C 421 -7.51 2.51 20.13
C LEU C 421 -7.47 4.04 20.15
N SER C 422 -6.54 4.62 20.94
CA SER C 422 -6.41 6.08 21.08
C SER C 422 -5.80 6.78 19.88
N LYS C 423 -5.14 6.01 18.99
CA LYS C 423 -4.50 6.60 17.83
C LYS C 423 -5.54 7.08 16.82
N PRO C 424 -5.19 8.01 15.92
CA PRO C 424 -6.18 8.44 14.91
C PRO C 424 -6.74 7.22 14.19
N ARG C 425 -8.06 7.20 13.95
CA ARG C 425 -8.71 6.07 13.27
C ARG C 425 -8.07 5.78 11.93
N PRO C 426 -7.90 4.49 11.57
CA PRO C 426 -7.30 4.17 10.28
C PRO C 426 -8.23 4.53 9.13
N GLY C 427 -7.63 5.02 8.06
CA GLY C 427 -8.34 5.32 6.83
C GLY C 427 -7.91 4.34 5.76
N ARG C 428 -8.29 4.60 4.51
CA ARG C 428 -7.87 3.75 3.40
C ARG C 428 -6.35 3.72 3.32
N GLY C 429 -5.80 2.52 3.23
CA GLY C 429 -4.35 2.37 3.16
C GLY C 429 -3.65 2.23 4.50
N ASP C 430 -4.42 2.32 5.61
CA ASP C 430 -3.88 2.18 6.97
C ASP C 430 -4.28 0.80 7.51
N TYR C 431 -3.39 0.19 8.35
CA TYR C 431 -3.65 -1.13 8.93
C TYR C 431 -3.52 -1.12 10.44
N HIS C 432 -3.23 0.07 11.04
CA HIS C 432 -3.18 0.18 12.49
C HIS C 432 -4.61 0.20 13.06
N GLY C 433 -4.70 0.17 14.38
CA GLY C 433 -6.00 0.17 15.03
C GLY C 433 -6.41 -1.22 15.48
N CYS C 434 -7.72 -1.37 15.69
CA CYS C 434 -8.30 -2.61 16.17
C CYS C 434 -9.38 -3.07 15.22
N PRO C 435 -9.21 -4.24 14.57
CA PRO C 435 -10.25 -4.73 13.64
C PRO C 435 -11.65 -4.88 14.26
N PHE C 436 -11.74 -5.16 15.57
CA PHE C 436 -13.06 -5.30 16.19
C PHE C 436 -13.85 -4.00 16.16
N ARG C 437 -13.15 -2.87 16.12
CA ARG C 437 -13.77 -1.55 15.98
C ARG C 437 -13.81 -1.11 14.51
N ASP C 438 -12.67 -1.33 13.80
CA ASP C 438 -12.47 -0.79 12.47
C ASP C 438 -13.06 -1.51 11.28
N TRP C 439 -13.32 -2.82 11.41
CA TRP C 439 -13.89 -3.58 10.33
C TRP C 439 -15.41 -3.63 10.40
N SER C 440 -16.07 -3.84 9.26
CA SER C 440 -17.52 -4.00 9.22
C SER C 440 -17.87 -5.36 9.83
N HIS C 441 -19.13 -5.58 10.26
CA HIS C 441 -19.54 -6.89 10.78
C HIS C 441 -19.43 -7.96 9.71
N GLU C 442 -19.64 -7.60 8.44
CA GLU C 442 -19.51 -8.46 7.27
C GLU C 442 -18.07 -9.01 7.18
N ARG C 443 -17.06 -8.12 7.27
CA ARG C 443 -15.67 -8.52 7.22
C ARG C 443 -15.26 -9.36 8.43
N LEU C 444 -15.67 -8.93 9.64
CA LEU C 444 -15.36 -9.68 10.86
C LEU C 444 -15.94 -11.08 10.82
N SER C 445 -17.22 -11.20 10.40
CA SER C 445 -17.92 -12.49 10.30
C SER C 445 -17.17 -13.43 9.35
N ALA C 446 -16.72 -12.92 8.19
CA ALA C 446 -15.97 -13.74 7.23
C ALA C 446 -14.67 -14.23 7.85
N GLU C 447 -13.95 -13.35 8.57
CA GLU C 447 -12.72 -13.71 9.23
C GLU C 447 -12.99 -14.77 10.32
N LEU C 448 -14.05 -14.58 11.12
CA LEU C 448 -14.35 -15.51 12.20
C LEU C 448 -14.83 -16.87 11.69
N ARG C 449 -15.55 -16.89 10.55
CA ARG C 449 -15.98 -18.13 9.90
C ARG C 449 -14.75 -18.92 9.44
N SER C 450 -13.71 -18.22 8.92
CA SER C 450 -12.46 -18.86 8.48
C SER C 450 -11.70 -19.47 9.66
N MET C 451 -11.91 -18.91 10.88
CA MET C 451 -11.31 -19.36 12.14
C MET C 451 -12.10 -20.53 12.77
N LYS C 452 -13.13 -21.04 12.05
CA LYS C 452 -14.03 -22.15 12.43
C LYS C 452 -15.03 -21.83 13.54
N LEU C 453 -15.29 -20.53 13.79
CA LEU C 453 -16.27 -20.15 14.83
C LEU C 453 -17.69 -20.42 14.34
N THR C 454 -18.59 -20.85 15.25
CA THR C 454 -19.98 -21.13 14.93
C THR C 454 -20.76 -19.81 14.81
N GLN C 455 -22.00 -19.87 14.27
CA GLN C 455 -22.83 -18.68 14.14
C GLN C 455 -23.11 -18.07 15.53
N ALA C 456 -23.40 -18.92 16.55
CA ALA C 456 -23.66 -18.45 17.91
C ALA C 456 -22.41 -17.72 18.47
N GLN C 457 -21.22 -18.28 18.23
CA GLN C 457 -19.95 -17.68 18.69
C GLN C 457 -19.73 -16.33 18.01
N ILE C 458 -19.96 -16.26 16.69
CA ILE C 458 -19.79 -15.01 15.94
C ILE C 458 -20.75 -13.92 16.46
N ILE C 459 -22.01 -14.27 16.71
CA ILE C 459 -23.01 -13.34 17.24
C ILE C 459 -22.53 -12.80 18.60
N SER C 460 -21.96 -13.66 19.44
CA SER C 460 -21.46 -13.24 20.74
C SER C 460 -20.33 -12.22 20.59
N VAL C 461 -19.38 -12.47 19.67
CA VAL C 461 -18.28 -11.55 19.42
C VAL C 461 -18.84 -10.22 18.88
N LEU C 462 -19.76 -10.29 17.89
CA LEU C 462 -20.32 -9.07 17.29
C LEU C 462 -21.14 -8.26 18.28
N ASP C 463 -21.85 -8.92 19.20
CA ASP C 463 -22.59 -8.23 20.25
C ASP C 463 -21.61 -7.36 21.09
N SER C 464 -20.43 -7.94 21.45
CA SER C 464 -19.42 -7.17 22.19
C SER C 464 -18.92 -5.99 21.35
N CYS C 465 -18.67 -6.20 20.04
CA CYS C 465 -18.22 -5.13 19.15
C CYS C 465 -19.24 -4.00 19.11
N GLN C 466 -20.53 -4.34 18.97
CA GLN C 466 -21.62 -3.36 18.87
C GLN C 466 -21.65 -2.47 20.13
N LYS C 467 -21.34 -3.07 21.30
CA LYS C 467 -21.30 -2.39 22.59
C LYS C 467 -20.02 -1.53 22.79
N GLY C 468 -19.07 -1.61 21.86
CA GLY C 468 -17.82 -0.89 22.00
C GLY C 468 -16.83 -1.60 22.92
N GLU C 469 -17.09 -2.88 23.23
CA GLU C 469 -16.23 -3.68 24.13
C GLU C 469 -15.28 -4.50 23.29
N TYR C 470 -14.37 -3.81 22.59
CA TYR C 470 -13.44 -4.44 21.66
C TYR C 470 -12.53 -5.47 22.30
N THR C 471 -11.98 -5.17 23.49
CA THR C 471 -11.11 -6.13 24.17
C THR C 471 -11.86 -7.35 24.67
N ILE C 472 -13.16 -7.20 24.98
CA ILE C 472 -13.98 -8.34 25.33
C ILE C 472 -14.21 -9.20 24.07
N ALA C 473 -14.48 -8.57 22.93
CA ALA C 473 -14.66 -9.31 21.67
C ALA C 473 -13.39 -10.08 21.36
N CYS C 474 -12.23 -9.44 21.52
CA CYS C 474 -10.93 -10.04 21.26
C CYS C 474 -10.68 -11.20 22.24
N THR C 475 -11.02 -11.02 23.53
CA THR C 475 -10.87 -12.09 24.51
C THR C 475 -11.73 -13.30 24.12
N LYS C 476 -12.98 -13.03 23.66
CA LYS C 476 -13.86 -14.10 23.20
C LYS C 476 -13.20 -14.85 22.04
N VAL C 477 -12.66 -14.13 21.05
CA VAL C 477 -11.97 -14.81 19.94
C VAL C 477 -10.79 -15.64 20.46
N PHE C 478 -10.02 -15.12 21.43
CA PHE C 478 -8.92 -15.90 21.99
C PHE C 478 -9.47 -17.21 22.55
N GLU C 479 -10.50 -17.11 23.41
CA GLU C 479 -11.01 -18.30 24.07
C GLU C 479 -11.64 -19.30 23.13
N MET C 480 -12.41 -18.77 22.14
CA MET C 480 -13.10 -19.64 21.21
C MET C 480 -12.15 -20.30 20.21
N THR C 481 -10.98 -19.70 19.89
CA THR C 481 -9.99 -20.28 18.97
C THR C 481 -8.92 -21.11 19.68
N HIS C 482 -8.91 -21.13 21.02
CA HIS C 482 -7.93 -21.94 21.74
C HIS C 482 -8.52 -23.13 22.44
N HIS C 496 -9.76 -11.66 30.89
CA HIS C 496 -9.81 -10.49 30.01
C HIS C 496 -8.42 -10.10 29.56
N ILE C 497 -8.21 -10.09 28.22
CA ILE C 497 -6.93 -9.69 27.60
C ILE C 497 -7.15 -8.29 27.02
N ALA C 498 -6.22 -7.35 27.28
CA ALA C 498 -6.31 -5.98 26.75
C ALA C 498 -4.94 -5.48 26.35
N HIS C 499 -4.15 -6.38 25.76
CA HIS C 499 -2.82 -6.03 25.27
C HIS C 499 -2.44 -7.06 24.22
N PRO C 500 -2.09 -6.66 23.01
CA PRO C 500 -1.73 -7.69 21.98
C PRO C 500 -0.58 -8.61 22.44
N ASN C 501 0.38 -8.08 23.20
CA ASN C 501 1.50 -8.92 23.66
C ASN C 501 1.03 -9.95 24.69
N LEU C 502 -0.01 -9.63 25.49
CA LEU C 502 -0.56 -10.60 26.44
C LEU C 502 -1.33 -11.68 25.67
N TYR C 503 -2.02 -11.30 24.58
CA TYR C 503 -2.74 -12.27 23.77
C TYR C 503 -1.69 -13.27 23.21
N PHE C 504 -0.58 -12.75 22.65
CA PHE C 504 0.44 -13.63 22.10
C PHE C 504 1.05 -14.53 23.19
N GLU C 505 1.44 -13.92 24.33
CA GLU C 505 2.06 -14.68 25.42
C GLU C 505 1.10 -15.77 25.96
N ARG C 506 -0.18 -15.43 26.15
CA ARG C 506 -1.12 -16.45 26.64
C ARG C 506 -1.29 -17.56 25.63
N SER C 507 -1.35 -17.23 24.33
CA SER C 507 -1.46 -18.24 23.29
C SER C 507 -0.25 -19.17 23.33
N ARG C 508 0.96 -18.59 23.53
CA ARG C 508 2.18 -19.43 23.62
C ARG C 508 2.18 -20.27 24.88
N GLN C 509 1.72 -19.71 26.01
CA GLN C 509 1.69 -20.47 27.27
CA GLN C 509 1.67 -20.43 27.30
C GLN C 509 0.83 -21.72 27.18
N LEU C 510 -0.22 -21.68 26.34
CA LEU C 510 -1.12 -22.84 26.13
C LEU C 510 -0.44 -24.03 25.42
N GLN C 511 0.68 -23.80 24.74
CA GLN C 511 1.46 -24.83 24.04
C GLN C 511 2.74 -25.28 24.78
N LYS C 512 3.04 -24.67 25.97
CA LYS C 512 4.24 -24.89 26.78
C LYS C 512 3.96 -25.53 28.15
N ARG D 248 -30.15 22.92 13.87
CA ARG D 248 -28.73 23.24 14.23
C ARG D 248 -28.42 22.96 15.72
N THR D 249 -27.23 22.36 15.91
CA THR D 249 -26.75 21.89 17.22
C THR D 249 -25.93 22.99 17.95
N MET D 250 -25.41 22.66 19.13
CA MET D 250 -24.39 23.49 19.79
C MET D 250 -22.99 23.16 19.27
N ARG D 251 -22.67 23.71 18.11
CA ARG D 251 -21.30 23.65 17.58
C ARG D 251 -20.85 25.10 17.47
N GLN D 252 -19.60 25.35 17.85
CA GLN D 252 -18.99 26.61 17.52
C GLN D 252 -17.75 26.19 16.76
N ASN D 253 -17.62 26.76 15.56
CA ASN D 253 -16.53 26.51 14.59
C ASN D 253 -15.89 27.87 14.27
N LEU D 254 -14.63 28.02 14.59
CA LEU D 254 -13.90 29.28 14.45
C LEU D 254 -13.80 29.75 12.97
N GLN D 255 -13.58 28.84 12.04
CA GLN D 255 -13.44 29.20 10.64
C GLN D 255 -14.76 29.78 10.14
N GLU D 256 -15.85 29.16 10.57
CA GLU D 256 -17.16 29.54 10.12
C GLU D 256 -17.58 30.87 10.73
N ALA D 257 -17.23 31.07 12.00
CA ALA D 257 -17.50 32.34 12.67
C ALA D 257 -16.71 33.47 11.95
N SER D 258 -15.44 33.21 11.66
CA SER D 258 -14.62 34.17 11.02
C SER D 258 -15.16 34.45 9.60
N ASP D 259 -15.62 33.43 8.88
CA ASP D 259 -16.28 33.64 7.58
C ASP D 259 -17.38 34.70 7.69
N VAL D 260 -18.24 34.57 8.70
CA VAL D 260 -19.36 35.48 8.86
C VAL D 260 -18.87 36.88 9.12
N LEU D 261 -17.83 37.03 9.93
CA LEU D 261 -17.33 38.34 10.25
C LEU D 261 -16.67 38.95 9.01
N ASP D 262 -15.98 38.12 8.22
CA ASP D 262 -15.41 38.59 7.00
C ASP D 262 -16.50 39.10 6.08
N ASP D 263 -17.58 38.32 5.92
N ASP D 263 -17.58 38.32 5.91
CA ASP D 263 -18.63 38.64 4.96
CA ASP D 263 -18.65 38.67 4.95
C ASP D 263 -19.37 39.94 5.32
C ASP D 263 -19.37 39.95 5.32
N GLN D 264 -19.46 40.28 6.59
CA GLN D 264 -20.06 41.54 6.94
C GLN D 264 -19.28 42.70 6.28
N ILE D 265 -17.96 42.64 6.33
CA ILE D 265 -17.14 43.72 5.82
C ILE D 265 -17.33 43.78 4.30
N GLU D 266 -17.28 42.61 3.66
CA GLU D 266 -17.40 42.57 2.21
C GLU D 266 -18.78 43.03 1.73
N SER D 267 -19.86 42.66 2.42
CA SER D 267 -21.15 43.02 1.89
C SER D 267 -21.35 44.54 2.04
N PHE D 268 -20.85 45.14 3.11
CA PHE D 268 -20.95 46.58 3.24
C PHE D 268 -20.09 47.32 2.21
N THR D 269 -18.97 46.69 1.82
CA THR D 269 -18.11 47.25 0.82
C THR D 269 -18.92 47.41 -0.46
N LYS D 270 -19.69 46.40 -0.83
CA LYS D 270 -20.58 46.52 -2.02
C LYS D 270 -21.73 47.52 -1.80
N ILE D 271 -22.34 47.59 -0.62
CA ILE D 271 -23.36 48.60 -0.40
C ILE D 271 -22.82 50.04 -0.53
N ILE D 272 -21.63 50.28 -0.01
CA ILE D 272 -21.02 51.59 -0.10
C ILE D 272 -20.68 51.95 -1.56
N GLN D 273 -20.11 51.00 -2.28
CA GLN D 273 -19.74 51.22 -3.65
C GLN D 273 -20.95 51.51 -4.55
N ASN D 274 -22.05 50.76 -4.41
CA ASN D 274 -23.28 51.10 -5.15
C ASN D 274 -23.89 52.43 -4.70
N HIS D 275 -23.99 52.69 -3.42
CA HIS D 275 -24.66 53.91 -3.03
C HIS D 275 -23.93 55.20 -3.47
N TYR D 276 -22.61 55.23 -3.26
CA TYR D 276 -21.83 56.40 -3.60
C TYR D 276 -21.23 56.35 -5.01
N LYS D 277 -21.52 55.26 -5.74
CA LYS D 277 -21.07 55.09 -7.10
C LYS D 277 -19.54 55.22 -7.20
N LEU D 278 -18.83 54.43 -6.41
CA LEU D 278 -17.37 54.43 -6.42
C LEU D 278 -16.92 53.14 -7.08
N SER D 279 -15.73 53.15 -7.67
CA SER D 279 -15.18 51.93 -8.27
C SER D 279 -14.31 51.23 -7.21
N PRO D 280 -14.22 49.89 -7.26
CA PRO D 280 -13.36 49.14 -6.35
C PRO D 280 -11.88 49.60 -6.35
N ASN D 281 -11.41 50.12 -7.47
CA ASN D 281 -10.07 50.69 -7.55
C ASN D 281 -9.88 51.91 -6.66
N ASP D 282 -10.96 52.50 -6.19
CA ASP D 282 -10.86 53.59 -5.21
C ASP D 282 -10.63 53.06 -3.79
N PHE D 283 -10.83 51.75 -3.58
CA PHE D 283 -10.60 51.15 -2.26
C PHE D 283 -9.24 50.48 -2.21
N ALA D 284 -8.53 50.69 -1.12
CA ALA D 284 -7.21 50.11 -0.96
C ALA D 284 -7.02 49.74 0.51
N ASP D 285 -5.88 49.15 0.79
CA ASP D 285 -5.55 48.60 2.05
C ASP D 285 -5.07 49.73 2.98
N PRO D 286 -5.84 50.04 4.03
CA PRO D 286 -5.47 51.11 4.92
C PRO D 286 -4.40 50.73 5.93
N THR D 287 -4.00 49.47 5.96
CA THR D 287 -3.07 49.01 6.98
C THR D 287 -1.64 49.28 6.52
N ILE D 288 -1.44 49.64 5.24
CA ILE D 288 -0.11 49.97 4.74
C ILE D 288 0.01 51.45 4.25
N GLN D 289 1.24 51.90 4.24
CA GLN D 289 1.52 53.25 3.83
C GLN D 289 1.16 53.54 2.38
N SER D 290 0.53 54.67 2.14
CA SER D 290 0.38 55.18 0.79
C SER D 290 0.62 56.70 0.78
N GLN D 291 0.86 57.23 -0.42
CA GLN D 291 1.01 58.68 -0.58
C GLN D 291 -0.37 59.29 -0.82
N SER D 292 -1.31 58.44 -1.26
CA SER D 292 -2.60 58.88 -1.73
C SER D 292 -3.72 58.59 -0.72
N GLU D 293 -4.73 59.47 -0.71
CA GLU D 293 -5.96 59.26 0.05
C GLU D 293 -6.72 58.10 -0.58
N ILE D 294 -7.33 57.27 0.26
CA ILE D 294 -8.02 56.09 -0.18
C ILE D 294 -9.36 55.97 0.53
N TYR D 295 -10.27 55.18 -0.04
CA TYR D 295 -11.46 54.77 0.71
C TYR D 295 -11.18 53.41 1.31
N ALA D 296 -11.69 53.20 2.52
CA ALA D 296 -11.53 51.93 3.24
C ALA D 296 -12.78 51.60 4.06
N VAL D 297 -13.09 50.30 4.15
CA VAL D 297 -14.25 49.80 4.91
C VAL D 297 -13.71 48.74 5.85
N GLY D 298 -14.21 48.75 7.08
CA GLY D 298 -13.74 47.76 8.04
C GLY D 298 -14.59 47.69 9.29
N ARG D 299 -14.14 46.92 10.26
CA ARG D 299 -14.87 46.77 11.51
C ARG D 299 -14.13 47.52 12.60
N ILE D 300 -14.87 48.29 13.38
CA ILE D 300 -14.31 48.92 14.55
C ILE D 300 -13.96 47.87 15.62
N VAL D 301 -12.68 47.81 15.97
CA VAL D 301 -12.18 46.93 17.00
C VAL D 301 -11.28 47.72 17.97
N PRO D 302 -11.04 47.19 19.16
CA PRO D 302 -10.11 47.85 20.07
C PRO D 302 -8.72 47.74 19.54
N ASP D 303 -7.83 48.65 19.94
CA ASP D 303 -6.49 48.56 19.43
C ASP D 303 -5.59 47.55 20.17
N SER D 304 -6.02 47.01 21.30
CA SER D 304 -5.41 45.78 21.84
C SER D 304 -6.47 44.73 22.10
N PRO D 305 -6.13 43.44 21.89
CA PRO D 305 -7.10 42.35 22.05
C PRO D 305 -7.47 42.06 23.51
N THR D 306 -6.60 42.48 24.43
CA THR D 306 -6.90 42.45 25.85
C THR D 306 -7.03 43.89 26.35
N TYR D 307 -8.23 44.46 26.20
CA TYR D 307 -8.40 45.92 26.34
C TYR D 307 -9.21 46.27 27.58
N ASP D 308 -8.83 47.42 28.16
CA ASP D 308 -9.64 48.16 29.18
C ASP D 308 -11.15 48.23 28.89
N LYS D 309 -11.95 48.18 29.95
CA LYS D 309 -13.44 48.25 29.79
C LYS D 309 -13.85 49.54 29.03
N PHE D 310 -13.13 50.64 29.27
CA PHE D 310 -13.49 51.99 28.78
C PHE D 310 -12.57 52.54 27.65
N LEU D 311 -13.17 52.61 26.47
CA LEU D 311 -12.51 52.99 25.24
C LEU D 311 -12.64 54.48 24.99
N ASN D 312 -11.79 55.01 24.16
CA ASN D 312 -11.91 56.41 23.78
C ASN D 312 -11.48 56.57 22.33
N PRO D 313 -11.57 57.78 21.76
CA PRO D 313 -11.21 57.97 20.35
C PRO D 313 -9.74 57.76 20.02
N GLU D 314 -8.90 57.54 21.01
CA GLU D 314 -7.48 57.30 20.75
C GLU D 314 -7.11 55.82 20.91
N SER D 315 -8.09 54.96 21.10
CA SER D 315 -7.76 53.56 21.40
C SER D 315 -8.60 52.57 20.56
N LEU D 316 -8.84 52.95 19.30
CA LEU D 316 -9.64 52.15 18.36
C LEU D 316 -8.80 51.81 17.14
N SER D 317 -9.11 50.67 16.53
CA SER D 317 -8.51 50.26 15.27
C SER D 317 -9.59 49.86 14.30
N LEU D 318 -9.20 49.72 13.04
CA LEU D 318 -10.07 49.26 11.97
C LEU D 318 -9.55 47.93 11.52
N THR D 320 -9.65 45.11 8.64
CA THR D 320 -9.96 44.93 7.23
C THR D 320 -10.42 43.46 6.91
N SER D 321 -11.09 43.29 5.78
CA SER D 321 -11.49 41.98 5.31
C SER D 321 -10.27 41.23 4.85
N ARG D 322 -10.48 39.94 4.54
CA ARG D 322 -9.39 39.10 4.12
C ARG D 322 -8.82 39.57 2.77
N MET D 323 -9.69 40.00 1.86
CA MET D 323 -9.24 40.50 0.56
C MET D 323 -8.73 41.95 0.64
N GLY D 324 -9.35 42.74 1.50
CA GLY D 324 -9.03 44.16 1.62
C GLY D 324 -7.66 44.43 2.16
N GLY D 325 -7.28 43.78 3.26
CA GLY D 325 -5.96 43.99 3.89
C GLY D 325 -5.39 42.76 4.58
N VAL D 326 -5.68 41.57 4.02
CA VAL D 326 -5.23 40.31 4.58
C VAL D 326 -5.65 40.26 6.06
N GLY D 327 -6.82 40.81 6.36
CA GLY D 327 -7.34 40.80 7.69
C GLY D 327 -6.60 41.61 8.72
N ARG D 328 -5.59 42.35 8.31
CA ARG D 328 -4.83 43.17 9.27
C ARG D 328 -5.68 44.27 9.92
N ARG D 329 -5.27 44.66 11.13
CA ARG D 329 -5.95 45.71 11.87
C ARG D 329 -5.02 46.90 11.96
N VAL D 330 -5.53 48.11 11.79
CA VAL D 330 -4.68 49.31 11.86
C VAL D 330 -5.28 50.35 12.81
N ARG D 331 -4.44 50.90 13.67
CA ARG D 331 -4.88 51.98 14.56
C ARG D 331 -5.48 53.16 13.83
N LEU D 332 -6.54 53.71 14.41
CA LEU D 332 -7.24 54.85 13.81
C LEU D 332 -6.75 56.14 14.44
N ASP D 333 -6.41 57.09 13.58
CA ASP D 333 -6.13 58.47 14.01
C ASP D 333 -7.38 59.26 13.67
N LEU D 334 -8.13 59.63 14.71
CA LEU D 334 -9.40 60.35 14.55
C LEU D 334 -9.29 61.86 14.88
N SER D 335 -8.08 62.38 14.89
CA SER D 335 -7.86 63.75 15.31
C SER D 335 -8.40 64.81 14.32
N GLN D 336 -8.55 64.46 13.05
CA GLN D 336 -9.05 65.40 12.04
C GLN D 336 -10.57 65.30 11.88
N VAL D 337 -11.22 64.55 12.75
CA VAL D 337 -12.65 64.35 12.67
C VAL D 337 -13.31 64.77 13.97
N ASN D 338 -14.14 65.82 13.91
CA ASN D 338 -14.69 66.43 15.12
C ASN D 338 -15.98 65.78 15.66
N GLU D 339 -16.71 65.07 14.82
CA GLU D 339 -18.00 64.51 15.19
C GLU D 339 -18.10 63.05 14.82
N LEU D 340 -18.30 62.20 15.83
CA LEU D 340 -18.41 60.76 15.56
C LEU D 340 -19.05 59.99 16.69
N SER D 341 -19.63 58.85 16.33
CA SER D 341 -20.08 57.87 17.28
C SER D 341 -19.72 56.47 16.79
N PHE D 342 -18.81 55.81 17.48
CA PHE D 342 -18.42 54.43 17.10
C PHE D 342 -18.69 53.44 18.24
N PHE D 343 -18.79 52.18 17.87
CA PHE D 343 -18.92 51.08 18.85
C PHE D 343 -18.26 49.82 18.34
N LEU D 344 -17.87 48.95 19.27
CA LEU D 344 -17.19 47.70 18.90
C LEU D 344 -18.10 46.76 18.09
N GLY D 345 -17.65 46.41 16.89
CA GLY D 345 -18.41 45.58 15.95
C GLY D 345 -19.06 46.33 14.79
N GLN D 346 -19.08 47.65 14.89
CA GLN D 346 -19.58 48.50 13.84
C GLN D 346 -18.78 48.35 12.57
N ILE D 347 -19.49 48.19 11.46
CA ILE D 347 -18.86 48.26 10.15
C ILE D 347 -18.90 49.72 9.70
N VAL D 348 -17.77 50.25 9.24
CA VAL D 348 -17.68 51.67 8.86
C VAL D 348 -16.93 51.85 7.58
N ALA D 349 -17.16 53.00 6.95
CA ALA D 349 -16.48 53.36 5.69
C ALA D 349 -15.80 54.72 5.89
N PHE D 350 -14.51 54.79 5.50
CA PHE D 350 -13.73 56.02 5.64
C PHE D 350 -13.07 56.46 4.35
N LYS D 351 -12.81 57.76 4.29
CA LYS D 351 -11.87 58.35 3.35
C LYS D 351 -10.69 58.85 4.17
N GLY D 352 -9.48 58.43 3.83
CA GLY D 352 -8.34 58.80 4.63
C GLY D 352 -7.01 58.31 4.08
N LYS D 353 -5.99 58.33 4.91
CA LYS D 353 -4.64 58.02 4.47
C LYS D 353 -3.79 57.47 5.62
N ASN D 354 -3.03 56.42 5.32
CA ASN D 354 -1.96 55.97 6.21
C ASN D 354 -0.65 56.60 5.71
N ALA D 355 -0.25 57.72 6.34
CA ALA D 355 0.87 58.55 5.86
C ALA D 355 2.22 57.89 6.09
N ASN D 356 2.36 57.23 7.23
CA ASN D 356 3.66 56.76 7.68
C ASN D 356 3.74 55.24 8.05
N GLY D 357 2.63 54.52 7.96
CA GLY D 357 2.67 53.08 8.11
C GLY D 357 1.98 52.57 9.36
N ASP D 358 2.01 53.35 10.42
CA ASP D 358 1.47 52.85 11.69
C ASP D 358 0.11 53.39 12.18
N TYR D 359 -0.54 54.27 11.40
CA TYR D 359 -1.86 54.83 11.75
C TYR D 359 -2.62 55.15 10.47
N PHE D 360 -3.94 55.04 10.52
CA PHE D 360 -4.76 55.49 9.41
C PHE D 360 -5.48 56.73 9.86
N THR D 361 -5.20 57.86 9.19
CA THR D 361 -5.84 59.12 9.54
C THR D 361 -7.13 59.24 8.80
N VAL D 362 -8.23 59.36 9.53
CA VAL D 362 -9.56 59.54 8.93
C VAL D 362 -9.76 61.02 8.59
N ASN D 363 -9.99 61.26 7.28
CA ASN D 363 -10.35 62.59 6.81
C ASN D 363 -11.88 62.76 6.71
N SER D 364 -12.61 61.76 6.27
CA SER D 364 -14.07 61.85 6.37
C SER D 364 -14.69 60.47 6.60
N ILE D 365 -15.87 60.48 7.18
CA ILE D 365 -16.64 59.26 7.43
C ILE D 365 -17.69 59.22 6.33
N LEU D 366 -17.72 58.18 5.52
CA LEU D 366 -18.82 57.99 4.58
C LEU D 366 -19.98 57.30 5.33
N PRO D 367 -21.07 58.02 5.66
CA PRO D 367 -22.16 57.36 6.40
C PRO D 367 -22.76 56.22 5.57
N LEU D 368 -23.02 55.09 6.23
CA LEU D 368 -23.74 54.00 5.61
C LEU D 368 -25.17 54.45 5.33
N PRO D 369 -25.70 54.08 4.16
CA PRO D 369 -27.03 54.56 3.79
C PRO D 369 -28.10 53.76 4.49
N TYR D 370 -29.21 54.39 4.80
CA TYR D 370 -30.32 53.73 5.45
C TYR D 370 -30.95 52.76 4.49
N PRO D 371 -31.33 51.56 4.97
CA PRO D 371 -32.00 50.60 4.09
C PRO D 371 -33.37 51.07 3.61
N ASN D 372 -33.81 50.55 2.49
CA ASN D 372 -35.10 50.88 1.91
C ASN D 372 -36.27 50.42 2.77
N SER D 373 -37.39 51.07 2.61
CA SER D 373 -38.59 50.71 3.28
C SER D 373 -39.45 49.83 2.40
N PRO D 374 -40.19 48.91 3.02
CA PRO D 374 -41.12 48.09 2.24
C PRO D 374 -42.25 48.90 1.63
N VAL D 375 -42.78 48.38 0.54
CA VAL D 375 -43.87 49.00 -0.19
C VAL D 375 -44.99 48.00 -0.44
N SER D 376 -46.15 48.49 -0.83
CA SER D 376 -47.31 47.62 -1.11
C SER D 376 -48.06 48.13 -2.33
N THR D 377 -48.76 47.20 -2.99
CA THR D 377 -49.57 47.56 -4.13
C THR D 377 -50.90 48.10 -3.65
N SER D 378 -51.59 48.82 -4.53
CA SER D 378 -52.90 49.37 -4.21
C SER D 378 -53.90 48.27 -3.85
N GLN D 379 -53.92 47.18 -4.61
CA GLN D 379 -54.78 46.01 -4.27
C GLN D 379 -54.53 45.50 -2.86
N GLU D 380 -53.26 45.33 -2.50
CA GLU D 380 -52.97 44.77 -1.17
C GLU D 380 -53.47 45.70 -0.08
N LEU D 381 -53.30 47.01 -0.29
CA LEU D 381 -53.67 48.01 0.70
C LEU D 381 -55.20 48.10 0.83
N GLN D 382 -55.92 47.88 -0.27
CA GLN D 382 -57.37 47.83 -0.24
C GLN D 382 -57.93 46.63 0.54
N GLU D 383 -57.29 45.47 0.41
CA GLU D 383 -57.67 44.28 1.20
C GLU D 383 -57.51 44.56 2.68
N PHE D 384 -56.32 45.05 3.04
CA PHE D 384 -56.03 45.46 4.40
C PHE D 384 -57.09 46.44 4.92
N GLN D 385 -57.48 47.38 4.06
CA GLN D 385 -58.55 48.31 4.41
C GLN D 385 -59.89 47.58 4.70
N ALA D 386 -60.23 46.61 3.87
CA ALA D 386 -61.41 45.78 4.10
C ALA D 386 -61.30 44.91 5.38
N SER D 392 -59.32 51.13 13.29
CA SER D 392 -57.86 51.15 13.35
C SER D 392 -57.24 49.84 13.84
N LEU D 393 -55.98 49.63 13.49
CA LEU D 393 -55.28 48.46 13.85
C LEU D 393 -54.69 48.63 15.25
N LYS D 394 -54.88 47.64 16.12
CA LYS D 394 -54.39 47.70 17.48
C LYS D 394 -53.48 46.49 17.74
N VAL D 395 -52.29 46.77 18.22
CA VAL D 395 -51.32 45.77 18.53
C VAL D 395 -50.78 46.10 19.92
N ILE D 396 -50.82 45.10 20.81
CA ILE D 396 -50.31 45.29 22.16
C ILE D 396 -49.01 44.52 22.26
N VAL D 397 -48.03 45.06 22.99
CA VAL D 397 -46.73 44.44 23.11
C VAL D 397 -46.29 44.41 24.55
N THR D 398 -45.90 43.23 25.03
CA THR D 398 -45.43 43.08 26.41
C THR D 398 -44.12 42.38 26.43
N CYS D 399 -43.39 42.52 27.51
CA CYS D 399 -42.12 41.89 27.62
C CYS D 399 -41.86 41.47 29.05
N GLY D 400 -41.33 40.26 29.20
CA GLY D 400 -41.09 39.72 30.50
C GLY D 400 -39.97 40.45 31.16
N PRO D 401 -39.70 40.17 32.44
CA PRO D 401 -40.38 39.15 33.29
C PRO D 401 -41.83 39.51 33.57
N TYR D 402 -42.64 38.48 33.85
CA TYR D 402 -44.07 38.65 34.15
C TYR D 402 -44.41 38.45 35.61
N PHE D 403 -43.49 37.86 36.36
CA PHE D 403 -43.61 37.83 37.80
C PHE D 403 -42.41 38.41 38.53
N ALA D 404 -42.64 38.89 39.73
CA ALA D 404 -41.63 39.52 40.52
C ALA D 404 -40.55 38.53 41.02
N ASN D 405 -39.52 39.07 41.68
CA ASN D 405 -38.39 38.30 42.16
C ASN D 405 -38.63 37.50 43.43
N ASP D 406 -39.61 37.90 44.21
CA ASP D 406 -39.84 37.28 45.48
C ASP D 406 -41.17 36.49 45.57
N ASN D 407 -41.84 36.22 44.45
CA ASN D 407 -43.03 35.41 44.46
C ASN D 407 -43.37 34.87 43.07
N PHE D 408 -44.51 34.21 42.92
CA PHE D 408 -44.90 33.62 41.64
C PHE D 408 -46.26 34.11 41.22
N SER D 409 -46.58 35.32 41.61
CA SER D 409 -47.86 35.92 41.30
C SER D 409 -47.91 36.40 39.86
N LEU D 410 -49.00 36.02 39.18
CA LEU D 410 -49.35 36.48 37.84
C LEU D 410 -50.66 37.23 37.94
N GLU D 411 -50.98 37.72 39.12
CA GLU D 411 -52.19 38.52 39.33
C GLU D 411 -52.27 39.74 38.39
N LEU D 412 -51.14 40.40 38.21
CA LEU D 412 -51.05 41.58 37.31
C LEU D 412 -51.30 41.18 35.85
N LEU D 413 -50.69 40.09 35.41
CA LEU D 413 -50.98 39.54 34.08
C LEU D 413 -52.47 39.20 33.92
N GLN D 414 -53.11 38.66 34.96
CA GLN D 414 -54.55 38.34 34.86
C GLN D 414 -55.39 39.60 34.70
N GLU D 415 -55.09 40.59 35.50
CA GLU D 415 -55.72 41.90 35.39
C GLU D 415 -55.57 42.46 33.95
N PHE D 416 -54.35 42.39 33.42
CA PHE D 416 -54.03 42.82 32.06
C PHE D 416 -54.85 42.04 31.03
N ILE D 417 -54.84 40.70 31.11
CA ILE D 417 -55.63 39.86 30.18
C ILE D 417 -57.14 40.25 30.20
N ASP D 418 -57.63 40.62 31.37
CA ASP D 418 -59.05 40.92 31.47
C ASP D 418 -59.33 42.22 30.73
N SER D 419 -58.38 43.12 30.86
CA SER D 419 -58.44 44.38 30.21
C SER D 419 -58.39 44.33 28.70
N ILE D 420 -57.47 43.53 28.17
CA ILE D 420 -57.40 43.39 26.72
C ILE D 420 -58.57 42.60 26.14
N ASN D 421 -59.03 41.55 26.83
CA ASN D 421 -60.18 40.80 26.38
C ASN D 421 -61.44 41.67 26.33
N ASN D 422 -61.68 42.46 27.36
CA ASN D 422 -62.99 43.09 27.53
C ASN D 422 -63.03 44.61 27.32
N GLU D 423 -61.89 45.26 27.17
CA GLU D 423 -61.87 46.71 26.94
C GLU D 423 -61.06 47.13 25.72
N VAL D 424 -59.78 46.78 25.70
CA VAL D 424 -58.89 47.23 24.65
C VAL D 424 -59.16 46.50 23.33
N LYS D 425 -59.30 45.19 23.37
CA LYS D 425 -59.71 44.38 22.20
C LYS D 425 -58.79 44.57 21.02
N PRO D 426 -57.49 44.30 21.19
CA PRO D 426 -56.57 44.54 20.09
C PRO D 426 -56.67 43.41 19.11
N HIS D 427 -56.12 43.60 17.92
CA HIS D 427 -56.04 42.54 16.93
C HIS D 427 -54.92 41.52 17.18
N VAL D 428 -53.80 41.97 17.73
CA VAL D 428 -52.65 41.10 17.91
C VAL D 428 -51.97 41.47 19.23
N LEU D 429 -51.48 40.46 19.92
CA LEU D 429 -50.67 40.70 21.11
C LEU D 429 -49.30 40.03 20.93
N ILE D 430 -48.25 40.78 21.16
CA ILE D 430 -46.91 40.26 20.98
C ILE D 430 -46.31 40.21 22.35
N MET D 431 -45.89 39.00 22.78
CA MET D 431 -45.33 38.84 24.09
C MET D 431 -43.91 38.33 23.99
N PHE D 432 -42.97 39.08 24.54
CA PHE D 432 -41.57 38.69 24.56
C PHE D 432 -41.24 38.04 25.89
N GLY D 433 -40.44 36.98 25.85
CA GLY D 433 -39.87 36.42 27.05
C GLY D 433 -38.87 37.36 27.69
N PRO D 434 -38.29 36.97 28.84
CA PRO D 434 -38.45 35.63 29.48
C PRO D 434 -39.79 35.42 30.16
N PHE D 435 -40.32 34.19 30.06
CA PHE D 435 -41.53 33.78 30.77
C PHE D 435 -41.10 33.21 32.11
N ILE D 436 -40.37 32.08 32.11
CA ILE D 436 -39.66 31.63 33.29
C ILE D 436 -38.21 31.96 33.04
N ASP D 437 -37.73 32.99 33.72
CA ASP D 437 -36.36 33.47 33.57
C ASP D 437 -35.45 32.61 34.40
N ILE D 438 -34.52 31.93 33.73
CA ILE D 438 -33.56 31.04 34.40
C ILE D 438 -32.67 31.75 35.43
N THR D 439 -32.60 33.08 35.37
CA THR D 439 -31.79 33.86 36.30
C THR D 439 -32.65 34.49 37.36
N HIS D 440 -33.96 34.27 37.35
CA HIS D 440 -34.79 34.64 38.49
C HIS D 440 -34.15 34.07 39.77
N PRO D 441 -33.98 34.89 40.79
CA PRO D 441 -33.20 34.44 41.95
C PRO D 441 -33.74 33.24 42.73
N LEU D 442 -35.04 33.03 42.76
CA LEU D 442 -35.57 31.84 43.42
C LEU D 442 -35.33 30.61 42.52
N ILE D 443 -35.48 30.79 41.20
CA ILE D 443 -35.22 29.71 40.23
C ILE D 443 -33.75 29.37 40.29
N ALA D 444 -32.90 30.39 40.29
CA ALA D 444 -31.46 30.19 40.33
C ALA D 444 -31.07 29.47 41.55
N SER D 445 -31.59 29.85 42.71
CA SER D 445 -31.14 29.21 43.96
C SER D 445 -31.85 27.88 44.25
N GLY D 446 -32.86 27.52 43.45
CA GLY D 446 -33.66 26.33 43.76
C GLY D 446 -34.62 26.48 44.92
N LYS D 447 -34.86 27.72 45.37
CA LYS D 447 -35.81 27.97 46.47
C LYS D 447 -37.18 28.01 45.86
N LEU D 448 -37.67 26.87 45.42
CA LEU D 448 -38.96 26.78 44.79
C LEU D 448 -39.94 26.09 45.76
N PRO D 449 -41.07 26.74 46.01
CA PRO D 449 -41.99 26.28 47.00
C PRO D 449 -42.99 25.26 46.44
N ASN D 450 -43.67 24.65 47.38
CA ASN D 450 -44.84 23.88 47.10
C ASN D 450 -45.97 24.80 46.70
N PHE D 451 -46.66 24.47 45.61
CA PHE D 451 -47.80 25.27 45.15
C PHE D 451 -49.12 24.60 45.52
N PRO D 452 -49.82 25.15 46.50
CA PRO D 452 -51.04 24.49 46.93
C PRO D 452 -52.18 24.56 45.93
N GLN D 453 -52.06 25.39 44.90
CA GLN D 453 -53.12 25.56 43.93
C GLN D 453 -52.90 24.64 42.73
N PHE D 454 -51.89 23.75 42.80
CA PHE D 454 -51.68 22.72 41.80
C PHE D 454 -51.92 21.35 42.44
N LYS D 455 -52.72 20.52 41.78
CA LYS D 455 -52.97 19.22 42.32
C LYS D 455 -51.67 18.38 42.33
N THR D 456 -50.91 18.39 41.25
CA THR D 456 -49.65 17.70 41.17
C THR D 456 -48.59 18.76 40.90
N GLN D 457 -47.58 18.76 41.76
CA GLN D 457 -46.48 19.66 41.73
C GLN D 457 -45.66 19.42 40.49
N PRO D 458 -45.17 20.49 39.88
CA PRO D 458 -44.23 20.35 38.79
C PRO D 458 -42.91 19.78 39.25
N LYS D 459 -42.26 18.99 38.41
CA LYS D 459 -40.96 18.40 38.77
C LYS D 459 -39.80 19.09 38.06
N THR D 460 -40.11 19.92 37.06
CA THR D 460 -39.09 20.59 36.22
C THR D 460 -39.53 21.97 35.89
N LEU D 461 -38.64 22.81 35.41
CA LEU D 461 -39.08 24.17 35.02
C LEU D 461 -40.07 24.16 33.83
N ASP D 462 -39.91 23.20 32.90
CA ASP D 462 -40.88 23.05 31.79
C ASP D 462 -42.25 22.77 32.36
N GLU D 463 -42.34 21.87 33.33
CA GLU D 463 -43.67 21.62 33.99
C GLU D 463 -44.15 22.83 34.78
N LEU D 464 -43.25 23.60 35.36
CA LEU D 464 -43.68 24.79 36.03
C LEU D 464 -44.35 25.75 35.05
N PHE D 465 -43.83 25.88 33.83
CA PHE D 465 -44.51 26.70 32.82
C PHE D 465 -45.90 26.16 32.54
N LEU D 466 -46.03 24.84 32.31
CA LEU D 466 -47.35 24.30 31.96
C LEU D 466 -48.37 24.53 33.06
N LYS D 467 -47.96 24.52 34.31
CA LYS D 467 -48.93 24.71 35.40
C LYS D 467 -49.15 26.15 35.78
N LEU D 468 -48.15 26.99 35.56
CA LEU D 468 -48.24 28.41 35.95
C LEU D 468 -48.69 29.33 34.82
N PHE D 469 -48.12 29.21 33.64
CA PHE D 469 -48.42 30.16 32.54
C PHE D 469 -49.53 29.69 31.64
N THR D 470 -49.46 28.43 31.23
CA THR D 470 -50.40 27.94 30.23
C THR D 470 -51.86 28.24 30.60
N PRO D 471 -52.28 27.96 31.83
CA PRO D 471 -53.69 28.17 32.11
C PRO D 471 -54.12 29.61 32.07
N ILE D 472 -53.20 30.51 32.37
CA ILE D 472 -53.51 31.93 32.30
C ILE D 472 -53.44 32.44 30.84
N LEU D 473 -52.41 32.05 30.10
CA LEU D 473 -52.34 32.42 28.68
C LEU D 473 -53.54 31.92 27.92
N LYS D 474 -54.00 30.69 28.21
CA LYS D 474 -55.18 30.11 27.55
C LYS D 474 -56.43 31.01 27.65
N THR D 475 -56.45 31.93 28.61
CA THR D 475 -57.61 32.78 28.78
C THR D 475 -57.60 34.00 27.90
N ILE D 476 -56.52 34.23 27.14
CA ILE D 476 -56.53 35.31 26.17
C ILE D 476 -57.55 35.00 25.10
N SER D 477 -58.36 35.99 24.75
CA SER D 477 -59.44 35.78 23.78
C SER D 477 -58.92 35.18 22.48
N PRO D 478 -59.63 34.19 21.93
CA PRO D 478 -59.25 33.61 20.65
C PRO D 478 -59.28 34.61 19.51
N HIS D 479 -59.96 35.72 19.69
CA HIS D 479 -59.99 36.76 18.67
C HIS D 479 -58.73 37.59 18.57
N ILE D 480 -57.92 37.53 19.63
CA ILE D 480 -56.65 38.23 19.69
C ILE D 480 -55.54 37.27 19.31
N GLN D 481 -54.92 37.44 18.15
CA GLN D 481 -53.82 36.59 17.81
C GLN D 481 -52.62 36.93 18.69
N THR D 482 -51.99 35.90 19.24
CA THR D 482 -50.94 36.11 20.21
C THR D 482 -49.66 35.47 19.76
N VAL D 483 -48.58 36.27 19.74
CA VAL D 483 -47.30 35.85 19.24
C VAL D 483 -46.34 35.81 20.38
N LEU D 484 -45.61 34.69 20.53
CA LEU D 484 -44.61 34.57 21.58
C LEU D 484 -43.22 34.55 20.96
N ILE D 485 -42.33 35.37 21.51
CA ILE D 485 -40.97 35.44 21.09
C ILE D 485 -40.10 35.25 22.31
N PRO D 486 -39.17 34.31 22.26
CA PRO D 486 -38.41 33.98 23.42
C PRO D 486 -37.26 34.89 23.71
N SER D 487 -36.66 34.67 24.88
CA SER D 487 -35.36 35.21 25.28
C SER D 487 -34.40 34.04 25.46
N THR D 488 -33.12 34.31 25.36
CA THR D 488 -32.14 33.27 25.62
C THR D 488 -32.09 32.96 27.13
N LYS D 489 -32.77 33.75 27.94
CA LYS D 489 -32.94 33.44 29.35
C LYS D 489 -34.18 32.58 29.67
N ASP D 490 -34.98 32.25 28.66
CA ASP D 490 -36.15 31.42 28.87
C ASP D 490 -35.79 29.99 29.19
N ALA D 491 -36.09 29.57 30.43
CA ALA D 491 -35.91 28.18 30.86
C ALA D 491 -36.64 27.21 29.94
N ILE D 492 -37.80 27.63 29.42
CA ILE D 492 -38.57 26.79 28.51
C ILE D 492 -37.94 26.59 27.12
N SER D 493 -37.00 27.44 26.70
CA SER D 493 -36.28 27.18 25.46
C SER D 493 -35.12 26.26 25.72
N ASN D 494 -34.87 25.35 24.79
CA ASN D 494 -33.63 24.57 24.81
C ASN D 494 -32.61 25.02 23.80
N HIS D 495 -32.70 26.28 23.37
N HIS D 495 -32.75 26.26 23.33
CA HIS D 495 -31.78 26.89 22.38
CA HIS D 495 -31.80 26.86 22.41
C HIS D 495 -31.39 28.22 22.94
C HIS D 495 -31.44 28.21 23.01
N ALA D 496 -30.34 28.24 23.77
CA ALA D 496 -29.98 29.40 24.56
C ALA D 496 -28.88 30.22 23.90
N ALA D 497 -28.96 30.41 22.60
CA ALA D 497 -28.09 31.34 21.85
C ALA D 497 -28.94 32.22 20.93
N TYR D 498 -28.52 33.47 20.75
CA TYR D 498 -29.09 34.37 19.70
C TYR D 498 -28.29 34.22 18.40
N PRO D 499 -28.95 34.00 17.26
CA PRO D 499 -30.39 33.90 17.07
C PRO D 499 -30.97 32.57 17.59
N GLN D 500 -32.19 32.64 18.07
CA GLN D 500 -32.79 31.62 18.87
C GLN D 500 -34.00 31.10 18.09
N ALA D 501 -34.07 29.76 17.89
CA ALA D 501 -35.22 29.09 17.31
C ALA D 501 -36.51 29.38 18.09
N SER D 502 -37.64 29.33 17.40
CA SER D 502 -38.90 29.61 18.07
C SER D 502 -39.25 28.50 19.05
N LEU D 503 -40.06 28.84 20.05
CA LEU D 503 -40.61 27.84 20.95
C LEU D 503 -41.57 26.91 20.18
N ILE D 504 -41.83 25.73 20.73
CA ILE D 504 -42.73 24.80 20.12
C ILE D 504 -44.07 24.90 20.82
N ARG D 505 -45.05 25.43 20.11
CA ARG D 505 -46.33 25.72 20.69
C ARG D 505 -47.03 24.49 21.34
N LYS D 506 -47.00 23.35 20.68
CA LYS D 506 -47.64 22.14 21.21
C LYS D 506 -47.04 21.76 22.55
N ALA D 507 -45.72 21.91 22.67
CA ALA D 507 -45.02 21.59 23.89
C ALA D 507 -45.49 22.50 25.00
N LEU D 508 -45.86 23.74 24.68
CA LEU D 508 -46.35 24.66 25.71
C LEU D 508 -47.85 24.44 25.98
N GLN D 509 -48.46 23.54 25.23
CA GLN D 509 -49.88 23.19 25.38
C GLN D 509 -50.76 24.38 25.22
N LEU D 510 -50.36 25.28 24.31
CA LEU D 510 -51.17 26.46 23.98
C LEU D 510 -51.98 26.13 22.72
N PRO D 511 -53.21 26.63 22.64
CA PRO D 511 -54.09 26.35 21.53
C PRO D 511 -53.73 26.99 20.19
N LYS D 512 -53.83 26.19 19.15
CA LYS D 512 -53.61 26.59 17.77
C LYS D 512 -54.50 27.75 17.32
N ARG D 513 -55.69 27.86 17.91
CA ARG D 513 -56.67 28.87 17.52
C ARG D 513 -56.11 30.28 17.53
N ASN D 514 -55.18 30.61 18.44
CA ASN D 514 -54.69 31.96 18.48
C ASN D 514 -53.25 32.18 18.94
N PHE D 515 -52.43 31.14 19.05
CA PHE D 515 -51.03 31.33 19.48
C PHE D 515 -50.08 30.97 18.35
N LYS D 516 -49.13 31.86 18.06
CA LYS D 516 -48.02 31.55 17.15
C LYS D 516 -46.72 31.79 17.87
N CYS D 517 -45.80 30.84 17.73
CA CYS D 517 -44.48 31.00 18.29
C CYS D 517 -43.50 31.46 17.22
N MET D 518 -42.80 32.55 17.48
CA MET D 518 -41.86 33.07 16.52
C MET D 518 -40.41 32.99 17.04
N ALA D 519 -39.47 33.00 16.08
CA ALA D 519 -38.04 33.07 16.37
C ALA D 519 -37.62 34.42 16.99
N ASN D 520 -36.44 34.40 17.60
CA ASN D 520 -35.81 35.57 18.19
C ASN D 520 -34.49 35.73 17.47
N PRO D 521 -34.43 36.67 16.49
CA PRO D 521 -35.41 37.65 16.07
C PRO D 521 -36.40 37.11 15.08
N SER D 522 -37.43 37.88 14.84
CA SER D 522 -38.34 37.59 13.77
C SER D 522 -38.92 38.88 13.16
N SER D 523 -39.32 38.73 11.91
CA SER D 523 -39.86 39.82 11.12
C SER D 523 -41.17 39.37 10.51
N PHE D 524 -42.17 40.21 10.54
CA PHE D 524 -43.43 39.78 10.00
C PHE D 524 -44.31 40.95 9.68
N GLN D 525 -45.33 40.73 8.88
CA GLN D 525 -46.33 41.76 8.67
C GLN D 525 -47.61 41.55 9.43
N ILE D 526 -48.16 42.62 9.98
CA ILE D 526 -49.55 42.66 10.42
C ILE D 526 -50.23 43.63 9.49
N ASN D 527 -51.12 43.13 8.65
CA ASN D 527 -51.57 43.88 7.47
C ASN D 527 -50.34 44.36 6.70
N GLU D 528 -50.22 45.64 6.39
CA GLU D 528 -49.09 46.11 5.62
C GLU D 528 -47.87 46.38 6.50
N ILE D 529 -48.06 46.52 7.79
CA ILE D 529 -46.98 46.97 8.64
C ILE D 529 -45.92 45.88 8.90
N TYR D 530 -44.67 46.15 8.52
CA TYR D 530 -43.53 45.30 8.78
C TYR D 530 -42.95 45.51 10.16
N PHE D 531 -42.94 44.44 10.96
CA PHE D 531 -42.37 44.47 12.29
C PHE D 531 -41.00 43.81 12.26
N GLY D 532 -40.05 44.39 12.95
CA GLY D 532 -38.79 43.73 13.19
C GLY D 532 -38.65 43.62 14.70
N CYS D 533 -38.63 42.39 15.21
CA CYS D 533 -38.59 42.13 16.65
C CYS D 533 -37.34 41.34 17.05
N SER D 534 -36.64 41.84 18.05
CA SER D 534 -35.44 41.18 18.50
C SER D 534 -35.32 41.34 20.01
N ASN D 535 -34.89 40.28 20.67
CA ASN D 535 -34.97 40.21 22.12
C ASN D 535 -33.60 40.04 22.80
N VAL D 536 -32.62 40.78 22.32
CA VAL D 536 -31.36 41.04 23.01
C VAL D 536 -31.27 42.56 23.18
N ASP D 537 -30.78 43.01 24.32
CA ASP D 537 -30.94 44.41 24.75
C ASP D 537 -29.84 45.34 24.12
N THR D 538 -30.00 45.61 22.83
CA THR D 538 -29.07 46.47 22.10
C THR D 538 -28.99 47.84 22.73
N PHE D 539 -30.14 48.36 23.13
CA PHE D 539 -30.21 49.68 23.72
C PHE D 539 -29.47 49.83 25.00
N LYS D 540 -29.40 48.77 25.79
CA LYS D 540 -28.60 48.78 27.02
C LYS D 540 -27.13 48.56 26.73
N ASP D 541 -26.86 47.70 25.77
CA ASP D 541 -25.52 47.19 25.57
C ASP D 541 -24.60 48.02 24.71
N LEU D 542 -25.13 48.79 23.77
CA LEU D 542 -24.27 49.52 22.77
C LEU D 542 -23.55 50.71 23.43
N LYS D 543 -22.23 50.60 23.60
CA LYS D 543 -21.44 51.61 24.25
C LYS D 543 -20.68 52.44 23.25
N GLU D 544 -21.14 53.65 23.03
CA GLU D 544 -20.57 54.46 21.97
C GLU D 544 -19.32 55.13 22.47
N VAL D 545 -18.34 55.23 21.59
CA VAL D 545 -17.25 56.15 21.78
C VAL D 545 -17.67 57.40 20.96
N ILE D 546 -17.72 58.56 21.61
CA ILE D 546 -18.30 59.79 21.02
C ILE D 546 -17.32 60.95 21.04
N LYS D 547 -17.29 61.70 19.94
CA LYS D 547 -16.66 63.06 19.87
C LYS D 547 -17.66 64.03 19.30
N GLY D 548 -17.64 65.25 19.81
CA GLY D 548 -18.32 66.38 19.19
C GLY D 548 -19.53 66.87 19.95
N GLY D 549 -19.69 68.17 20.04
CA GLY D 549 -20.84 68.75 20.73
C GLY D 549 -22.18 68.38 20.10
N THR D 550 -22.22 68.28 18.78
CA THR D 550 -23.49 68.04 18.09
C THR D 550 -23.91 66.61 18.29
N THR D 551 -22.97 65.67 18.14
CA THR D 551 -23.25 64.27 18.45
C THR D 551 -23.67 64.07 19.90
N SER D 552 -22.91 64.62 20.87
CA SER D 552 -23.29 64.45 22.29
C SER D 552 -24.61 65.11 22.68
N SER D 553 -25.04 66.17 22.01
CA SER D 553 -26.29 66.84 22.40
C SER D 553 -27.51 66.07 21.89
N ARG D 554 -27.29 65.16 20.98
CA ARG D 554 -28.41 64.32 20.55
C ARG D 554 -28.84 63.29 21.64
N TYR D 555 -30.04 62.75 21.51
CA TYR D 555 -30.51 61.72 22.44
C TYR D 555 -29.84 60.38 22.10
N ARG D 556 -29.32 59.74 23.14
CA ARG D 556 -28.68 58.44 22.99
C ARG D 556 -29.51 57.42 22.25
N LEU D 557 -30.81 57.42 22.50
CA LEU D 557 -31.69 56.43 21.89
C LEU D 557 -31.87 56.61 20.40
N ASP D 558 -31.81 57.86 19.94
CA ASP D 558 -31.81 58.19 18.51
C ASP D 558 -30.52 57.72 17.89
N ARG D 559 -29.39 58.05 18.48
CA ARG D 559 -28.14 57.61 17.90
C ARG D 559 -28.09 56.10 17.81
N VAL D 560 -28.47 55.42 18.89
CA VAL D 560 -28.39 53.96 18.87
C VAL D 560 -29.35 53.34 17.86
N SER D 561 -30.54 53.87 17.70
CA SER D 561 -31.43 53.36 16.70
C SER D 561 -30.88 53.55 15.28
N GLU D 562 -30.21 54.67 15.03
CA GLU D 562 -29.61 54.89 13.71
C GLU D 562 -28.46 53.91 13.47
N HIS D 563 -27.67 53.63 14.50
CA HIS D 563 -26.62 52.63 14.30
C HIS D 563 -27.23 51.28 13.91
N ILE D 564 -28.32 50.90 14.56
CA ILE D 564 -28.92 49.62 14.22
C ILE D 564 -29.43 49.62 12.76
N LEU D 565 -30.13 50.69 12.37
CA LEU D 565 -30.65 50.82 10.97
C LEU D 565 -29.50 50.78 9.95
N GLN D 566 -28.44 51.51 10.24
CA GLN D 566 -27.27 51.48 9.36
C GLN D 566 -26.59 50.13 9.28
N GLN D 567 -26.50 49.46 10.42
CA GLN D 567 -25.81 48.18 10.46
C GLN D 567 -26.65 47.04 9.88
N ARG D 568 -27.95 47.29 9.70
CA ARG D 568 -28.89 46.31 9.16
C ARG D 568 -28.90 44.96 9.91
N ARG D 569 -28.68 45.03 11.22
CA ARG D 569 -28.80 43.86 12.06
C ARG D 569 -29.19 44.26 13.46
N TYR D 570 -30.00 43.43 14.12
CA TYR D 570 -30.71 43.87 15.37
C TYR D 570 -29.79 43.97 16.58
N TYR D 571 -28.66 43.25 16.56
CA TYR D 571 -27.65 43.34 17.64
C TYR D 571 -26.27 43.39 16.98
N PRO D 572 -25.84 44.59 16.57
CA PRO D 572 -24.60 44.75 15.83
C PRO D 572 -23.33 44.77 16.64
N ILE D 573 -23.45 44.80 17.97
CA ILE D 573 -22.30 44.84 18.87
C ILE D 573 -21.55 43.50 18.80
N PHE D 574 -20.24 43.53 18.64
CA PHE D 574 -19.41 42.33 18.66
C PHE D 574 -18.02 42.65 19.13
N PRO D 575 -17.48 41.86 20.07
CA PRO D 575 -18.12 40.73 20.80
C PRO D 575 -19.34 41.17 21.56
N GLY D 576 -20.33 40.31 21.71
CA GLY D 576 -21.57 40.67 22.40
C GLY D 576 -21.36 40.83 23.88
N SER D 577 -22.27 41.50 24.57
CA SER D 577 -22.02 41.78 25.99
C SER D 577 -22.13 40.55 26.86
N ILE D 578 -21.48 40.63 28.01
CA ILE D 578 -21.40 39.56 29.00
C ILE D 578 -21.84 40.07 30.40
N ARG D 579 -22.62 39.26 31.14
CA ARG D 579 -23.00 39.54 32.58
C ARG D 579 -22.29 38.63 33.58
N THR D 580 -21.44 39.26 34.40
CA THR D 580 -20.32 38.61 35.05
C THR D 580 -20.38 38.51 36.60
N HIS D 606 -19.77 33.89 35.83
CA HIS D 606 -20.68 34.02 34.67
C HIS D 606 -22.16 33.64 34.96
N ILE D 607 -23.06 34.45 34.43
CA ILE D 607 -24.48 34.39 34.78
C ILE D 607 -25.33 34.35 33.53
N SER D 608 -25.07 35.28 32.60
CA SER D 608 -25.82 35.38 31.37
C SER D 608 -25.13 36.31 30.33
N GLY D 609 -25.78 36.53 29.19
CA GLY D 609 -25.20 37.43 28.15
C GLY D 609 -26.00 37.47 26.86
N ALA D 610 -25.55 38.26 25.90
CA ALA D 610 -26.10 38.20 24.55
C ALA D 610 -26.09 36.76 23.97
N ASP D 611 -25.07 35.98 24.31
CA ASP D 611 -24.96 34.61 23.87
C ASP D 611 -25.06 34.55 22.35
N LEU D 612 -24.19 35.28 21.65
CA LEU D 612 -24.30 35.31 20.20
C LEU D 612 -23.78 34.01 19.65
N ASP D 613 -24.52 33.44 18.71
CA ASP D 613 -24.03 32.30 18.01
C ASP D 613 -23.50 32.82 16.68
N VAL D 614 -22.20 33.10 16.63
CA VAL D 614 -21.66 34.02 15.65
C VAL D 614 -21.89 33.48 14.22
N SER D 615 -21.80 32.17 14.07
CA SER D 615 -22.02 31.51 12.81
C SER D 615 -23.37 31.78 12.17
N TYR D 616 -24.34 32.18 12.96
CA TYR D 616 -25.68 32.40 12.45
C TYR D 616 -26.12 33.86 12.55
N LEU D 617 -25.16 34.78 12.69
CA LEU D 617 -25.52 36.20 12.69
C LEU D 617 -26.24 36.63 11.40
N GLY D 618 -26.00 35.92 10.34
CA GLY D 618 -26.76 36.06 9.13
C GLY D 618 -28.24 36.20 9.32
N LEU D 619 -28.80 35.37 10.20
CA LEU D 619 -30.27 35.35 10.41
C LEU D 619 -30.76 36.57 11.17
N THR D 620 -29.84 37.34 11.76
CA THR D 620 -30.19 38.52 12.54
C THR D 620 -30.12 39.80 11.68
N GLU D 621 -29.85 39.63 10.39
CA GLU D 621 -29.85 40.74 9.45
C GLU D 621 -31.26 41.08 8.98
N PHE D 622 -31.48 42.29 8.52
CA PHE D 622 -32.80 42.72 8.11
C PHE D 622 -33.26 41.90 6.93
N VAL D 623 -34.42 41.26 7.09
CA VAL D 623 -34.92 40.31 6.10
C VAL D 623 -35.20 41.09 4.84
N GLY D 624 -34.66 40.62 3.73
CA GLY D 624 -34.84 41.26 2.43
C GLY D 624 -34.06 42.56 2.24
N GLY D 625 -33.24 42.94 3.19
CA GLY D 625 -32.59 44.22 3.16
C GLY D 625 -33.52 45.38 3.48
N PHE D 626 -34.75 45.09 3.92
CA PHE D 626 -35.73 46.13 4.19
C PHE D 626 -35.61 46.61 5.61
N SER D 627 -35.74 47.92 5.81
CA SER D 627 -35.91 48.46 7.12
C SER D 627 -37.34 48.12 7.56
N PRO D 628 -37.55 47.77 8.84
CA PRO D 628 -38.90 47.57 9.31
C PRO D 628 -39.62 48.87 9.43
N ASP D 629 -40.95 48.85 9.31
CA ASP D 629 -41.80 49.98 9.64
C ASP D 629 -41.81 50.25 11.15
N ILE D 630 -41.85 49.16 11.95
CA ILE D 630 -41.83 49.24 13.41
C ILE D 630 -40.75 48.27 13.88
N MET D 631 -39.88 48.74 14.77
CA MET D 631 -38.80 47.94 15.29
C MET D 631 -38.95 47.88 16.80
N ILE D 632 -38.98 46.66 17.34
CA ILE D 632 -39.24 46.42 18.76
C ILE D 632 -38.11 45.62 19.34
N ILE D 633 -37.38 46.25 20.26
CA ILE D 633 -36.21 45.69 20.86
C ILE D 633 -36.27 45.98 22.37
N PRO D 634 -36.93 45.09 23.13
CA PRO D 634 -37.14 45.35 24.55
C PRO D 634 -35.83 45.53 25.29
N SER D 635 -35.86 46.38 26.30
CA SER D 635 -34.69 46.72 27.05
C SER D 635 -35.02 46.85 28.53
N GLU D 636 -34.00 46.70 29.36
CA GLU D 636 -34.16 47.01 30.76
C GLU D 636 -34.15 48.49 31.03
N LEU D 637 -33.83 49.31 30.03
CA LEU D 637 -33.99 50.77 30.18
C LEU D 637 -35.48 51.11 30.22
N GLN D 638 -35.78 52.33 30.64
CA GLN D 638 -37.15 52.83 30.65
C GLN D 638 -37.79 52.69 29.30
N HIS D 639 -39.08 52.40 29.33
CA HIS D 639 -39.88 52.24 28.14
C HIS D 639 -39.78 53.53 27.31
N PHE D 640 -39.93 53.40 26.00
CA PHE D 640 -39.86 54.51 25.08
C PHE D 640 -40.46 54.12 23.74
N ALA D 641 -41.00 55.14 23.04
CA ALA D 641 -41.39 55.00 21.64
C ALA D 641 -40.89 56.26 20.91
N ARG D 642 -40.16 56.08 19.83
CA ARG D 642 -39.52 57.16 19.11
C ARG D 642 -39.48 56.91 17.64
N VAL D 643 -39.68 57.97 16.85
CA VAL D 643 -39.49 57.93 15.40
C VAL D 643 -38.08 58.39 15.06
N VAL D 644 -37.37 57.56 14.33
CA VAL D 644 -35.99 57.77 13.95
C VAL D 644 -35.89 57.28 12.51
N GLN D 645 -35.51 58.18 11.60
CA GLN D 645 -35.35 57.85 10.18
C GLN D 645 -36.58 57.20 9.61
N ASN D 646 -37.74 57.73 9.97
CA ASN D 646 -39.03 57.16 9.55
C ASN D 646 -39.34 55.71 10.02
N VAL D 647 -38.70 55.27 11.08
CA VAL D 647 -38.98 53.97 11.68
C VAL D 647 -39.48 54.20 13.10
N VAL D 648 -40.59 53.56 13.44
CA VAL D 648 -41.12 53.63 14.81
C VAL D 648 -40.32 52.62 15.65
N VAL D 649 -39.59 53.12 16.67
CA VAL D 649 -38.79 52.26 17.50
C VAL D 649 -39.40 52.19 18.90
N ILE D 650 -39.68 50.97 19.36
CA ILE D 650 -40.45 50.75 20.59
C ILE D 650 -39.75 49.87 21.61
N ASN D 651 -39.59 50.37 22.83
CA ASN D 651 -39.24 49.57 23.99
C ASN D 651 -40.43 49.60 24.96
N PRO D 652 -41.11 48.46 25.11
CA PRO D 652 -42.30 48.46 25.96
C PRO D 652 -41.99 48.43 27.43
N GLY D 653 -40.76 48.14 27.78
CA GLY D 653 -40.40 48.00 29.18
C GLY D 653 -40.81 46.65 29.75
N ARG D 654 -40.30 46.33 30.92
CA ARG D 654 -40.66 45.07 31.58
C ARG D 654 -42.09 45.10 32.14
N PHE D 655 -42.82 44.02 31.95
CA PHE D 655 -44.24 43.96 32.31
C PHE D 655 -44.44 44.15 33.81
N ILE D 656 -43.56 43.57 34.61
CA ILE D 656 -43.58 43.79 36.06
C ILE D 656 -42.17 44.12 36.53
N ARG D 657 -42.07 44.93 37.54
CA ARG D 657 -40.78 45.21 38.13
C ARG D 657 -40.40 44.16 39.18
N ALA D 658 -39.10 44.02 39.41
CA ALA D 658 -38.54 43.01 40.30
C ALA D 658 -39.19 43.06 41.66
N THR D 659 -39.45 44.26 42.13
CA THR D 659 -40.08 44.45 43.45
C THR D 659 -41.55 44.03 43.49
N GLY D 660 -42.18 43.90 42.33
CA GLY D 660 -43.60 43.55 42.25
C GLY D 660 -44.53 44.72 41.91
N ASN D 661 -43.97 45.93 41.88
CA ASN D 661 -44.69 47.09 41.37
C ASN D 661 -44.99 46.98 39.88
N ARG D 662 -46.07 47.62 39.46
CA ARG D 662 -46.40 47.82 38.06
C ARG D 662 -45.22 48.15 37.18
N GLY D 663 -45.10 47.42 36.10
CA GLY D 663 -44.24 47.79 35.01
C GLY D 663 -45.05 48.49 33.93
N SER D 664 -44.86 48.08 32.68
CA SER D 664 -45.48 48.78 31.55
C SER D 664 -45.68 47.83 30.37
N TYR D 665 -46.43 48.33 29.38
CA TYR D 665 -46.54 47.69 28.09
C TYR D 665 -46.82 48.75 27.02
N ALA D 666 -46.77 48.37 25.77
CA ALA D 666 -46.95 49.29 24.69
C ALA D 666 -48.22 48.97 23.95
N GLN D 667 -48.99 50.03 23.62
CA GLN D 667 -50.11 49.93 22.75
C GLN D 667 -49.84 50.70 21.46
N ILE D 668 -50.02 50.02 20.32
CA ILE D 668 -49.82 50.60 19.01
C ILE D 668 -51.16 50.66 18.33
N THR D 669 -51.60 51.88 18.00
CA THR D 669 -52.83 52.11 17.26
C THR D 669 -52.50 52.81 15.91
N VAL D 670 -52.84 52.14 14.81
CA VAL D 670 -52.48 52.63 13.50
C VAL D 670 -53.72 52.90 12.67
N GLN D 671 -53.82 54.13 12.15
CA GLN D 671 -54.93 54.48 11.28
C GLN D 671 -54.97 53.54 10.10
N CYS D 672 -56.18 53.20 9.73
CA CYS D 672 -56.43 52.31 8.64
C CYS D 672 -55.93 52.94 7.32
N VAL D 689 -46.54 51.38 -6.62
CA VAL D 689 -46.50 50.86 -5.24
C VAL D 689 -46.44 52.00 -4.23
N TYR D 690 -46.72 51.71 -2.97
CA TYR D 690 -46.89 52.76 -1.95
C TYR D 690 -46.03 52.52 -0.71
N LEU D 691 -45.37 53.57 -0.23
CA LEU D 691 -44.72 53.52 1.07
C LEU D 691 -45.79 53.59 2.15
N HIS D 692 -45.78 52.60 3.03
CA HIS D 692 -46.55 52.66 4.26
C HIS D 692 -45.91 53.84 4.93
N ASN D 693 -46.63 54.67 5.63
CA ASN D 693 -45.89 55.73 6.30
C ASN D 693 -46.30 55.56 7.70
N VAL D 694 -45.85 54.46 8.30
CA VAL D 694 -46.47 54.03 9.53
C VAL D 694 -46.29 55.09 10.58
N TRP D 695 -45.11 55.70 10.56
CA TRP D 695 -44.78 56.79 11.46
C TRP D 695 -45.77 57.92 11.44
N LYS D 696 -46.40 58.18 10.30
CA LYS D 696 -47.40 59.23 10.18
C LYS D 696 -48.78 58.80 10.65
N ARG D 697 -49.01 57.50 10.73
CA ARG D 697 -50.34 56.94 11.00
C ARG D 697 -50.44 56.20 12.35
N ALA D 698 -49.32 56.01 13.03
CA ALA D 698 -49.27 55.18 14.21
C ALA D 698 -49.20 56.03 15.44
N ARG D 699 -49.94 55.67 16.48
CA ARG D 699 -49.77 56.25 17.79
C ARG D 699 -49.34 55.14 18.76
N VAL D 700 -48.29 55.40 19.53
CA VAL D 700 -47.77 54.45 20.51
C VAL D 700 -47.92 54.98 21.94
N ASP D 701 -48.70 54.29 22.77
CA ASP D 701 -48.84 54.67 24.17
C ASP D 701 -48.09 53.67 25.01
N LEU D 702 -47.44 54.19 26.05
CA LEU D 702 -46.74 53.37 27.02
C LEU D 702 -47.53 53.41 28.28
N ILE D 703 -48.14 52.29 28.62
CA ILE D 703 -49.19 52.24 29.61
C ILE D 703 -48.70 51.46 30.83
N ALA D 704 -49.00 51.98 32.02
CA ALA D 704 -48.70 51.27 33.28
C ALA D 704 -49.53 49.98 33.28
N SER D 705 -48.87 48.86 33.54
CA SER D 705 -49.49 47.58 33.35
C SER D 705 -50.41 47.31 34.53
FE1 SF4 E . -5.46 -6.03 18.86
FE2 SF4 E . -8.03 -5.12 19.13
FE3 SF4 E . -6.41 -5.27 21.29
FE4 SF4 E . -7.33 -7.53 20.18
S1 SF4 E . -8.65 -5.88 21.21
S2 SF4 E . -5.15 -7.20 20.84
S3 SF4 E . -7.36 -7.02 17.90
S4 SF4 E . -6.11 -3.86 19.53
#